data_9C58
#
_entry.id   9C58
#
loop_
_entity.id
_entity.type
_entity.pdbx_description
1 polymer 'AP-3 complex subunit delta-1'
2 polymer 'AP-3 complex subunit beta-1'
3 polymer 'AP-3 complex subunit mu-1'
4 polymer 'AP-3 complex subunit sigma-1'
5 polymer 'ADP-ribosylation factor 1'
6 non-polymer 'MAGNESIUM ION'
7 non-polymer "GUANOSINE-5'-TRIPHOSPHATE"
#
loop_
_entity_poly.entity_id
_entity_poly.type
_entity_poly.pdbx_seq_one_letter_code
_entity_poly.pdbx_strand_id
1 'polypeptide(L)'
;MALKMVKGSIDRMFDKNLQDLVRGIRNHKEDEAKYISQCIDEIKQELKQDNIAVKANAVCKLTYLQMLGYDISWAAFNII
EVMSASKFTFKRIGYLAASQSFHEGTDVIMLTTNQIRKDLSSPSQYDTGVALTGLSCFVTPDLARDLANDIMTLMSHTKP
YIRKKAVLIMYKVFLKYPESLRPAFPRLKEKLEDPDPGVQSAAVNVICELARRNPKNYLSLAPLFFKLMTSSTNNWVLIK
IIKLFGALTPLEPRLGKKLIEPLTNLIHSTSAMSLLYECVNTVIAVLISLSSGMPNHSASIQLCVQKLRILIEDSDQNLK
YLGLLAMSKILKTHPKSVQSHKDLILQCLDDKDESIRLRALDLLYGMVSKKNLMEIVKKLMTHVDKAEGTTYRDELLTKI
IDICSQSNYQYITNFEWYISILVELTRLEGTRHGHLIAAQMLDVAIRVKAIRKFAVSQMSALLDSAHLLASSTQRNGICE
VLYAAAWICGEFSEHLQEPHHTLEAMLRPRVTTLPGHIQAVYVQNVVKLYASILQQKEQAGEAEGAQAVTQLMVDRLPQF
VQSADLEVQERASCILQLVKHIQKLQAKDVPVAEEVSALFAGELNPVAPKAQKKVPV
;
D
2 'polypeptide(L)'
;MSSNSFPYNEQSGGGEATELGQEATSTISPSGAFGLFSSDLKKNEDLKQMLESNKDSAKLDAMKRIVGMIAKGKNASELF
PAVVKNVASKNIEIKKLVYVYLVRYAEEQQDLALLSISTFQRALKDPNQLIRASALRVLSSIRVPIIVPIMMLAIKEASA
DLSPYVRKNAAHAIQKLYSLDPEQKEMLIEVIEKLLKDKSTLVAGSVVMAFEEVCPDRIDLIHKNYRKLCNLLVDVEEWG
QVVIIHMLTRYARTQFVSPWKEGDELEDNGKNFYESDDDQKEKTDKKKKPYTMDPDHRLLIRNTKPLLQSRNAAVVMAVA
QLYWHISPKSEAGIISKSLVRLLRSNREVQYIVLQNIATMSIQRKGMFEPYLKSFYVRSTDPTMIKTLKLEILTNLANEA
NISTLLREFQTYVKSQDKQFAAATIQTIGRCATNILEVTDTCLNGLVCLLSNRDEIVVAESVVVIKKLLQMQPAQHGEII
KHMAKLLDSITVPVARASILWLIGENCERVPKIAPDVLRKMAKSFTSEDDLVKLQILNLGAKLYLTNSKQTKLLTQYILN
LGKYDQNYDIRDRTRFIRQLIVPNVKSGALSKYAKKIFLAQKPAPLLESPFKDRDHFQLGTLSHTLNIKATGYLELSNWP
EVAPDPSVRNVEVIELAKEWTPAGKAKQENSAKKFYS
;
B
3 'polypeptide(L)'
;MIHSLFLINCSGDIFLEKHWKSVVSQSVCDYFFEAQEKAADVENVPPVISTPHHYLISIYRDKLFFVSVIQTEVPPLFVI
EFLHRVADTFQDYFGECSEAAIKDNVVIVYELLEEMLDNGFPLATESNILKELIKPPTILRSVVNSITGSSNVGDTLPTG
QLSNIPWRRAGVKYTNNEAYFDVVEEIDAIIDKSGSTVFAEIQGVIDACIKLSGMPDLSLSFMNPRLLDDVSFHPCIRFK
RWESERVLSFIPPDGNFRLISYRVSSQNLVAIPVYVKHSISFKENSSCGRFDITIGPKQNMGKTIEGITVTVHMPKVVLN
MNLTPTQGSYTFDPVTKVLTWDVGKITPQKLPSLKGLVNLQSGAPKPEENPSLNIQFKIQQLAISGLKVNRLDMYGEKYK
PFKGVKYVTKAGKFQVRT
;
M
4 'polypeptide(L)'
;MIKAILIFNNHGKPRLSKFYQPYSEDTQQQIIRETFHLVSKRDENVCNFLEGGLLIGGSDNKLIYRHYATLYFVFCVDSS
ESELGILDLIQVFVETLDKCFENVCELDLIFHVDKVHNILAEMVMGGMVLETNMNEIVTQIDAQNKLEKSEAGLAGAPAR
AVSAVKNMNLPEIPRNINIGDISIKVPNLPSFK
;
S
5 'polypeptide(L)'
;GNIFANLFKGLFGKKEMRILMVGLDAAGKTTILYKLKLGEIVTTIPTIGFNVETVEYKNISFTVWDVGGLDKIRPLWRHY
FQNTQGLIFVVDSNDRERVNEAREELMRMLAEDELRDAVLLVFANKQDLPNAMNAAEITDKLGLHSLRHRNWYIQATCAT
SGDGLYEGLDWLSNQLRNQKSL
;
A
#
loop_
_chem_comp.id
_chem_comp.type
_chem_comp.name
_chem_comp.formula
GTP non-polymer GUANOSINE-5'-TRIPHOSPHATE 'C10 H16 N5 O14 P3'
MG non-polymer 'MAGNESIUM ION' 'Mg 2'
#
# COMPACT_ATOMS: atom_id res chain seq x y z
N LEU A 18 11.79 -37.49 -10.57
CA LEU A 18 11.17 -36.25 -10.16
C LEU A 18 11.78 -35.70 -8.88
N GLN A 19 12.00 -36.59 -7.90
CA GLN A 19 12.53 -36.14 -6.62
C GLN A 19 13.95 -35.63 -6.75
N ASP A 20 14.75 -36.23 -7.62
CA ASP A 20 16.10 -35.75 -7.85
C ASP A 20 16.10 -34.33 -8.39
N LEU A 21 15.14 -34.00 -9.26
CA LEU A 21 15.02 -32.63 -9.75
C LEU A 21 14.75 -31.67 -8.60
N VAL A 22 13.88 -32.06 -7.67
CA VAL A 22 13.57 -31.21 -6.53
C VAL A 22 14.81 -30.99 -5.67
N ARG A 23 15.57 -32.07 -5.43
CA ARG A 23 16.79 -31.93 -4.65
C ARG A 23 17.79 -31.00 -5.35
N GLY A 24 17.95 -31.16 -6.66
CA GLY A 24 18.88 -30.32 -7.40
C GLY A 24 18.49 -28.85 -7.40
N ILE A 25 17.18 -28.58 -7.55
CA ILE A 25 16.71 -27.20 -7.50
C ILE A 25 16.92 -26.60 -6.11
N ARG A 26 16.68 -27.41 -5.07
CA ARG A 26 16.95 -26.95 -3.71
C ARG A 26 18.43 -26.64 -3.53
N ASN A 27 19.30 -27.46 -4.10
CA ASN A 27 20.74 -27.19 -4.02
C ASN A 27 21.12 -25.98 -4.88
N HIS A 28 20.56 -25.87 -6.09
CA HIS A 28 20.88 -24.78 -6.99
C HIS A 28 19.86 -23.64 -6.79
N LYS A 29 20.08 -22.87 -5.73
CA LYS A 29 19.19 -21.77 -5.41
C LYS A 29 19.47 -20.57 -6.32
N GLU A 30 20.66 -20.00 -6.22
CA GLU A 30 21.05 -18.89 -7.09
C GLU A 30 21.41 -19.35 -8.50
N ASP A 31 21.77 -20.62 -8.67
CA ASP A 31 22.08 -21.18 -9.98
C ASP A 31 20.92 -21.95 -10.55
N GLU A 32 19.69 -21.51 -10.28
CA GLU A 32 18.51 -22.26 -10.72
C GLU A 32 18.39 -22.25 -12.24
N ALA A 33 18.73 -21.13 -12.88
CA ALA A 33 18.51 -20.99 -14.33
C ALA A 33 19.35 -21.99 -15.11
N LYS A 34 20.66 -22.04 -14.84
CA LYS A 34 21.54 -22.93 -15.60
C LYS A 34 21.21 -24.40 -15.32
N TYR A 35 20.95 -24.73 -14.06
CA TYR A 35 20.64 -26.11 -13.72
C TYR A 35 19.32 -26.55 -14.36
N ILE A 36 18.34 -25.64 -14.39
CA ILE A 36 17.06 -25.97 -15.01
C ILE A 36 17.22 -26.11 -16.52
N SER A 37 18.05 -25.28 -17.14
CA SER A 37 18.32 -25.45 -18.57
C SER A 37 18.97 -26.78 -18.87
N GLN A 38 19.96 -27.18 -18.04
CA GLN A 38 20.59 -28.48 -18.23
C GLN A 38 19.59 -29.61 -18.03
N CYS A 39 18.73 -29.49 -17.03
CA CYS A 39 17.71 -30.51 -16.81
C CYS A 39 16.70 -30.55 -17.95
N ILE A 40 16.43 -29.40 -18.56
CA ILE A 40 15.54 -29.36 -19.72
C ILE A 40 16.16 -30.09 -20.89
N ASP A 41 17.47 -29.89 -21.10
CA ASP A 41 18.17 -30.63 -22.14
C ASP A 41 18.15 -32.13 -21.85
N GLU A 42 18.34 -32.51 -20.58
CA GLU A 42 18.27 -33.92 -20.20
C GLU A 42 16.88 -34.49 -20.45
N ILE A 43 15.84 -33.70 -20.16
CA ILE A 43 14.47 -34.13 -20.42
C ILE A 43 14.24 -34.30 -21.92
N LYS A 44 14.78 -33.38 -22.72
CA LYS A 44 14.69 -33.52 -24.17
C LYS A 44 15.32 -34.83 -24.63
N GLN A 45 16.49 -35.16 -24.08
CA GLN A 45 17.15 -36.41 -24.43
C GLN A 45 16.32 -37.62 -23.99
N GLU A 46 15.73 -37.55 -22.79
CA GLU A 46 15.06 -38.70 -22.21
C GLU A 46 13.72 -38.97 -22.90
N LEU A 47 13.02 -37.91 -23.30
CA LEU A 47 11.68 -38.06 -23.88
C LEU A 47 11.69 -38.70 -25.26
N LYS A 48 12.84 -38.78 -25.91
CA LYS A 48 12.95 -39.43 -27.22
C LYS A 48 13.51 -40.84 -27.10
N GLN A 49 13.62 -41.37 -25.89
CA GLN A 49 14.06 -42.73 -25.66
C GLN A 49 12.90 -43.71 -25.89
N ASP A 50 13.26 -44.98 -26.06
CA ASP A 50 12.25 -46.00 -26.30
C ASP A 50 11.50 -46.37 -25.03
N ASN A 51 12.18 -46.33 -23.87
CA ASN A 51 11.56 -46.72 -22.61
C ASN A 51 10.56 -45.66 -22.18
N ILE A 52 9.37 -46.09 -21.75
CA ILE A 52 8.35 -45.15 -21.33
C ILE A 52 8.62 -44.65 -19.90
N ALA A 53 9.36 -45.43 -19.11
CA ALA A 53 9.61 -45.05 -17.73
C ALA A 53 10.45 -43.78 -17.62
N VAL A 54 11.54 -43.70 -18.38
CA VAL A 54 12.42 -42.54 -18.28
C VAL A 54 11.75 -41.29 -18.83
N LYS A 55 11.00 -41.44 -19.94
CA LYS A 55 10.29 -40.29 -20.48
C LYS A 55 9.18 -39.84 -19.55
N ALA A 56 8.56 -40.78 -18.82
CA ALA A 56 7.52 -40.39 -17.87
C ALA A 56 8.12 -39.70 -16.64
N ASN A 57 9.32 -40.12 -16.23
CA ASN A 57 10.01 -39.38 -15.18
C ASN A 57 10.36 -37.97 -15.65
N ALA A 58 10.78 -37.85 -16.92
CA ALA A 58 10.99 -36.52 -17.49
C ALA A 58 9.69 -35.74 -17.53
N VAL A 59 8.56 -36.42 -17.71
CA VAL A 59 7.25 -35.78 -17.67
C VAL A 59 6.95 -35.26 -16.28
N CYS A 60 7.28 -36.04 -15.25
CA CYS A 60 7.18 -35.55 -13.87
C CYS A 60 7.99 -34.29 -13.68
N LYS A 61 9.24 -34.31 -14.15
CA LYS A 61 10.09 -33.13 -14.02
C LYS A 61 9.53 -31.95 -14.81
N LEU A 62 8.90 -32.22 -15.95
CA LEU A 62 8.29 -31.14 -16.74
C LEU A 62 7.11 -30.53 -16.00
N THR A 63 6.30 -31.36 -15.35
CA THR A 63 5.20 -30.82 -14.55
C THR A 63 5.73 -29.96 -13.41
N TYR A 64 6.82 -30.41 -12.77
CA TYR A 64 7.44 -29.59 -11.73
C TYR A 64 7.96 -28.28 -12.29
N LEU A 65 8.56 -28.32 -13.49
CA LEU A 65 9.05 -27.10 -14.12
C LEU A 65 7.90 -26.14 -14.43
N GLN A 66 6.78 -26.67 -14.93
CA GLN A 66 5.61 -25.83 -15.14
C GLN A 66 5.15 -25.21 -13.83
N MET A 67 5.18 -25.99 -12.75
CA MET A 67 4.94 -25.43 -11.43
C MET A 67 5.88 -24.26 -11.14
N LEU A 68 7.14 -24.40 -11.54
CA LEU A 68 8.10 -23.31 -11.33
C LEU A 68 7.90 -22.18 -12.33
N GLY A 69 7.35 -22.47 -13.51
CA GLY A 69 7.11 -21.42 -14.48
C GLY A 69 7.87 -21.55 -15.78
N TYR A 70 8.13 -22.78 -16.23
CA TYR A 70 8.81 -23.04 -17.49
C TYR A 70 7.84 -23.65 -18.49
N ASP A 71 8.06 -23.36 -19.78
CA ASP A 71 7.18 -23.80 -20.85
C ASP A 71 7.27 -25.32 -20.99
N ILE A 72 6.13 -25.98 -20.78
CA ILE A 72 6.03 -27.43 -20.86
C ILE A 72 5.51 -27.83 -22.24
N SER A 73 4.97 -26.85 -22.98
CA SER A 73 4.29 -27.16 -24.23
C SER A 73 5.21 -27.70 -25.32
N TRP A 74 6.52 -27.58 -25.14
CA TRP A 74 7.45 -28.08 -26.15
C TRP A 74 7.44 -29.60 -26.25
N ALA A 75 6.85 -30.30 -25.28
CA ALA A 75 6.86 -31.76 -25.25
C ALA A 75 5.45 -32.33 -25.23
N ALA A 76 4.54 -31.72 -26.00
CA ALA A 76 3.18 -32.23 -26.07
C ALA A 76 3.15 -33.63 -26.69
N PHE A 77 3.89 -33.82 -27.78
CA PHE A 77 3.97 -35.14 -28.39
C PHE A 77 4.63 -36.16 -27.47
N ASN A 78 5.62 -35.75 -26.70
CA ASN A 78 6.22 -36.65 -25.71
C ASN A 78 5.24 -37.04 -24.63
N ILE A 79 4.42 -36.10 -24.15
CA ILE A 79 3.37 -36.43 -23.20
C ILE A 79 2.39 -37.43 -23.81
N ILE A 80 2.02 -37.21 -25.07
CA ILE A 80 1.15 -38.15 -25.77
C ILE A 80 1.79 -39.54 -25.83
N GLU A 81 3.09 -39.58 -26.10
CA GLU A 81 3.80 -40.86 -26.10
C GLU A 81 3.75 -41.53 -24.74
N VAL A 82 3.92 -40.74 -23.67
CA VAL A 82 3.91 -41.29 -22.32
C VAL A 82 2.54 -41.87 -21.99
N MET A 83 1.48 -41.14 -22.29
CA MET A 83 0.15 -41.60 -21.90
C MET A 83 -0.29 -42.79 -22.74
N SER A 84 0.38 -43.03 -23.87
CA SER A 84 0.07 -44.19 -24.70
C SER A 84 0.42 -45.51 -24.02
N ALA A 85 1.18 -45.47 -22.92
CA ALA A 85 1.57 -46.69 -22.23
C ALA A 85 0.35 -47.43 -21.70
N SER A 86 0.43 -48.77 -21.72
CA SER A 86 -0.66 -49.59 -21.21
C SER A 86 -0.72 -49.55 -19.68
N LYS A 87 0.37 -49.22 -19.01
CA LYS A 87 0.41 -49.23 -17.55
C LYS A 87 -0.17 -47.96 -16.98
N PHE A 88 -1.11 -48.12 -16.04
CA PHE A 88 -1.74 -46.98 -15.38
C PHE A 88 -0.74 -46.14 -14.60
N THR A 89 0.30 -46.79 -14.05
CA THR A 89 1.30 -46.08 -13.26
C THR A 89 1.92 -44.94 -14.05
N PHE A 90 1.96 -45.07 -15.37
CA PHE A 90 2.51 -44.04 -16.22
C PHE A 90 1.40 -43.22 -16.87
N LYS A 91 0.22 -43.83 -17.01
CA LYS A 91 -0.94 -43.11 -17.50
C LYS A 91 -1.27 -41.93 -16.60
N ARG A 92 -1.19 -42.12 -15.28
CA ARG A 92 -1.53 -41.03 -14.37
C ARG A 92 -0.57 -39.85 -14.54
N ILE A 93 0.72 -40.10 -14.64
CA ILE A 93 1.69 -39.03 -14.84
C ILE A 93 1.45 -38.32 -16.16
N GLY A 94 1.26 -39.11 -17.22
CA GLY A 94 1.03 -38.51 -18.53
C GLY A 94 -0.20 -37.63 -18.54
N TYR A 95 -1.31 -38.12 -17.96
CA TYR A 95 -2.54 -37.36 -17.99
C TYR A 95 -2.48 -36.15 -17.06
N LEU A 96 -1.72 -36.23 -15.97
CA LEU A 96 -1.52 -35.06 -15.13
C LEU A 96 -0.78 -33.97 -15.90
N ALA A 97 0.35 -34.32 -16.50
CA ALA A 97 1.11 -33.31 -17.25
C ALA A 97 0.33 -32.83 -18.46
N ALA A 98 -0.57 -33.66 -18.98
CA ALA A 98 -1.38 -33.27 -20.11
C ALA A 98 -2.49 -32.30 -19.68
N SER A 99 -3.06 -32.52 -18.50
CA SER A 99 -4.01 -31.57 -17.95
C SER A 99 -3.34 -30.23 -17.70
N GLN A 100 -2.11 -30.25 -17.22
CA GLN A 100 -1.38 -29.02 -16.94
C GLN A 100 -0.71 -28.41 -18.16
N SER A 101 -0.65 -29.12 -19.29
CA SER A 101 0.19 -28.71 -20.40
C SER A 101 -0.58 -28.26 -21.63
N PHE A 102 -1.53 -29.06 -22.12
CA PHE A 102 -2.21 -28.73 -23.37
C PHE A 102 -3.08 -27.49 -23.22
N HIS A 103 -3.23 -26.76 -24.33
CA HIS A 103 -4.06 -25.57 -24.39
C HIS A 103 -4.79 -25.56 -25.72
N GLU A 104 -5.68 -24.57 -25.89
CA GLU A 104 -6.43 -24.45 -27.13
C GLU A 104 -5.55 -24.07 -28.30
N GLY A 105 -4.40 -23.44 -28.05
CA GLY A 105 -3.48 -23.04 -29.09
C GLY A 105 -2.45 -24.08 -29.47
N THR A 106 -2.56 -25.30 -28.95
CA THR A 106 -1.63 -26.38 -29.26
C THR A 106 -2.41 -27.44 -30.04
N ASP A 107 -2.13 -27.52 -31.35
CA ASP A 107 -2.82 -28.47 -32.20
C ASP A 107 -2.34 -29.90 -31.99
N VAL A 108 -1.24 -30.08 -31.25
CA VAL A 108 -0.71 -31.42 -30.97
C VAL A 108 -1.74 -32.27 -30.23
N ILE A 109 -2.71 -31.62 -29.57
CA ILE A 109 -3.76 -32.35 -28.85
C ILE A 109 -4.61 -33.20 -29.80
N MET A 110 -4.56 -32.91 -31.11
CA MET A 110 -5.23 -33.77 -32.06
C MET A 110 -4.60 -35.16 -32.15
N LEU A 111 -3.37 -35.31 -31.67
CA LEU A 111 -2.73 -36.63 -31.65
C LEU A 111 -3.19 -37.46 -30.46
N THR A 112 -3.97 -36.88 -29.56
CA THR A 112 -4.38 -37.58 -28.33
C THR A 112 -5.57 -38.50 -28.55
N THR A 113 -6.28 -38.36 -29.67
CA THR A 113 -7.62 -38.93 -29.82
C THR A 113 -7.64 -40.45 -29.69
N ASN A 114 -6.66 -41.14 -30.27
CA ASN A 114 -6.65 -42.60 -30.21
C ASN A 114 -6.56 -43.09 -28.77
N GLN A 115 -5.58 -42.59 -28.00
CA GLN A 115 -5.43 -42.98 -26.61
C GLN A 115 -6.64 -42.56 -25.78
N ILE A 116 -7.18 -41.36 -26.06
CA ILE A 116 -8.33 -40.87 -25.31
C ILE A 116 -9.52 -41.80 -25.50
N ARG A 117 -9.79 -42.19 -26.76
CA ARG A 117 -10.88 -43.10 -27.03
C ARG A 117 -10.63 -44.48 -26.43
N LYS A 118 -9.39 -44.96 -26.49
CA LYS A 118 -9.08 -46.27 -25.93
C LYS A 118 -9.38 -46.30 -24.43
N ASP A 119 -8.96 -45.26 -23.71
CA ASP A 119 -9.19 -45.25 -22.26
C ASP A 119 -10.63 -44.86 -21.93
N LEU A 120 -11.31 -44.18 -22.84
CA LEU A 120 -12.69 -43.79 -22.60
C LEU A 120 -13.64 -44.96 -22.77
N SER A 121 -13.39 -45.81 -23.76
CA SER A 121 -14.27 -46.94 -24.03
C SER A 121 -13.90 -48.19 -23.25
N SER A 122 -12.72 -48.21 -22.62
CA SER A 122 -12.32 -49.38 -21.85
C SER A 122 -13.22 -49.53 -20.63
N PRO A 123 -13.56 -50.76 -20.23
CA PRO A 123 -14.45 -50.94 -19.08
C PRO A 123 -13.75 -50.76 -17.73
N SER A 124 -12.43 -50.62 -17.70
CA SER A 124 -11.71 -50.50 -16.44
C SER A 124 -12.11 -49.22 -15.71
N GLN A 125 -12.19 -49.29 -14.38
CA GLN A 125 -12.61 -48.13 -13.60
C GLN A 125 -11.48 -47.11 -13.47
N TYR A 126 -10.32 -47.56 -13.01
CA TYR A 126 -9.23 -46.65 -12.67
C TYR A 126 -8.63 -45.96 -13.88
N ASP A 127 -8.41 -46.71 -14.97
CA ASP A 127 -7.90 -46.09 -16.18
C ASP A 127 -8.88 -45.07 -16.73
N THR A 128 -10.18 -45.39 -16.70
CA THR A 128 -11.19 -44.43 -17.12
C THR A 128 -11.16 -43.19 -16.24
N GLY A 129 -11.00 -43.38 -14.93
CA GLY A 129 -10.94 -42.23 -14.04
C GLY A 129 -9.76 -41.33 -14.34
N VAL A 130 -8.59 -41.91 -14.53
CA VAL A 130 -7.40 -41.14 -14.88
C VAL A 130 -7.59 -40.44 -16.22
N ALA A 131 -8.19 -41.13 -17.19
CA ALA A 131 -8.41 -40.55 -18.51
C ALA A 131 -9.35 -39.37 -18.42
N LEU A 132 -10.41 -39.48 -17.63
CA LEU A 132 -11.38 -38.40 -17.54
C LEU A 132 -10.80 -37.23 -16.75
N THR A 133 -9.94 -37.53 -15.77
CA THR A 133 -9.19 -36.48 -15.08
C THR A 133 -8.31 -35.71 -16.04
N GLY A 134 -7.63 -36.42 -16.95
CA GLY A 134 -6.89 -35.74 -18.00
C GLY A 134 -7.80 -34.92 -18.90
N LEU A 135 -8.95 -35.49 -19.24
CA LEU A 135 -9.89 -34.81 -20.15
C LEU A 135 -10.46 -33.56 -19.52
N SER A 136 -10.39 -33.45 -18.19
CA SER A 136 -10.89 -32.24 -17.52
C SER A 136 -10.22 -30.97 -18.03
N CYS A 137 -9.03 -31.06 -18.60
CA CYS A 137 -8.33 -29.89 -19.13
C CYS A 137 -8.09 -29.94 -20.64
N PHE A 138 -8.64 -30.93 -21.36
CA PHE A 138 -8.55 -30.98 -22.81
C PHE A 138 -9.79 -30.41 -23.47
N VAL A 139 -10.60 -29.67 -22.72
CA VAL A 139 -11.98 -29.47 -23.11
C VAL A 139 -12.02 -28.37 -24.18
N THR A 140 -11.89 -28.80 -25.43
CA THR A 140 -11.91 -27.97 -26.62
C THR A 140 -13.16 -28.28 -27.45
N PRO A 141 -13.62 -27.33 -28.26
CA PRO A 141 -14.82 -27.61 -29.08
C PRO A 141 -14.68 -28.83 -29.97
N ASP A 142 -13.52 -29.05 -30.58
CA ASP A 142 -13.35 -30.20 -31.46
C ASP A 142 -13.39 -31.52 -30.69
N LEU A 143 -12.63 -31.62 -29.60
CA LEU A 143 -12.66 -32.84 -28.82
C LEU A 143 -14.01 -33.08 -28.17
N ALA A 144 -14.71 -32.00 -27.78
CA ALA A 144 -16.07 -32.14 -27.28
C ALA A 144 -16.98 -32.71 -28.37
N ARG A 145 -16.91 -32.15 -29.57
CA ARG A 145 -17.68 -32.66 -30.69
C ARG A 145 -17.37 -34.12 -31.00
N ASP A 146 -16.13 -34.55 -30.79
CA ASP A 146 -15.71 -35.90 -31.13
C ASP A 146 -15.91 -36.91 -30.00
N LEU A 147 -16.13 -36.45 -28.76
CA LEU A 147 -16.25 -37.37 -27.63
C LEU A 147 -17.57 -37.27 -26.89
N ALA A 148 -18.47 -36.36 -27.28
CA ALA A 148 -19.78 -36.28 -26.64
C ALA A 148 -20.56 -37.58 -26.83
N ASN A 149 -20.50 -38.17 -28.02
CA ASN A 149 -21.25 -39.40 -28.27
C ASN A 149 -20.81 -40.51 -27.32
N ASP A 150 -19.51 -40.59 -27.01
CA ASP A 150 -19.03 -41.61 -26.11
C ASP A 150 -19.35 -41.28 -24.65
N ILE A 151 -19.25 -40.01 -24.25
CA ILE A 151 -19.52 -39.70 -22.86
C ILE A 151 -21.00 -39.90 -22.55
N MET A 152 -21.88 -39.69 -23.54
CA MET A 152 -23.30 -39.89 -23.29
C MET A 152 -23.65 -41.36 -23.16
N THR A 153 -22.89 -42.23 -23.83
CA THR A 153 -22.99 -43.65 -23.54
C THR A 153 -22.48 -43.95 -22.12
N LEU A 154 -21.39 -43.30 -21.73
CA LEU A 154 -20.81 -43.57 -20.42
C LEU A 154 -21.63 -43.01 -19.27
N MET A 155 -22.56 -42.09 -19.55
CA MET A 155 -23.35 -41.49 -18.49
C MET A 155 -24.03 -42.54 -17.60
N SER A 156 -24.60 -43.57 -18.21
CA SER A 156 -25.26 -44.63 -17.45
C SER A 156 -24.35 -45.84 -17.25
N HIS A 157 -23.04 -45.61 -17.08
CA HIS A 157 -22.11 -46.71 -16.90
C HIS A 157 -22.42 -47.46 -15.62
N THR A 158 -22.09 -48.76 -15.61
CA THR A 158 -22.43 -49.65 -14.50
C THR A 158 -21.80 -49.17 -13.20
N LYS A 159 -20.53 -48.80 -13.24
CA LYS A 159 -19.81 -48.37 -12.05
C LYS A 159 -20.20 -46.96 -11.65
N PRO A 160 -20.42 -46.70 -10.36
CA PRO A 160 -20.84 -45.37 -9.92
C PRO A 160 -19.74 -44.31 -9.98
N TYR A 161 -18.51 -44.71 -9.62
CA TYR A 161 -17.39 -43.76 -9.59
C TYR A 161 -17.12 -43.19 -10.98
N ILE A 162 -17.23 -44.03 -12.00
CA ILE A 162 -17.09 -43.58 -13.38
C ILE A 162 -18.14 -42.53 -13.69
N ARG A 163 -19.39 -42.77 -13.26
CA ARG A 163 -20.45 -41.78 -13.46
C ARG A 163 -20.12 -40.50 -12.72
N LYS A 164 -19.54 -40.61 -11.53
CA LYS A 164 -19.25 -39.43 -10.72
C LYS A 164 -18.26 -38.52 -11.43
N LYS A 165 -17.18 -39.08 -11.99
CA LYS A 165 -16.28 -38.23 -12.77
C LYS A 165 -16.91 -37.79 -14.08
N ALA A 166 -17.73 -38.67 -14.67
CA ALA A 166 -18.27 -38.40 -15.98
C ALA A 166 -19.23 -37.22 -15.96
N VAL A 167 -19.95 -37.03 -14.86
CA VAL A 167 -20.94 -35.96 -14.85
C VAL A 167 -20.24 -34.61 -14.90
N LEU A 168 -19.11 -34.47 -14.22
CA LEU A 168 -18.31 -33.25 -14.36
C LEU A 168 -17.74 -33.12 -15.77
N ILE A 169 -17.30 -34.24 -16.35
CA ILE A 169 -16.75 -34.12 -17.71
C ILE A 169 -17.83 -33.72 -18.71
N MET A 170 -19.05 -34.26 -18.60
CA MET A 170 -20.08 -33.74 -19.47
C MET A 170 -20.40 -32.29 -19.15
N TYR A 171 -20.26 -31.85 -17.90
CA TYR A 171 -20.38 -30.41 -17.64
C TYR A 171 -19.40 -29.60 -18.49
N LYS A 172 -18.14 -30.03 -18.51
CA LYS A 172 -17.17 -29.38 -19.39
C LYS A 172 -17.64 -29.41 -20.85
N VAL A 173 -18.21 -30.54 -21.26
CA VAL A 173 -18.72 -30.64 -22.63
C VAL A 173 -19.87 -29.68 -22.87
N PHE A 174 -20.78 -29.54 -21.90
CA PHE A 174 -21.84 -28.54 -21.97
C PHE A 174 -21.26 -27.15 -22.16
N LEU A 175 -20.17 -26.85 -21.47
CA LEU A 175 -19.44 -25.60 -21.69
C LEU A 175 -18.94 -25.46 -23.11
N LYS A 176 -18.38 -26.52 -23.69
CA LYS A 176 -17.76 -26.42 -25.01
C LYS A 176 -18.58 -27.00 -26.16
N TYR A 177 -19.77 -27.55 -25.91
CA TYR A 177 -20.59 -28.16 -26.96
C TYR A 177 -22.04 -28.30 -26.49
N PRO A 178 -22.83 -27.23 -26.64
CA PRO A 178 -24.24 -27.31 -26.21
C PRO A 178 -25.14 -28.11 -27.15
N GLU A 179 -24.65 -28.45 -28.34
CA GLU A 179 -25.46 -29.28 -29.23
C GLU A 179 -25.78 -30.62 -28.59
N SER A 180 -24.89 -31.10 -27.71
CA SER A 180 -25.20 -32.27 -26.90
C SER A 180 -25.89 -31.89 -25.59
N LEU A 181 -25.83 -30.61 -25.21
CA LEU A 181 -26.67 -30.13 -24.11
C LEU A 181 -28.14 -30.30 -24.43
N ARG A 182 -28.52 -30.03 -25.67
CA ARG A 182 -29.93 -30.06 -26.06
C ARG A 182 -30.59 -31.41 -25.72
N PRO A 183 -29.96 -32.56 -26.02
CA PRO A 183 -30.57 -33.83 -25.59
C PRO A 183 -30.18 -34.30 -24.20
N ALA A 184 -29.04 -33.87 -23.66
CA ALA A 184 -28.58 -34.42 -22.39
C ALA A 184 -29.36 -33.90 -21.19
N PHE A 185 -30.03 -32.76 -21.34
CA PHE A 185 -30.73 -32.15 -20.22
C PHE A 185 -31.78 -33.07 -19.61
N PRO A 186 -32.67 -33.72 -20.38
CA PRO A 186 -33.50 -34.77 -19.78
C PRO A 186 -32.69 -35.91 -19.20
N ARG A 187 -31.59 -36.29 -19.86
CA ARG A 187 -30.75 -37.36 -19.35
C ARG A 187 -30.10 -36.99 -18.02
N LEU A 188 -29.66 -35.74 -17.90
CA LEU A 188 -29.08 -35.31 -16.62
C LEU A 188 -30.16 -35.19 -15.54
N LYS A 189 -31.36 -34.77 -15.92
CA LYS A 189 -32.46 -34.76 -14.97
C LYS A 189 -32.77 -36.17 -14.47
N GLU A 190 -32.68 -37.17 -15.36
CA GLU A 190 -32.84 -38.55 -14.94
C GLU A 190 -31.68 -38.99 -14.05
N LYS A 191 -30.45 -38.56 -14.38
CA LYS A 191 -29.30 -38.82 -13.52
C LYS A 191 -29.49 -38.24 -12.13
N LEU A 192 -30.28 -37.17 -12.01
CA LEU A 192 -30.56 -36.58 -10.71
C LEU A 192 -31.19 -37.57 -9.73
N GLU A 193 -31.51 -38.77 -10.16
CA GLU A 193 -31.98 -39.83 -9.28
C GLU A 193 -30.92 -40.91 -9.06
N ASP A 194 -29.65 -40.56 -9.15
CA ASP A 194 -28.57 -41.54 -9.01
C ASP A 194 -28.54 -42.07 -7.59
N PRO A 195 -28.54 -43.40 -7.39
CA PRO A 195 -28.57 -43.95 -6.03
C PRO A 195 -27.32 -43.68 -5.21
N ASP A 196 -26.15 -43.56 -5.84
CA ASP A 196 -24.91 -43.38 -5.11
C ASP A 196 -24.84 -41.94 -4.61
N PRO A 197 -24.65 -41.70 -3.31
CA PRO A 197 -24.71 -40.32 -2.79
C PRO A 197 -23.66 -39.40 -3.38
N GLY A 198 -22.42 -39.86 -3.55
CA GLY A 198 -21.39 -38.99 -4.11
C GLY A 198 -21.66 -38.63 -5.56
N VAL A 199 -22.08 -39.62 -6.35
CA VAL A 199 -22.44 -39.36 -7.74
C VAL A 199 -23.60 -38.38 -7.81
N GLN A 200 -24.58 -38.55 -6.92
CA GLN A 200 -25.71 -37.63 -6.87
C GLN A 200 -25.25 -36.23 -6.52
N SER A 201 -24.31 -36.11 -5.58
CA SER A 201 -23.79 -34.79 -5.22
C SER A 201 -23.10 -34.13 -6.40
N ALA A 202 -22.27 -34.88 -7.12
CA ALA A 202 -21.61 -34.32 -8.30
C ALA A 202 -22.61 -33.92 -9.37
N ALA A 203 -23.66 -34.73 -9.55
CA ALA A 203 -24.69 -34.39 -10.54
C ALA A 203 -25.44 -33.13 -10.15
N VAL A 204 -25.75 -32.98 -8.86
CA VAL A 204 -26.39 -31.76 -8.37
C VAL A 204 -25.49 -30.57 -8.64
N ASN A 205 -24.19 -30.71 -8.41
CA ASN A 205 -23.27 -29.62 -8.68
C ASN A 205 -23.27 -29.26 -10.16
N VAL A 206 -23.26 -30.28 -11.03
CA VAL A 206 -23.26 -30.03 -12.46
C VAL A 206 -24.51 -29.26 -12.88
N ILE A 207 -25.68 -29.76 -12.47
CA ILE A 207 -26.94 -29.15 -12.89
C ILE A 207 -27.09 -27.76 -12.28
N CYS A 208 -26.58 -27.55 -11.07
CA CYS A 208 -26.67 -26.24 -10.44
C CYS A 208 -25.79 -25.23 -11.15
N GLU A 209 -24.54 -25.59 -11.46
CA GLU A 209 -23.68 -24.63 -12.14
C GLU A 209 -24.14 -24.41 -13.58
N LEU A 210 -24.78 -25.41 -14.20
CA LEU A 210 -25.48 -25.13 -15.45
C LEU A 210 -26.61 -24.13 -15.24
N ALA A 211 -27.32 -24.24 -14.13
CA ALA A 211 -28.41 -23.31 -13.85
C ALA A 211 -27.89 -21.90 -13.62
N ARG A 212 -26.65 -21.75 -13.15
CA ARG A 212 -26.14 -20.44 -12.80
C ARG A 212 -26.06 -19.51 -14.00
N ARG A 213 -25.99 -20.05 -15.22
CA ARG A 213 -25.83 -19.23 -16.42
C ARG A 213 -27.16 -18.88 -17.09
N ASN A 214 -28.09 -19.84 -17.17
CA ASN A 214 -29.42 -19.61 -17.74
C ASN A 214 -30.47 -20.17 -16.80
N PRO A 215 -30.67 -19.51 -15.65
CA PRO A 215 -31.53 -20.11 -14.62
C PRO A 215 -32.99 -20.27 -15.02
N LYS A 216 -33.45 -19.56 -16.06
CA LYS A 216 -34.85 -19.63 -16.43
C LYS A 216 -35.26 -21.03 -16.87
N ASN A 217 -34.33 -21.81 -17.41
CA ASN A 217 -34.63 -23.16 -17.87
C ASN A 217 -34.66 -24.19 -16.75
N TYR A 218 -34.34 -23.78 -15.52
CA TYR A 218 -34.28 -24.69 -14.39
C TYR A 218 -35.33 -24.41 -13.32
N LEU A 219 -36.26 -23.48 -13.58
CA LEU A 219 -37.34 -23.23 -12.63
C LEU A 219 -38.22 -24.46 -12.46
N SER A 220 -38.51 -25.17 -13.55
CA SER A 220 -39.25 -26.42 -13.48
C SER A 220 -38.50 -27.51 -12.74
N LEU A 221 -37.18 -27.38 -12.60
CA LEU A 221 -36.38 -28.34 -11.85
C LEU A 221 -36.40 -28.07 -10.35
N ALA A 222 -37.09 -27.02 -9.91
CA ALA A 222 -37.17 -26.69 -8.50
C ALA A 222 -37.69 -27.82 -7.63
N PRO A 223 -38.75 -28.56 -8.00
CA PRO A 223 -39.12 -29.73 -7.19
C PRO A 223 -38.02 -30.77 -7.06
N LEU A 224 -37.25 -30.99 -8.12
CA LEU A 224 -36.14 -31.92 -8.05
C LEU A 224 -35.11 -31.46 -7.02
N PHE A 225 -34.76 -30.18 -7.06
CA PHE A 225 -33.81 -29.64 -6.09
C PHE A 225 -34.38 -29.64 -4.69
N PHE A 226 -35.69 -29.44 -4.56
CA PHE A 226 -36.37 -29.53 -3.27
C PHE A 226 -36.18 -30.91 -2.67
N LYS A 227 -36.48 -31.95 -3.44
CA LYS A 227 -36.30 -33.32 -2.97
C LYS A 227 -34.83 -33.61 -2.69
N LEU A 228 -33.93 -33.08 -3.52
CA LEU A 228 -32.51 -33.28 -3.31
C LEU A 228 -32.07 -32.72 -1.96
N MET A 229 -32.48 -31.50 -1.64
CA MET A 229 -32.05 -30.90 -0.38
C MET A 229 -32.69 -31.62 0.81
N THR A 230 -33.96 -32.01 0.68
CA THR A 230 -34.62 -32.68 1.78
C THR A 230 -33.98 -34.04 2.07
N SER A 231 -33.66 -34.78 1.01
CA SER A 231 -33.04 -36.10 1.20
C SER A 231 -31.55 -36.01 1.46
N SER A 232 -30.93 -34.86 1.22
CA SER A 232 -29.50 -34.75 1.40
C SER A 232 -29.12 -34.72 2.87
N THR A 233 -28.16 -35.58 3.23
CA THR A 233 -27.50 -35.50 4.53
C THR A 233 -26.10 -34.92 4.40
N ASN A 234 -25.68 -34.59 3.18
CA ASN A 234 -24.39 -33.98 2.91
C ASN A 234 -24.59 -32.48 2.87
N ASN A 235 -23.93 -31.78 3.80
CA ASN A 235 -24.12 -30.34 3.92
C ASN A 235 -23.60 -29.59 2.70
N TRP A 236 -22.73 -30.23 1.92
CA TRP A 236 -22.13 -29.55 0.77
C TRP A 236 -23.15 -29.33 -0.33
N VAL A 237 -23.90 -30.38 -0.67
CA VAL A 237 -25.01 -30.23 -1.60
C VAL A 237 -25.97 -29.16 -1.09
N LEU A 238 -26.25 -29.19 0.22
CA LEU A 238 -27.14 -28.20 0.81
C LEU A 238 -26.64 -26.79 0.55
N ILE A 239 -25.38 -26.51 0.87
CA ILE A 239 -24.85 -25.16 0.72
C ILE A 239 -24.93 -24.72 -0.74
N LYS A 240 -24.44 -25.56 -1.65
CA LYS A 240 -24.38 -25.14 -3.05
C LYS A 240 -25.78 -24.97 -3.63
N ILE A 241 -26.70 -25.88 -3.29
CA ILE A 241 -28.03 -25.82 -3.89
C ILE A 241 -28.81 -24.65 -3.31
N ILE A 242 -28.58 -24.31 -2.05
CA ILE A 242 -29.21 -23.13 -1.47
C ILE A 242 -28.65 -21.85 -2.08
N LYS A 243 -27.35 -21.84 -2.37
CA LYS A 243 -26.79 -20.71 -3.09
C LYS A 243 -27.44 -20.56 -4.46
N LEU A 244 -27.64 -21.68 -5.17
CA LEU A 244 -28.31 -21.62 -6.46
C LEU A 244 -29.77 -21.21 -6.30
N PHE A 245 -30.40 -21.56 -5.18
CA PHE A 245 -31.73 -21.06 -4.88
C PHE A 245 -31.73 -19.54 -4.77
N GLY A 246 -30.76 -18.99 -4.04
CA GLY A 246 -30.62 -17.55 -3.96
C GLY A 246 -30.41 -16.93 -5.33
N ALA A 247 -29.67 -17.64 -6.18
CA ALA A 247 -29.49 -17.19 -7.56
C ALA A 247 -30.80 -17.16 -8.32
N LEU A 248 -31.61 -18.22 -8.21
CA LEU A 248 -32.87 -18.29 -8.95
C LEU A 248 -33.99 -17.56 -8.23
N THR A 249 -33.78 -17.17 -6.98
CA THR A 249 -34.81 -16.48 -6.21
C THR A 249 -35.38 -15.25 -6.91
N PRO A 250 -34.60 -14.39 -7.56
CA PRO A 250 -35.20 -13.27 -8.30
C PRO A 250 -36.19 -13.70 -9.38
N LEU A 251 -36.03 -14.88 -9.95
CA LEU A 251 -36.89 -15.31 -11.04
C LEU A 251 -38.29 -15.70 -10.59
N GLU A 252 -38.41 -16.40 -9.46
CA GLU A 252 -39.71 -16.90 -9.00
C GLU A 252 -39.76 -16.83 -7.48
N PRO A 253 -40.35 -15.77 -6.92
CA PRO A 253 -40.45 -15.67 -5.46
C PRO A 253 -41.24 -16.79 -4.82
N ARG A 254 -42.23 -17.35 -5.51
CA ARG A 254 -43.03 -18.43 -4.92
C ARG A 254 -42.19 -19.66 -4.61
N LEU A 255 -41.16 -19.94 -5.42
CA LEU A 255 -40.26 -21.04 -5.09
C LEU A 255 -39.52 -20.77 -3.80
N GLY A 256 -39.07 -19.54 -3.58
CA GLY A 256 -38.44 -19.20 -2.30
C GLY A 256 -39.42 -19.29 -1.15
N LYS A 257 -40.68 -18.93 -1.38
CA LYS A 257 -41.69 -19.11 -0.35
C LYS A 257 -41.87 -20.58 0.01
N LYS A 258 -41.82 -21.45 -1.00
CA LYS A 258 -41.83 -22.88 -0.73
C LYS A 258 -40.59 -23.30 0.05
N LEU A 259 -39.44 -22.72 -0.29
CA LEU A 259 -38.17 -23.08 0.34
C LEU A 259 -38.08 -22.63 1.80
N ILE A 260 -38.79 -21.57 2.16
CA ILE A 260 -38.53 -20.93 3.46
C ILE A 260 -38.74 -21.89 4.63
N GLU A 261 -39.67 -22.85 4.50
CA GLU A 261 -39.92 -23.75 5.61
C GLU A 261 -38.82 -24.80 5.75
N PRO A 262 -38.46 -25.55 4.69
CA PRO A 262 -37.32 -26.46 4.83
C PRO A 262 -36.03 -25.74 5.16
N LEU A 263 -35.83 -24.53 4.64
CA LEU A 263 -34.65 -23.76 4.98
C LEU A 263 -34.62 -23.42 6.46
N THR A 264 -35.77 -23.02 7.01
CA THR A 264 -35.84 -22.73 8.44
C THR A 264 -35.60 -23.98 9.26
N ASN A 265 -36.14 -25.12 8.81
CA ASN A 265 -35.92 -26.38 9.52
C ASN A 265 -34.45 -26.75 9.53
N LEU A 266 -33.77 -26.58 8.40
CA LEU A 266 -32.34 -26.81 8.34
C LEU A 266 -31.59 -25.88 9.27
N ILE A 267 -32.00 -24.60 9.29
CA ILE A 267 -31.38 -23.63 10.19
C ILE A 267 -31.47 -24.10 11.63
N HIS A 268 -32.66 -24.56 12.03
CA HIS A 268 -32.83 -25.09 13.38
C HIS A 268 -31.95 -26.31 13.62
N SER A 269 -31.88 -27.20 12.64
CA SER A 269 -31.08 -28.41 12.76
C SER A 269 -29.62 -28.21 12.37
N THR A 270 -29.22 -27.00 11.97
CA THR A 270 -27.86 -26.78 11.53
C THR A 270 -26.88 -26.87 12.69
N SER A 271 -25.81 -27.63 12.48
CA SER A 271 -24.68 -27.65 13.41
C SER A 271 -23.40 -27.09 12.81
N ALA A 272 -23.42 -26.79 11.51
CA ALA A 272 -22.27 -26.19 10.82
C ALA A 272 -22.50 -24.69 10.69
N MET A 273 -21.70 -23.89 11.41
CA MET A 273 -21.87 -22.44 11.40
C MET A 273 -21.70 -21.86 10.00
N SER A 274 -20.84 -22.45 9.18
CA SER A 274 -20.67 -21.97 7.81
C SER A 274 -21.92 -22.24 6.98
N LEU A 275 -22.44 -23.46 7.06
CA LEU A 275 -23.74 -23.74 6.46
C LEU A 275 -24.80 -22.80 7.01
N LEU A 276 -24.73 -22.52 8.31
CA LEU A 276 -25.68 -21.60 8.93
C LEU A 276 -25.64 -20.24 8.26
N TYR A 277 -24.44 -19.67 8.13
CA TYR A 277 -24.29 -18.40 7.42
C TYR A 277 -24.83 -18.47 6.00
N GLU A 278 -24.39 -19.46 5.24
CA GLU A 278 -24.76 -19.47 3.82
C GLU A 278 -26.27 -19.55 3.66
N CYS A 279 -26.89 -20.47 4.41
CA CYS A 279 -28.34 -20.61 4.32
C CYS A 279 -29.07 -19.38 4.83
N VAL A 280 -28.62 -18.76 5.92
CA VAL A 280 -29.35 -17.60 6.44
C VAL A 280 -29.22 -16.42 5.48
N ASN A 281 -28.05 -16.28 4.85
CA ASN A 281 -27.88 -15.21 3.87
C ASN A 281 -28.81 -15.42 2.68
N THR A 282 -28.89 -16.66 2.20
CA THR A 282 -29.83 -16.95 1.13
C THR A 282 -31.26 -16.71 1.58
N VAL A 283 -31.56 -17.02 2.84
CA VAL A 283 -32.89 -16.77 3.38
C VAL A 283 -33.19 -15.28 3.41
N ILE A 284 -32.19 -14.46 3.74
CA ILE A 284 -32.38 -13.01 3.71
C ILE A 284 -32.67 -12.56 2.28
N ALA A 285 -31.96 -13.14 1.31
CA ALA A 285 -32.26 -12.83 -0.08
C ALA A 285 -33.69 -13.24 -0.44
N VAL A 286 -34.11 -14.41 0.02
CA VAL A 286 -35.47 -14.88 -0.25
C VAL A 286 -36.48 -13.95 0.41
N LEU A 287 -36.14 -13.42 1.59
CA LEU A 287 -37.01 -12.47 2.27
C LEU A 287 -37.07 -11.15 1.53
N ILE A 288 -35.97 -10.75 0.89
CA ILE A 288 -36.00 -9.61 -0.02
C ILE A 288 -37.00 -9.84 -1.14
N SER A 289 -36.94 -11.03 -1.74
CA SER A 289 -37.86 -11.35 -2.84
C SER A 289 -39.31 -11.38 -2.36
N LEU A 290 -39.57 -11.98 -1.20
CA LEU A 290 -40.92 -12.17 -0.71
C LEU A 290 -41.51 -10.91 -0.06
N SER A 291 -40.66 -9.96 0.34
CA SER A 291 -41.17 -8.74 0.96
C SER A 291 -41.99 -7.91 -0.03
N SER A 292 -41.88 -8.21 -1.32
CA SER A 292 -42.61 -7.50 -2.35
C SER A 292 -44.07 -7.95 -2.38
N GLY A 293 -44.85 -7.48 -1.41
CA GLY A 293 -46.28 -7.73 -1.35
C GLY A 293 -46.74 -8.59 -0.21
N MET A 294 -45.85 -9.30 0.48
CA MET A 294 -46.25 -10.21 1.57
C MET A 294 -45.38 -9.89 2.79
N PRO A 295 -45.68 -8.81 3.50
CA PRO A 295 -44.84 -8.37 4.63
C PRO A 295 -45.24 -8.99 5.96
N ASN A 296 -45.18 -10.33 6.05
CA ASN A 296 -45.51 -10.98 7.31
C ASN A 296 -44.46 -12.01 7.72
N HIS A 297 -43.24 -11.87 7.20
CA HIS A 297 -42.16 -12.77 7.57
C HIS A 297 -41.18 -12.13 8.52
N SER A 298 -41.62 -11.14 9.31
CA SER A 298 -40.74 -10.53 10.30
C SER A 298 -40.35 -11.53 11.38
N ALA A 299 -41.15 -12.59 11.58
CA ALA A 299 -40.75 -13.64 12.50
C ALA A 299 -39.54 -14.40 11.98
N SER A 300 -39.56 -14.78 10.71
CA SER A 300 -38.39 -15.37 10.09
C SER A 300 -37.22 -14.39 10.05
N ILE A 301 -37.52 -13.10 9.85
CA ILE A 301 -36.46 -12.09 9.89
C ILE A 301 -35.81 -12.06 11.27
N GLN A 302 -36.61 -12.13 12.33
CA GLN A 302 -36.06 -12.14 13.68
C GLN A 302 -35.28 -13.42 13.97
N LEU A 303 -35.75 -14.55 13.43
CA LEU A 303 -34.98 -15.78 13.53
C LEU A 303 -33.62 -15.62 12.87
N CYS A 304 -33.61 -15.00 11.69
CA CYS A 304 -32.36 -14.72 11.01
C CYS A 304 -31.47 -13.81 11.84
N VAL A 305 -32.05 -12.79 12.48
CA VAL A 305 -31.28 -11.89 13.32
C VAL A 305 -30.66 -12.63 14.49
N GLN A 306 -31.42 -13.52 15.11
CA GLN A 306 -30.88 -14.29 16.23
C GLN A 306 -29.74 -15.18 15.77
N LYS A 307 -29.88 -15.82 14.62
CA LYS A 307 -28.79 -16.64 14.10
C LYS A 307 -27.58 -15.79 13.73
N LEU A 308 -27.81 -14.58 13.21
CA LEU A 308 -26.70 -13.68 12.93
C LEU A 308 -25.97 -13.28 14.20
N ARG A 309 -26.73 -13.06 15.28
CA ARG A 309 -26.08 -12.82 16.58
C ARG A 309 -25.24 -14.01 17.00
N ILE A 310 -25.81 -15.22 16.90
CA ILE A 310 -25.07 -16.42 17.26
C ILE A 310 -23.76 -16.48 16.48
N LEU A 311 -23.83 -16.13 15.20
CA LEU A 311 -22.63 -16.07 14.39
C LEU A 311 -21.67 -14.99 14.89
N ILE A 312 -22.19 -13.82 15.25
CA ILE A 312 -21.31 -12.67 15.49
C ILE A 312 -20.54 -12.84 16.79
N GLU A 313 -21.16 -13.43 17.83
CA GLU A 313 -20.36 -13.62 19.04
C GLU A 313 -19.30 -14.71 18.87
N ASP A 314 -19.25 -15.39 17.74
CA ASP A 314 -18.19 -16.36 17.50
C ASP A 314 -16.83 -15.66 17.50
N SER A 315 -15.85 -16.32 18.11
CA SER A 315 -14.50 -15.78 18.17
C SER A 315 -13.77 -15.90 16.83
N ASP A 316 -14.28 -16.69 15.89
CA ASP A 316 -13.67 -16.84 14.58
C ASP A 316 -13.91 -15.55 13.80
N GLN A 317 -12.82 -14.87 13.45
CA GLN A 317 -12.91 -13.58 12.77
C GLN A 317 -13.55 -13.67 11.39
N ASN A 318 -13.41 -14.79 10.69
CA ASN A 318 -14.11 -14.95 9.41
C ASN A 318 -15.62 -14.98 9.62
N LEU A 319 -16.06 -15.82 10.54
CA LEU A 319 -17.47 -15.86 10.92
C LEU A 319 -17.94 -14.47 11.34
N LYS A 320 -17.09 -13.74 12.05
CA LYS A 320 -17.45 -12.43 12.58
C LYS A 320 -17.64 -11.42 11.45
N TYR A 321 -16.70 -11.37 10.52
CA TYR A 321 -16.80 -10.44 9.40
C TYR A 321 -18.01 -10.77 8.53
N LEU A 322 -18.24 -12.05 8.28
CA LEU A 322 -19.38 -12.42 7.45
C LEU A 322 -20.70 -12.10 8.15
N GLY A 323 -20.76 -12.32 9.46
CA GLY A 323 -21.94 -11.91 10.20
C GLY A 323 -22.16 -10.42 10.10
N LEU A 324 -21.08 -9.64 10.17
CA LEU A 324 -21.22 -8.20 10.00
C LEU A 324 -21.76 -7.85 8.62
N LEU A 325 -21.26 -8.51 7.58
CA LEU A 325 -21.75 -8.23 6.23
C LEU A 325 -23.22 -8.58 6.11
N ALA A 326 -23.62 -9.73 6.65
CA ALA A 326 -25.01 -10.16 6.57
C ALA A 326 -25.92 -9.23 7.36
N MET A 327 -25.50 -8.79 8.54
CA MET A 327 -26.33 -7.87 9.30
C MET A 327 -26.35 -6.50 8.67
N SER A 328 -25.31 -6.16 7.88
CA SER A 328 -25.39 -4.97 7.06
C SER A 328 -26.44 -5.11 5.98
N LYS A 329 -26.53 -6.30 5.38
CA LYS A 329 -27.59 -6.55 4.40
C LYS A 329 -28.96 -6.41 5.04
N ILE A 330 -29.15 -6.99 6.22
CA ILE A 330 -30.45 -6.87 6.87
C ILE A 330 -30.63 -5.46 7.42
N LEU A 331 -29.54 -4.71 7.57
CA LEU A 331 -29.63 -3.29 7.89
C LEU A 331 -30.23 -2.50 6.75
N LYS A 332 -29.72 -2.71 5.54
CA LYS A 332 -30.33 -2.08 4.38
C LYS A 332 -31.71 -2.67 4.12
N THR A 333 -32.02 -3.80 4.75
CA THR A 333 -33.35 -4.39 4.66
C THR A 333 -34.25 -3.96 5.83
N HIS A 334 -33.85 -4.26 7.05
CA HIS A 334 -34.69 -4.07 8.25
C HIS A 334 -33.82 -3.63 9.42
N PRO A 335 -33.52 -2.33 9.51
CA PRO A 335 -32.70 -1.84 10.63
C PRO A 335 -33.38 -1.97 11.99
N LYS A 336 -34.70 -2.16 12.01
CA LYS A 336 -35.43 -2.11 13.28
C LYS A 336 -35.01 -3.24 14.21
N SER A 337 -34.54 -4.36 13.67
CA SER A 337 -33.97 -5.41 14.49
C SER A 337 -32.45 -5.32 14.57
N VAL A 338 -31.83 -4.60 13.63
CA VAL A 338 -30.38 -4.42 13.67
C VAL A 338 -30.00 -3.55 14.87
N GLN A 339 -30.84 -2.57 15.19
CA GLN A 339 -30.53 -1.65 16.29
C GLN A 339 -30.45 -2.37 17.63
N SER A 340 -30.94 -3.61 17.70
CA SER A 340 -30.83 -4.38 18.93
C SER A 340 -29.37 -4.68 19.28
N HIS A 341 -28.45 -4.58 18.32
CA HIS A 341 -27.07 -4.96 18.57
C HIS A 341 -26.38 -4.02 19.55
N LYS A 342 -26.43 -2.71 19.30
CA LYS A 342 -25.83 -1.72 20.19
C LYS A 342 -24.39 -2.07 20.59
N ASP A 343 -24.23 -2.49 21.85
CA ASP A 343 -22.92 -2.85 22.37
C ASP A 343 -22.25 -3.91 21.51
N LEU A 344 -23.04 -4.77 20.87
CA LEU A 344 -22.52 -5.91 20.13
C LEU A 344 -21.64 -5.46 18.97
N ILE A 345 -21.76 -4.20 18.57
CA ILE A 345 -20.93 -3.62 17.52
C ILE A 345 -19.84 -2.72 18.08
N LEU A 346 -20.20 -1.85 19.02
CA LEU A 346 -19.22 -0.89 19.55
C LEU A 346 -18.13 -1.60 20.34
N GLN A 347 -18.43 -2.81 20.85
CA GLN A 347 -17.36 -3.64 21.41
C GLN A 347 -16.42 -4.11 20.31
N CYS A 348 -16.97 -4.58 19.19
CA CYS A 348 -16.16 -5.00 18.05
C CYS A 348 -15.31 -3.87 17.50
N LEU A 349 -15.73 -2.62 17.71
CA LEU A 349 -14.94 -1.47 17.31
C LEU A 349 -13.49 -1.53 17.82
N ASP A 350 -13.22 -2.29 18.88
CA ASP A 350 -11.88 -2.34 19.45
C ASP A 350 -10.96 -3.32 18.74
N ASP A 351 -11.47 -4.05 17.74
CA ASP A 351 -10.73 -5.17 17.19
C ASP A 351 -9.49 -4.71 16.42
N LYS A 352 -8.55 -5.62 16.24
CA LYS A 352 -7.30 -5.30 15.58
C LYS A 352 -7.41 -5.25 14.07
N ASP A 353 -8.53 -5.70 13.49
CA ASP A 353 -8.68 -5.72 12.04
C ASP A 353 -9.28 -4.40 11.58
N GLU A 354 -8.59 -3.73 10.67
CA GLU A 354 -9.06 -2.44 10.19
C GLU A 354 -10.29 -2.57 9.30
N SER A 355 -10.35 -3.60 8.46
CA SER A 355 -11.50 -3.76 7.58
C SER A 355 -12.76 -4.08 8.36
N ILE A 356 -12.69 -5.02 9.30
CA ILE A 356 -13.82 -5.31 10.17
C ILE A 356 -14.25 -4.05 10.90
N ARG A 357 -13.27 -3.28 11.39
CA ARG A 357 -13.58 -2.10 12.18
C ARG A 357 -14.27 -1.03 11.34
N LEU A 358 -13.82 -0.85 10.09
CA LEU A 358 -14.43 0.17 9.24
C LEU A 358 -15.82 -0.27 8.79
N ARG A 359 -16.01 -1.57 8.56
CA ARG A 359 -17.36 -2.06 8.32
C ARG A 359 -18.25 -1.81 9.53
N ALA A 360 -17.70 -1.99 10.73
CA ALA A 360 -18.46 -1.69 11.94
C ALA A 360 -18.80 -0.20 12.01
N LEU A 361 -17.87 0.66 11.58
CA LEU A 361 -18.16 2.09 11.56
C LEU A 361 -19.30 2.37 10.59
N ASP A 362 -19.29 1.72 9.43
CA ASP A 362 -20.40 1.82 8.50
C ASP A 362 -21.70 1.38 9.18
N LEU A 363 -21.61 0.34 10.00
CA LEU A 363 -22.78 -0.14 10.72
C LEU A 363 -23.30 0.90 11.69
N LEU A 364 -22.39 1.58 12.38
CA LEU A 364 -22.78 2.70 13.26
C LEU A 364 -23.41 3.83 12.45
N TYR A 365 -22.85 4.10 11.27
CA TYR A 365 -23.44 5.10 10.38
C TYR A 365 -24.88 4.74 10.03
N GLY A 366 -25.11 3.46 9.74
CA GLY A 366 -26.48 2.99 9.57
C GLY A 366 -27.28 3.08 10.86
N MET A 367 -26.60 3.05 12.01
CA MET A 367 -27.22 3.05 13.31
C MET A 367 -27.48 4.44 13.87
N VAL A 368 -27.14 5.49 13.12
CA VAL A 368 -27.25 6.84 13.67
C VAL A 368 -28.72 7.20 13.86
N SER A 369 -29.03 7.80 15.01
CA SER A 369 -30.36 8.31 15.28
C SER A 369 -30.25 9.50 16.22
N LYS A 370 -31.35 10.24 16.33
CA LYS A 370 -31.39 11.40 17.21
C LYS A 370 -31.20 11.02 18.67
N LYS A 371 -31.52 9.79 19.04
CA LYS A 371 -31.46 9.35 20.43
C LYS A 371 -30.17 8.64 20.80
N ASN A 372 -29.39 8.19 19.81
CA ASN A 372 -28.15 7.49 20.13
C ASN A 372 -26.91 8.20 19.59
N LEU A 373 -27.07 9.29 18.85
CA LEU A 373 -25.91 10.00 18.30
C LEU A 373 -24.92 10.37 19.41
N MET A 374 -25.44 10.78 20.56
CA MET A 374 -24.58 11.25 21.65
C MET A 374 -23.58 10.18 22.06
N GLU A 375 -24.07 9.02 22.48
CA GLU A 375 -23.21 7.96 23.02
C GLU A 375 -22.25 7.43 21.95
N ILE A 376 -22.77 7.17 20.75
CA ILE A 376 -21.93 6.58 19.71
C ILE A 376 -20.82 7.54 19.33
N VAL A 377 -21.15 8.82 19.18
CA VAL A 377 -20.13 9.79 18.83
C VAL A 377 -19.13 9.95 19.97
N LYS A 378 -19.59 9.87 21.21
CA LYS A 378 -18.67 9.95 22.35
C LYS A 378 -17.67 8.81 22.30
N LYS A 379 -18.15 7.59 22.05
CA LYS A 379 -17.25 6.45 21.98
C LYS A 379 -16.30 6.57 20.80
N LEU A 380 -16.77 7.08 19.67
CA LEU A 380 -15.87 7.32 18.55
C LEU A 380 -14.85 8.41 18.85
N MET A 381 -15.20 9.39 19.69
CA MET A 381 -14.18 10.33 20.15
C MET A 381 -13.14 9.65 21.03
N THR A 382 -13.58 8.76 21.92
CA THR A 382 -12.61 7.99 22.69
C THR A 382 -11.68 7.23 21.75
N HIS A 383 -12.23 6.71 20.66
CA HIS A 383 -11.40 6.00 19.69
C HIS A 383 -10.48 6.95 18.92
N VAL A 384 -10.93 8.16 18.59
CA VAL A 384 -10.03 9.08 17.89
C VAL A 384 -8.91 9.51 18.82
N ASP A 385 -9.19 9.65 20.11
CA ASP A 385 -8.12 9.84 21.08
C ASP A 385 -7.21 8.62 21.13
N LYS A 386 -7.78 7.44 20.88
CA LYS A 386 -6.98 6.23 20.75
C LYS A 386 -6.54 5.97 19.31
N ALA A 387 -6.91 6.83 18.37
CA ALA A 387 -6.75 6.54 16.96
C ALA A 387 -5.28 6.55 16.55
N GLU A 388 -4.99 5.85 15.45
CA GLU A 388 -3.66 5.71 14.90
C GLU A 388 -3.75 5.55 13.40
N GLY A 389 -3.16 6.50 12.66
CA GLY A 389 -3.08 6.39 11.21
C GLY A 389 -3.74 7.50 10.41
N THR A 390 -2.95 8.21 9.61
CA THR A 390 -3.51 9.36 8.89
C THR A 390 -4.60 8.95 7.93
N THR A 391 -4.45 7.83 7.22
CA THR A 391 -5.59 7.31 6.47
C THR A 391 -6.69 6.83 7.41
N TYR A 392 -6.32 6.14 8.50
CA TYR A 392 -7.30 5.70 9.47
C TYR A 392 -8.01 6.87 10.13
N ARG A 393 -7.26 7.74 10.80
CA ARG A 393 -7.86 8.89 11.48
C ARG A 393 -8.55 9.81 10.47
N ASP A 394 -8.01 9.88 9.24
CA ASP A 394 -8.60 10.71 8.21
C ASP A 394 -10.00 10.24 7.86
N GLU A 395 -10.14 8.99 7.42
CA GLU A 395 -11.47 8.48 7.11
C GLU A 395 -12.36 8.46 8.34
N LEU A 396 -11.76 8.26 9.52
CA LEU A 396 -12.52 8.23 10.76
C LEU A 396 -13.19 9.58 11.03
N LEU A 397 -12.40 10.66 11.02
CA LEU A 397 -12.97 11.98 11.22
C LEU A 397 -13.87 12.38 10.06
N THR A 398 -13.55 11.95 8.85
CA THR A 398 -14.42 12.24 7.71
C THR A 398 -15.81 11.67 7.92
N LYS A 399 -15.88 10.40 8.34
CA LYS A 399 -17.18 9.78 8.52
C LYS A 399 -17.85 10.28 9.80
N ILE A 400 -17.08 10.73 10.79
CA ILE A 400 -17.68 11.44 11.91
C ILE A 400 -18.37 12.70 11.44
N ILE A 401 -17.69 13.46 10.57
CA ILE A 401 -18.28 14.66 10.00
C ILE A 401 -19.52 14.31 9.19
N ASP A 402 -19.47 13.18 8.47
CA ASP A 402 -20.62 12.77 7.68
C ASP A 402 -21.81 12.44 8.58
N ILE A 403 -21.60 11.65 9.63
CA ILE A 403 -22.70 11.22 10.47
C ILE A 403 -23.28 12.39 11.25
N CYS A 404 -22.44 13.31 11.72
CA CYS A 404 -22.99 14.47 12.42
C CYS A 404 -23.66 15.43 11.45
N SER A 405 -23.11 15.58 10.25
CA SER A 405 -23.64 16.50 9.25
C SER A 405 -24.68 15.86 8.36
N GLN A 406 -24.98 14.57 8.54
CA GLN A 406 -25.97 13.89 7.74
C GLN A 406 -27.31 14.60 7.83
N SER A 407 -27.92 14.83 6.67
CA SER A 407 -29.19 15.54 6.56
C SER A 407 -29.13 16.90 7.25
N ASN A 408 -27.98 17.58 7.08
CA ASN A 408 -27.76 18.93 7.59
C ASN A 408 -27.94 18.99 9.11
N TYR A 409 -27.09 18.24 9.82
CA TYR A 409 -27.09 18.23 11.29
C TYR A 409 -28.45 17.83 11.86
N GLN A 410 -29.10 16.84 11.24
CA GLN A 410 -30.43 16.44 11.67
C GLN A 410 -30.42 15.84 13.08
N TYR A 411 -29.43 15.01 13.39
CA TYR A 411 -29.41 14.25 14.64
C TYR A 411 -28.80 15.03 15.79
N ILE A 412 -28.32 16.24 15.56
CA ILE A 412 -27.61 17.01 16.58
C ILE A 412 -28.62 17.86 17.35
N THR A 413 -28.54 17.81 18.67
CA THR A 413 -29.41 18.60 19.54
C THR A 413 -28.66 19.67 20.31
N ASN A 414 -27.54 19.33 20.94
CA ASN A 414 -26.73 20.27 21.72
C ASN A 414 -25.56 20.73 20.86
N PHE A 415 -25.79 21.80 20.09
CA PHE A 415 -24.77 22.29 19.19
C PHE A 415 -23.54 22.79 19.94
N GLU A 416 -23.69 23.15 21.22
CA GLU A 416 -22.52 23.45 22.04
C GLU A 416 -21.60 22.25 22.14
N TRP A 417 -22.18 21.07 22.33
CA TRP A 417 -21.39 19.84 22.30
C TRP A 417 -20.71 19.67 20.96
N TYR A 418 -21.42 19.99 19.87
CA TYR A 418 -20.83 19.85 18.54
C TYR A 418 -19.62 20.75 18.36
N ILE A 419 -19.74 21.99 18.81
CA ILE A 419 -18.61 22.92 18.71
C ILE A 419 -17.44 22.40 19.54
N SER A 420 -17.73 21.92 20.76
CA SER A 420 -16.66 21.42 21.61
C SER A 420 -15.98 20.20 20.99
N ILE A 421 -16.74 19.30 20.38
CA ILE A 421 -16.12 18.11 19.81
C ILE A 421 -15.33 18.47 18.56
N LEU A 422 -15.77 19.49 17.81
CA LEU A 422 -14.92 19.98 16.72
C LEU A 422 -13.63 20.58 17.26
N VAL A 423 -13.70 21.27 18.39
CA VAL A 423 -12.48 21.77 19.03
C VAL A 423 -11.57 20.60 19.40
N GLU A 424 -12.15 19.53 19.96
CA GLU A 424 -11.36 18.35 20.26
C GLU A 424 -10.73 17.76 19.00
N LEU A 425 -11.46 17.76 17.90
CA LEU A 425 -10.89 17.34 16.62
C LEU A 425 -9.73 18.22 16.20
N THR A 426 -9.79 19.52 16.53
CA THR A 426 -8.67 20.40 16.20
C THR A 426 -7.37 19.94 16.85
N ARG A 427 -7.45 19.19 17.95
CA ARG A 427 -6.25 18.60 18.52
C ARG A 427 -5.60 17.59 17.60
N LEU A 428 -6.33 17.09 16.61
CA LEU A 428 -5.81 16.09 15.68
C LEU A 428 -4.85 16.74 14.69
N GLU A 429 -3.57 16.77 15.01
CA GLU A 429 -2.59 17.38 14.12
C GLU A 429 -2.39 16.51 12.88
N GLY A 430 -2.04 17.16 11.77
CA GLY A 430 -1.69 16.46 10.54
C GLY A 430 -2.85 15.97 9.71
N THR A 431 -4.09 16.30 10.08
CA THR A 431 -5.24 15.83 9.32
C THR A 431 -5.38 16.59 8.01
N ARG A 432 -5.72 15.87 6.96
CA ARG A 432 -5.86 16.47 5.64
C ARG A 432 -7.19 17.18 5.45
N HIS A 433 -8.21 16.82 6.21
CA HIS A 433 -9.50 17.50 6.17
C HIS A 433 -9.59 18.65 7.15
N GLY A 434 -8.45 19.26 7.48
CA GLY A 434 -8.49 20.48 8.27
C GLY A 434 -9.35 21.55 7.63
N HIS A 435 -9.28 21.67 6.30
CA HIS A 435 -10.20 22.53 5.59
C HIS A 435 -11.66 22.11 5.79
N LEU A 436 -11.93 20.81 5.78
CA LEU A 436 -13.30 20.35 6.03
C LEU A 436 -13.72 20.68 7.45
N ILE A 437 -12.81 20.55 8.41
CA ILE A 437 -13.13 20.86 9.80
C ILE A 437 -13.44 22.34 9.96
N ALA A 438 -12.64 23.19 9.33
CA ALA A 438 -12.90 24.62 9.34
C ALA A 438 -14.23 24.93 8.67
N ALA A 439 -14.53 24.24 7.57
CA ALA A 439 -15.82 24.41 6.91
C ALA A 439 -16.96 24.04 7.86
N GLN A 440 -16.76 22.98 8.65
CA GLN A 440 -17.80 22.58 9.59
C GLN A 440 -18.03 23.64 10.67
N MET A 441 -16.96 24.19 11.24
CA MET A 441 -17.18 25.24 12.22
C MET A 441 -17.81 26.47 11.59
N LEU A 442 -17.39 26.82 10.37
CA LEU A 442 -18.02 27.94 9.68
C LEU A 442 -19.51 27.69 9.47
N ASP A 443 -19.86 26.47 9.08
CA ASP A 443 -21.26 26.13 8.84
C ASP A 443 -22.07 26.23 10.12
N VAL A 444 -21.55 25.67 11.22
CA VAL A 444 -22.31 25.71 12.46
C VAL A 444 -22.41 27.14 12.98
N ALA A 445 -21.40 27.98 12.71
CA ALA A 445 -21.46 29.36 13.13
C ALA A 445 -22.49 30.15 12.34
N ILE A 446 -22.49 30.00 11.01
CA ILE A 446 -23.38 30.78 10.16
C ILE A 446 -24.82 30.29 10.28
N ARG A 447 -25.01 28.99 10.53
CA ARG A 447 -26.35 28.42 10.50
C ARG A 447 -27.08 28.65 11.83
N VAL A 448 -26.40 28.44 12.95
CA VAL A 448 -27.02 28.49 14.27
C VAL A 448 -26.61 29.80 14.92
N LYS A 449 -27.58 30.69 15.11
CA LYS A 449 -27.32 31.95 15.79
C LYS A 449 -27.13 31.74 17.29
N ALA A 450 -27.84 30.75 17.86
CA ALA A 450 -27.88 30.60 19.30
C ALA A 450 -26.54 30.22 19.90
N ILE A 451 -25.67 29.55 19.15
CA ILE A 451 -24.42 29.02 19.68
C ILE A 451 -23.22 29.82 19.19
N ARG A 452 -23.46 30.97 18.54
CA ARG A 452 -22.36 31.79 18.04
C ARG A 452 -21.48 32.27 19.18
N LYS A 453 -22.06 32.49 20.37
CA LYS A 453 -21.27 32.94 21.51
C LYS A 453 -20.25 31.89 21.93
N PHE A 454 -20.69 30.65 22.11
CA PHE A 454 -19.76 29.59 22.46
C PHE A 454 -18.75 29.37 21.34
N ALA A 455 -19.21 29.47 20.10
CA ALA A 455 -18.30 29.34 18.96
C ALA A 455 -17.19 30.37 19.03
N VAL A 456 -17.54 31.64 19.21
CA VAL A 456 -16.54 32.70 19.19
C VAL A 456 -15.63 32.60 20.40
N SER A 457 -16.17 32.14 21.53
CA SER A 457 -15.32 31.93 22.70
C SER A 457 -14.26 30.87 22.42
N GLN A 458 -14.68 29.73 21.87
CA GLN A 458 -13.72 28.68 21.56
C GLN A 458 -12.71 29.14 20.51
N MET A 459 -13.16 29.90 19.52
CA MET A 459 -12.25 30.29 18.45
C MET A 459 -11.27 31.35 18.93
N SER A 460 -11.71 32.26 19.79
CA SER A 460 -10.78 33.19 20.42
C SER A 460 -9.80 32.46 21.32
N ALA A 461 -10.24 31.38 21.97
CA ALA A 461 -9.31 30.56 22.73
C ALA A 461 -8.26 29.95 21.81
N LEU A 462 -8.68 29.47 20.64
CA LEU A 462 -7.72 28.96 19.66
C LEU A 462 -6.75 30.04 19.23
N LEU A 463 -7.26 31.24 18.97
CA LEU A 463 -6.38 32.36 18.60
C LEU A 463 -5.39 32.67 19.70
N ASP A 464 -5.81 32.52 20.95
CA ASP A 464 -4.90 32.73 22.08
C ASP A 464 -3.78 31.71 22.05
N SER A 465 -4.10 30.46 21.70
CA SER A 465 -3.11 29.40 21.55
C SER A 465 -2.66 29.24 20.11
N ALA A 466 -2.94 30.23 19.25
CA ALA A 466 -2.52 30.14 17.86
C ALA A 466 -1.01 30.03 17.72
N HIS A 467 -0.24 30.48 18.71
CA HIS A 467 1.19 30.23 18.72
C HIS A 467 1.52 28.75 18.78
N LEU A 468 0.79 27.97 19.59
CA LEU A 468 0.93 26.53 19.61
C LEU A 468 0.36 25.88 18.36
N LEU A 469 -0.72 26.44 17.82
CA LEU A 469 -1.33 25.90 16.61
C LEU A 469 -0.53 26.24 15.36
N ALA A 470 0.45 27.13 15.47
CA ALA A 470 1.28 27.49 14.33
C ALA A 470 2.26 26.38 13.97
N SER A 471 2.29 25.30 14.74
CA SER A 471 3.21 24.20 14.48
C SER A 471 2.87 23.44 13.19
N SER A 472 1.68 23.65 12.63
CA SER A 472 1.25 22.95 11.42
C SER A 472 0.98 23.99 10.34
N THR A 473 2.02 24.34 9.58
CA THR A 473 1.92 25.31 8.51
C THR A 473 1.56 24.70 7.16
N GLN A 474 1.35 23.38 7.10
CA GLN A 474 1.02 22.73 5.84
C GLN A 474 -0.41 23.09 5.42
N ARG A 475 -0.60 23.25 4.11
CA ARG A 475 -1.93 23.59 3.59
C ARG A 475 -2.90 22.46 3.84
N ASN A 476 -4.18 22.81 3.98
CA ASN A 476 -5.25 21.90 4.37
C ASN A 476 -5.02 21.30 5.74
N GLY A 477 -4.18 21.93 6.56
CA GLY A 477 -3.89 21.51 7.91
C GLY A 477 -4.65 22.32 8.94
N ILE A 478 -4.02 22.51 10.10
CA ILE A 478 -4.66 23.26 11.18
C ILE A 478 -4.77 24.74 10.82
N CYS A 479 -3.95 25.20 9.88
CA CYS A 479 -4.06 26.58 9.41
C CYS A 479 -5.44 26.92 8.92
N GLU A 480 -6.16 25.95 8.33
CA GLU A 480 -7.55 26.19 7.98
C GLU A 480 -8.40 26.40 9.22
N VAL A 481 -8.11 25.68 10.31
CA VAL A 481 -8.81 25.93 11.56
C VAL A 481 -8.56 27.35 12.04
N LEU A 482 -7.30 27.80 11.93
CA LEU A 482 -6.98 29.19 12.28
C LEU A 482 -7.74 30.17 11.41
N TYR A 483 -7.80 29.88 10.10
CA TYR A 483 -8.67 30.61 9.17
C TYR A 483 -10.07 30.81 9.73
N ALA A 484 -10.77 29.69 9.96
CA ALA A 484 -12.16 29.76 10.39
C ALA A 484 -12.28 30.46 11.73
N ALA A 485 -11.35 30.19 12.64
CA ALA A 485 -11.40 30.76 13.98
C ALA A 485 -11.26 32.28 13.93
N ALA A 486 -10.22 32.75 13.27
CA ALA A 486 -10.00 34.19 13.16
C ALA A 486 -11.18 34.86 12.48
N TRP A 487 -11.71 34.22 11.42
CA TRP A 487 -12.89 34.79 10.78
C TRP A 487 -14.02 34.94 11.79
N ILE A 488 -14.57 33.84 12.28
CA ILE A 488 -15.82 33.97 13.03
C ILE A 488 -15.56 34.66 14.37
N CYS A 489 -14.30 34.90 14.73
CA CYS A 489 -14.03 35.87 15.79
C CYS A 489 -14.24 37.29 15.27
N GLY A 490 -13.79 37.57 14.05
CA GLY A 490 -13.98 38.90 13.49
C GLY A 490 -15.43 39.20 13.17
N GLU A 491 -16.09 38.28 12.47
CA GLU A 491 -17.46 38.51 12.03
C GLU A 491 -18.41 38.63 13.21
N PHE A 492 -18.21 37.81 14.24
CA PHE A 492 -19.08 37.78 15.41
C PHE A 492 -18.39 38.43 16.61
N SER A 493 -17.64 39.50 16.36
CA SER A 493 -16.85 40.13 17.41
C SER A 493 -17.71 40.76 18.50
N GLU A 494 -18.97 41.07 18.21
CA GLU A 494 -19.83 41.71 19.21
C GLU A 494 -20.01 40.85 20.45
N HIS A 495 -19.82 39.54 20.32
CA HIS A 495 -19.96 38.63 21.45
C HIS A 495 -18.62 38.31 22.11
N LEU A 496 -17.54 38.93 21.65
CA LEU A 496 -16.25 38.77 22.30
C LEU A 496 -16.23 39.48 23.65
N GLN A 497 -15.52 38.88 24.60
CA GLN A 497 -15.41 39.44 25.95
C GLN A 497 -14.10 40.21 26.16
N GLU A 498 -13.05 39.90 25.42
CA GLU A 498 -11.79 40.62 25.52
C GLU A 498 -11.28 40.97 24.12
N PRO A 499 -11.96 41.88 23.41
CA PRO A 499 -11.53 42.19 22.03
C PRO A 499 -10.12 42.72 21.94
N HIS A 500 -9.69 43.53 22.92
CA HIS A 500 -8.33 44.06 22.89
C HIS A 500 -7.29 42.95 23.02
N HIS A 501 -7.52 42.01 23.95
CA HIS A 501 -6.58 40.91 24.13
C HIS A 501 -6.49 40.04 22.89
N THR A 502 -7.64 39.67 22.33
CA THR A 502 -7.64 38.84 21.12
C THR A 502 -6.95 39.56 19.97
N LEU A 503 -7.23 40.85 19.82
CA LEU A 503 -6.63 41.63 18.74
C LEU A 503 -5.12 41.71 18.89
N GLU A 504 -4.63 41.99 20.08
CA GLU A 504 -3.18 42.03 20.30
C GLU A 504 -2.56 40.67 20.06
N ALA A 505 -3.21 39.61 20.53
CA ALA A 505 -2.67 38.26 20.34
C ALA A 505 -2.62 37.89 18.87
N MET A 506 -3.58 38.36 18.08
CA MET A 506 -3.57 38.00 16.66
C MET A 506 -2.85 39.04 15.81
N LEU A 507 -2.32 40.11 16.41
CA LEU A 507 -1.30 40.94 15.76
C LEU A 507 0.12 40.55 16.15
N ARG A 508 0.29 39.45 16.89
CA ARG A 508 1.62 39.07 17.34
C ARG A 508 2.51 38.71 16.15
N PRO A 509 3.81 39.01 16.25
CA PRO A 509 4.72 38.71 15.13
C PRO A 509 4.82 37.23 14.80
N ARG A 510 4.38 36.35 15.70
CA ARG A 510 4.44 34.91 15.44
C ARG A 510 3.64 34.54 14.19
N VAL A 511 2.61 35.34 13.87
CA VAL A 511 1.69 34.99 12.79
C VAL A 511 2.35 35.14 11.43
N THR A 512 3.52 35.80 11.36
CA THR A 512 4.12 36.09 10.07
C THR A 512 4.63 34.86 9.34
N THR A 513 4.68 33.70 10.01
CA THR A 513 5.19 32.48 9.40
C THR A 513 4.08 31.65 8.75
N LEU A 514 2.82 32.03 8.96
CA LEU A 514 1.71 31.26 8.43
C LEU A 514 1.57 31.44 6.92
N PRO A 515 0.99 30.47 6.22
CA PRO A 515 0.81 30.61 4.78
C PRO A 515 -0.12 31.76 4.42
N GLY A 516 -0.08 32.13 3.14
CA GLY A 516 -0.61 33.39 2.65
C GLY A 516 -2.02 33.78 3.01
N HIS A 517 -3.02 33.07 2.47
CA HIS A 517 -4.40 33.50 2.66
C HIS A 517 -4.83 33.49 4.12
N ILE A 518 -4.19 32.66 4.96
CA ILE A 518 -4.41 32.75 6.39
C ILE A 518 -3.98 34.11 6.92
N GLN A 519 -2.79 34.58 6.53
CA GLN A 519 -2.35 35.90 6.98
C GLN A 519 -3.26 36.99 6.41
N ALA A 520 -3.68 36.82 5.16
CA ALA A 520 -4.58 37.80 4.55
C ALA A 520 -5.88 37.92 5.34
N VAL A 521 -6.51 36.79 5.64
CA VAL A 521 -7.78 36.82 6.37
C VAL A 521 -7.54 37.31 7.79
N TYR A 522 -6.37 37.04 8.37
CA TYR A 522 -6.05 37.59 9.68
C TYR A 522 -6.05 39.11 9.64
N VAL A 523 -5.44 39.69 8.61
CA VAL A 523 -5.43 41.16 8.50
C VAL A 523 -6.85 41.67 8.26
N GLN A 524 -7.62 40.94 7.45
CA GLN A 524 -9.02 41.29 7.22
C GLN A 524 -9.80 41.31 8.52
N ASN A 525 -9.50 40.39 9.43
CA ASN A 525 -10.10 40.40 10.75
C ASN A 525 -9.52 41.46 11.67
N VAL A 526 -8.25 41.85 11.45
CA VAL A 526 -7.66 42.95 12.21
C VAL A 526 -8.49 44.20 11.99
N VAL A 527 -8.84 44.47 10.72
CA VAL A 527 -9.59 45.70 10.46
C VAL A 527 -11.00 45.61 11.02
N LYS A 528 -11.61 44.42 11.00
CA LYS A 528 -12.91 44.24 11.64
C LYS A 528 -12.85 44.52 13.14
N LEU A 529 -11.84 43.97 13.81
CA LEU A 529 -11.67 44.21 15.24
C LEU A 529 -11.41 45.67 15.52
N TYR A 530 -10.64 46.34 14.66
CA TYR A 530 -10.47 47.79 14.78
C TYR A 530 -11.81 48.49 14.73
N ALA A 531 -12.66 48.14 13.76
CA ALA A 531 -13.95 48.79 13.66
C ALA A 531 -14.78 48.58 14.92
N SER A 532 -14.85 47.33 15.39
CA SER A 532 -15.68 47.03 16.57
C SER A 532 -15.16 47.76 17.80
N ILE A 533 -13.86 47.68 18.07
CA ILE A 533 -13.32 48.29 19.27
C ILE A 533 -13.38 49.81 19.17
N LEU A 534 -13.21 50.38 17.97
CA LEU A 534 -13.31 51.82 17.81
C LEU A 534 -14.72 52.31 18.09
N GLN A 535 -15.72 51.58 17.59
CA GLN A 535 -17.11 51.92 17.92
C GLN A 535 -17.34 51.83 19.42
N GLN A 536 -16.83 50.76 20.06
CA GLN A 536 -17.01 50.60 21.49
C GLN A 536 -16.38 51.76 22.27
N LYS A 537 -15.16 52.15 21.90
CA LYS A 537 -14.45 53.21 22.62
C LYS A 537 -15.09 54.57 22.39
N GLU A 538 -15.54 54.86 21.16
CA GLU A 538 -16.13 56.17 20.91
C GLU A 538 -17.52 56.29 21.52
N GLN A 539 -18.25 55.18 21.62
CA GLN A 539 -19.59 55.24 22.17
C GLN A 539 -19.57 55.69 23.63
N ALA A 540 -18.57 55.24 24.39
CA ALA A 540 -18.40 55.70 25.76
C ALA A 540 -17.55 56.97 25.86
N GLY A 541 -16.98 57.43 24.76
CA GLY A 541 -16.17 58.64 24.77
C GLY A 541 -14.71 58.44 25.09
N GLU A 542 -14.20 57.20 25.04
CA GLU A 542 -12.81 56.91 25.37
C GLU A 542 -11.93 57.17 24.14
N ALA A 543 -11.68 58.46 23.89
CA ALA A 543 -10.88 58.85 22.74
C ALA A 543 -9.43 58.44 22.90
N GLU A 544 -8.89 58.54 24.12
CA GLU A 544 -7.48 58.24 24.34
C GLU A 544 -7.17 56.78 24.06
N GLY A 545 -8.05 55.87 24.48
CA GLY A 545 -7.85 54.47 24.17
C GLY A 545 -7.87 54.18 22.68
N ALA A 546 -8.80 54.82 21.96
CA ALA A 546 -8.86 54.66 20.52
C ALA A 546 -7.58 55.17 19.85
N GLN A 547 -7.07 56.32 20.32
CA GLN A 547 -5.81 56.82 19.79
C GLN A 547 -4.67 55.86 20.08
N ALA A 548 -4.65 55.27 21.27
CA ALA A 548 -3.61 54.30 21.62
C ALA A 548 -3.67 53.07 20.73
N VAL A 549 -4.87 52.55 20.50
CA VAL A 549 -5.00 51.33 19.70
C VAL A 549 -4.65 51.59 18.24
N THR A 550 -5.08 52.74 17.73
CA THR A 550 -4.66 53.14 16.39
C THR A 550 -3.14 53.27 16.33
N GLN A 551 -2.52 53.83 17.37
CA GLN A 551 -1.05 53.90 17.39
C GLN A 551 -0.42 52.51 17.43
N LEU A 552 -1.07 51.55 18.10
CA LEU A 552 -0.57 50.18 18.07
C LEU A 552 -0.56 49.62 16.65
N MET A 553 -1.69 49.68 15.95
CA MET A 553 -1.71 49.08 14.61
C MET A 553 -1.01 49.94 13.57
N VAL A 554 -0.73 51.20 13.88
CA VAL A 554 0.19 51.89 12.98
C VAL A 554 1.62 51.46 13.25
N ASP A 555 1.87 50.72 14.33
CA ASP A 555 3.17 50.13 14.58
C ASP A 555 3.19 48.62 14.34
N ARG A 556 2.07 48.04 13.91
CA ARG A 556 1.97 46.60 13.75
C ARG A 556 1.71 46.19 12.31
N LEU A 557 0.79 46.88 11.63
CA LEU A 557 0.50 46.53 10.24
C LEU A 557 1.72 46.49 9.32
N PRO A 558 2.78 47.29 9.52
CA PRO A 558 3.96 47.13 8.66
C PRO A 558 4.56 45.73 8.65
N GLN A 559 4.50 44.98 9.76
CA GLN A 559 5.06 43.63 9.72
C GLN A 559 4.27 42.71 8.80
N PHE A 560 2.99 43.02 8.53
CA PHE A 560 2.28 42.44 7.41
C PHE A 560 2.68 43.05 6.08
N VAL A 561 2.94 44.36 6.05
CA VAL A 561 3.30 45.03 4.80
C VAL A 561 4.62 44.49 4.27
N GLN A 562 5.51 44.06 5.16
CA GLN A 562 6.84 43.62 4.74
C GLN A 562 6.85 42.19 4.21
N SER A 563 5.70 41.51 4.19
CA SER A 563 5.66 40.11 3.80
C SER A 563 5.92 39.95 2.30
N ALA A 564 5.84 38.71 1.82
CA ALA A 564 6.08 38.41 0.42
C ALA A 564 4.83 37.93 -0.32
N ASP A 565 3.80 37.48 0.39
CA ASP A 565 2.64 36.92 -0.26
C ASP A 565 1.77 38.00 -0.87
N LEU A 566 1.29 37.76 -2.09
CA LEU A 566 0.64 38.81 -2.89
C LEU A 566 -0.56 39.43 -2.19
N GLU A 567 -1.60 38.63 -1.95
CA GLU A 567 -2.80 39.17 -1.32
C GLU A 567 -2.47 39.79 0.02
N VAL A 568 -1.49 39.22 0.72
CA VAL A 568 -1.00 39.82 1.95
C VAL A 568 -0.48 41.23 1.69
N GLN A 569 0.33 41.39 0.64
CA GLN A 569 0.87 42.71 0.35
C GLN A 569 -0.24 43.70 0.03
N GLU A 570 -1.17 43.31 -0.83
CA GLU A 570 -2.26 44.21 -1.21
C GLU A 570 -3.07 44.63 0.01
N ARG A 571 -3.53 43.63 0.79
CA ARG A 571 -4.37 43.89 1.94
C ARG A 571 -3.63 44.76 2.97
N ALA A 572 -2.38 44.39 3.25
CA ALA A 572 -1.61 45.11 4.26
C ALA A 572 -1.35 46.55 3.85
N SER A 573 -0.98 46.77 2.59
CA SER A 573 -0.74 48.13 2.13
C SER A 573 -2.01 48.96 2.22
N CYS A 574 -3.13 48.43 1.70
CA CYS A 574 -4.38 49.18 1.71
C CYS A 574 -4.81 49.49 3.13
N ILE A 575 -4.75 48.51 4.02
CA ILE A 575 -5.25 48.70 5.37
C ILE A 575 -4.31 49.58 6.18
N LEU A 576 -3.00 49.49 5.93
CA LEU A 576 -2.06 50.37 6.62
C LEU A 576 -2.29 51.82 6.23
N GLN A 577 -2.42 52.09 4.93
CA GLN A 577 -2.72 53.47 4.52
C GLN A 577 -4.06 53.92 5.10
N LEU A 578 -5.05 53.04 5.05
CA LEU A 578 -6.36 53.33 5.61
C LEU A 578 -6.24 53.75 7.08
N VAL A 579 -5.57 52.93 7.89
CA VAL A 579 -5.50 53.15 9.33
C VAL A 579 -4.70 54.41 9.64
N LYS A 580 -3.55 54.61 8.96
CA LYS A 580 -2.75 55.78 9.27
C LYS A 580 -3.49 57.06 8.91
N HIS A 581 -4.20 57.07 7.79
CA HIS A 581 -4.80 58.33 7.39
C HIS A 581 -6.10 58.54 8.15
N ILE A 582 -6.71 57.45 8.63
CA ILE A 582 -7.77 57.55 9.63
C ILE A 582 -7.23 58.16 10.92
N GLN A 583 -6.01 57.81 11.31
CA GLN A 583 -5.39 58.45 12.46
C GLN A 583 -5.21 59.94 12.22
N LYS A 584 -4.80 60.31 11.01
CA LYS A 584 -4.75 61.72 10.63
C LYS A 584 -6.11 62.38 10.80
N LEU A 585 -7.18 61.70 10.38
CA LEU A 585 -8.53 62.21 10.58
C LEU A 585 -8.85 62.36 12.06
N GLN A 586 -8.47 61.38 12.87
CA GLN A 586 -8.75 61.44 14.30
C GLN A 586 -8.02 62.61 14.95
N ALA A 587 -6.86 62.98 14.41
CA ALA A 587 -6.20 64.19 14.88
C ALA A 587 -7.07 65.42 14.67
N LYS A 588 -7.98 65.35 13.69
CA LYS A 588 -8.97 66.40 13.45
C LYS A 588 -10.26 66.16 14.23
N ASP A 589 -10.31 65.12 15.05
CA ASP A 589 -11.47 64.79 15.88
C ASP A 589 -12.68 64.44 15.03
N VAL A 590 -12.51 63.47 14.13
CA VAL A 590 -13.58 63.00 13.26
C VAL A 590 -14.09 61.66 13.78
N PRO A 591 -15.40 61.48 13.98
CA PRO A 591 -15.92 60.19 14.43
C PRO A 591 -15.85 59.13 13.34
N VAL A 592 -14.65 58.60 13.11
CA VAL A 592 -14.42 57.65 12.03
C VAL A 592 -15.01 56.27 12.34
N ALA A 593 -15.50 56.07 13.56
CA ALA A 593 -16.00 54.76 13.95
C ALA A 593 -17.22 54.36 13.13
N GLU A 594 -18.15 55.28 12.89
CA GLU A 594 -19.33 54.96 12.09
C GLU A 594 -18.93 54.55 10.69
N GLU A 595 -17.99 55.28 10.07
CA GLU A 595 -17.54 54.94 8.73
C GLU A 595 -16.84 53.59 8.68
N VAL A 596 -15.94 53.32 9.63
CA VAL A 596 -15.22 52.04 9.60
C VAL A 596 -16.19 50.89 9.87
N SER A 597 -17.19 51.10 10.72
CA SER A 597 -18.20 50.07 10.93
C SER A 597 -19.02 49.84 9.67
N ALA A 598 -19.39 50.92 8.97
CA ALA A 598 -20.12 50.78 7.71
C ALA A 598 -19.27 50.08 6.67
N LEU A 599 -17.94 50.16 6.79
CA LEU A 599 -17.06 49.46 5.86
C LEU A 599 -17.29 47.96 5.88
N PHE A 600 -17.84 47.42 6.97
CA PHE A 600 -18.03 45.99 7.11
C PHE A 600 -19.42 45.61 7.63
N ALA A 601 -20.41 46.46 7.40
CA ALA A 601 -21.77 46.17 7.85
C ALA A 601 -22.49 45.25 6.87
N LEU B 47 0.11 -21.98 18.47
CA LEU B 47 1.51 -22.18 18.79
C LEU B 47 1.72 -22.36 20.30
N LYS B 48 0.69 -22.87 20.97
CA LYS B 48 0.82 -23.13 22.41
C LYS B 48 1.64 -24.39 22.67
N GLN B 49 1.38 -25.45 21.90
CA GLN B 49 1.84 -26.79 22.28
C GLN B 49 3.34 -26.85 22.48
N MET B 50 4.11 -26.33 21.52
CA MET B 50 5.56 -26.35 21.69
C MET B 50 6.01 -25.32 22.71
N LEU B 51 5.11 -24.40 23.10
CA LEU B 51 5.44 -23.52 24.23
C LEU B 51 5.40 -24.27 25.55
N GLU B 52 4.35 -25.04 25.82
CA GLU B 52 4.44 -25.85 27.05
C GLU B 52 5.13 -27.19 26.81
N SER B 53 5.53 -27.50 25.58
CA SER B 53 6.36 -28.68 25.34
C SER B 53 7.68 -28.53 26.09
N ASN B 54 8.12 -29.64 26.70
CA ASN B 54 9.31 -29.61 27.53
C ASN B 54 10.59 -29.33 26.75
N LYS B 55 10.66 -29.75 25.48
CA LYS B 55 11.88 -29.65 24.70
C LYS B 55 12.21 -28.18 24.46
N ASP B 56 13.43 -27.79 24.81
CA ASP B 56 13.81 -26.38 24.73
C ASP B 56 13.92 -25.89 23.29
N SER B 57 14.28 -26.77 22.36
CA SER B 57 14.40 -26.36 20.96
C SER B 57 13.05 -25.93 20.41
N ALA B 58 11.98 -26.61 20.81
CA ALA B 58 10.64 -26.20 20.39
C ALA B 58 10.31 -24.80 20.92
N LYS B 59 10.67 -24.52 22.17
CA LYS B 59 10.46 -23.19 22.73
C LYS B 59 11.26 -22.15 21.97
N LEU B 60 12.51 -22.46 21.63
CA LEU B 60 13.35 -21.52 20.90
C LEU B 60 12.77 -21.23 19.51
N ASP B 61 12.29 -22.27 18.84
CA ASP B 61 11.64 -22.09 17.54
C ASP B 61 10.41 -21.21 17.68
N ALA B 62 9.60 -21.47 18.71
CA ALA B 62 8.41 -20.64 18.93
C ALA B 62 8.79 -19.19 19.18
N MET B 63 9.85 -18.96 19.95
CA MET B 63 10.30 -17.59 20.20
C MET B 63 10.75 -16.90 18.92
N LYS B 64 11.52 -17.59 18.08
CA LYS B 64 11.95 -16.97 16.83
C LYS B 64 10.74 -16.65 15.95
N ARG B 65 9.78 -17.59 15.90
CA ARG B 65 8.62 -17.39 15.05
C ARG B 65 7.74 -16.26 15.56
N ILE B 66 7.63 -16.09 16.88
CA ILE B 66 6.86 -14.98 17.42
C ILE B 66 7.63 -13.67 17.25
N VAL B 67 8.95 -13.73 17.22
CA VAL B 67 9.74 -12.53 16.87
C VAL B 67 9.39 -12.09 15.47
N GLY B 68 9.37 -13.03 14.52
CA GLY B 68 8.89 -12.71 13.18
C GLY B 68 7.45 -12.21 13.19
N MET B 69 6.61 -12.80 14.05
CA MET B 69 5.22 -12.41 14.15
C MET B 69 5.09 -10.94 14.53
N ILE B 70 5.84 -10.52 15.55
CA ILE B 70 5.88 -9.11 15.94
C ILE B 70 6.44 -8.27 14.82
N ALA B 71 7.47 -8.78 14.13
CA ALA B 71 8.03 -8.06 12.99
C ALA B 71 6.98 -7.76 11.94
N LYS B 72 6.02 -8.66 11.75
CA LYS B 72 4.95 -8.41 10.79
C LYS B 72 3.83 -7.59 11.39
N GLY B 73 3.99 -7.14 12.64
CA GLY B 73 3.00 -6.30 13.27
C GLY B 73 1.72 -7.00 13.69
N LYS B 74 1.81 -8.28 14.03
CA LYS B 74 0.61 -9.08 14.27
C LYS B 74 0.40 -9.31 15.75
N ASN B 75 -0.87 -9.45 16.14
CA ASN B 75 -1.25 -9.53 17.54
C ASN B 75 -0.98 -10.95 18.05
N ALA B 76 0.13 -11.11 18.77
CA ALA B 76 0.47 -12.36 19.43
C ALA B 76 0.30 -12.28 20.94
N SER B 77 -0.51 -11.34 21.43
CA SER B 77 -0.65 -11.13 22.87
C SER B 77 -1.41 -12.26 23.56
N GLU B 78 -2.25 -13.00 22.82
CA GLU B 78 -3.04 -14.05 23.44
C GLU B 78 -2.18 -15.15 24.02
N LEU B 79 -1.03 -15.44 23.43
CA LEU B 79 -0.14 -16.49 23.91
C LEU B 79 0.86 -16.00 24.95
N PHE B 80 0.62 -14.83 25.55
CA PHE B 80 1.46 -14.33 26.63
C PHE B 80 1.66 -15.28 27.80
N PRO B 81 0.62 -15.93 28.36
CA PRO B 81 0.84 -16.77 29.55
C PRO B 81 1.84 -17.89 29.32
N ALA B 82 1.84 -18.49 28.13
CA ALA B 82 2.81 -19.53 27.83
C ALA B 82 4.23 -19.02 27.78
N VAL B 83 4.44 -17.83 27.21
CA VAL B 83 5.78 -17.27 27.14
C VAL B 83 6.27 -16.89 28.53
N VAL B 84 5.42 -16.20 29.31
CA VAL B 84 5.85 -15.78 30.64
C VAL B 84 6.04 -16.98 31.55
N LYS B 85 5.39 -18.10 31.24
CA LYS B 85 5.66 -19.33 31.97
C LYS B 85 7.07 -19.83 31.70
N ASN B 86 7.67 -19.39 30.59
CA ASN B 86 9.02 -19.78 30.20
C ASN B 86 10.05 -18.76 30.71
N VAL B 87 9.62 -17.79 31.50
CA VAL B 87 10.52 -16.72 31.93
C VAL B 87 11.66 -17.26 32.78
N ALA B 88 11.46 -18.37 33.47
CA ALA B 88 12.48 -18.95 34.33
C ALA B 88 13.45 -19.87 33.59
N SER B 89 13.56 -19.72 32.28
CA SER B 89 14.44 -20.58 31.50
C SER B 89 15.90 -20.32 31.85
N LYS B 90 16.72 -21.36 31.72
CA LYS B 90 18.16 -21.25 31.89
C LYS B 90 18.90 -21.07 30.57
N ASN B 91 18.19 -21.03 29.45
CA ASN B 91 18.79 -20.86 28.13
C ASN B 91 18.90 -19.38 27.84
N ILE B 92 20.13 -18.90 27.65
CA ILE B 92 20.37 -17.47 27.50
C ILE B 92 19.65 -16.91 26.28
N GLU B 93 19.72 -17.61 25.15
CA GLU B 93 19.03 -17.14 23.94
C GLU B 93 17.52 -17.12 24.16
N ILE B 94 16.98 -18.18 24.76
CA ILE B 94 15.54 -18.22 25.05
C ILE B 94 15.18 -17.14 26.04
N LYS B 95 16.05 -16.88 27.03
CA LYS B 95 15.81 -15.80 27.97
C LYS B 95 15.72 -14.45 27.25
N LYS B 96 16.66 -14.19 26.35
CA LYS B 96 16.64 -12.94 25.60
C LYS B 96 15.37 -12.81 24.78
N LEU B 97 14.97 -13.90 24.12
CA LEU B 97 13.78 -13.83 23.26
C LEU B 97 12.52 -13.62 24.09
N VAL B 98 12.36 -14.36 25.18
CA VAL B 98 11.17 -14.19 26.02
C VAL B 98 11.16 -12.80 26.63
N TYR B 99 12.34 -12.25 26.93
CA TYR B 99 12.37 -10.91 27.51
C TYR B 99 12.02 -9.85 26.49
N VAL B 100 12.43 -10.04 25.23
CA VAL B 100 11.99 -9.13 24.18
C VAL B 100 10.48 -9.22 24.00
N TYR B 101 9.93 -10.44 24.09
CA TYR B 101 8.49 -10.61 24.03
C TYR B 101 7.81 -9.86 25.18
N LEU B 102 8.37 -9.97 26.38
CA LEU B 102 7.84 -9.24 27.53
C LEU B 102 7.89 -7.75 27.31
N VAL B 103 8.98 -7.25 26.74
CA VAL B 103 9.10 -5.82 26.46
C VAL B 103 8.01 -5.38 25.49
N ARG B 104 7.78 -6.18 24.45
CA ARG B 104 6.84 -5.76 23.41
C ARG B 104 5.38 -5.88 23.87
N TYR B 105 5.07 -6.87 24.71
CA TYR B 105 3.69 -7.12 25.14
C TYR B 105 3.47 -6.88 26.63
N ALA B 106 4.30 -6.06 27.28
CA ALA B 106 4.06 -5.74 28.67
C ALA B 106 2.88 -4.79 28.83
N GLU B 107 2.80 -3.75 27.98
CA GLU B 107 1.72 -2.79 28.06
C GLU B 107 0.39 -3.36 27.59
N GLU B 108 0.42 -4.46 26.84
CA GLU B 108 -0.82 -5.06 26.38
C GLU B 108 -1.47 -5.89 27.48
N GLN B 109 -0.75 -6.89 27.99
CA GLN B 109 -1.23 -7.72 29.10
C GLN B 109 -0.69 -7.20 30.43
N GLN B 110 -1.13 -6.00 30.80
CA GLN B 110 -0.62 -5.36 32.01
C GLN B 110 -0.97 -6.16 33.26
N ASP B 111 -2.22 -6.64 33.35
CA ASP B 111 -2.65 -7.35 34.56
C ASP B 111 -1.90 -8.67 34.72
N LEU B 112 -1.73 -9.42 33.61
CA LEU B 112 -1.02 -10.67 33.68
C LEU B 112 0.45 -10.47 34.03
N ALA B 113 1.06 -9.40 33.51
CA ALA B 113 2.43 -9.05 33.90
C ALA B 113 2.49 -8.69 35.37
N LEU B 114 1.47 -7.97 35.87
CA LEU B 114 1.40 -7.66 37.28
C LEU B 114 1.33 -8.92 38.13
N LEU B 115 0.66 -9.96 37.61
CA LEU B 115 0.58 -11.22 38.33
C LEU B 115 1.96 -11.84 38.49
N SER B 116 2.81 -11.69 37.49
CA SER B 116 4.13 -12.34 37.47
C SER B 116 5.27 -11.39 37.81
N ILE B 117 5.03 -10.38 38.65
CA ILE B 117 6.10 -9.45 38.98
C ILE B 117 7.19 -10.14 39.81
N SER B 118 6.80 -11.02 40.73
CA SER B 118 7.78 -11.63 41.62
C SER B 118 8.91 -12.28 40.86
N THR B 119 8.59 -12.92 39.73
CA THR B 119 9.62 -13.41 38.83
C THR B 119 10.52 -12.27 38.35
N PHE B 120 9.95 -11.09 38.15
CA PHE B 120 10.74 -9.98 37.64
C PHE B 120 11.70 -9.44 38.70
N GLN B 121 11.22 -9.26 39.94
CA GLN B 121 12.14 -8.83 40.99
C GLN B 121 13.19 -9.88 41.27
N ARG B 122 12.84 -11.16 41.14
CA ARG B 122 13.84 -12.21 41.27
C ARG B 122 14.87 -12.12 40.16
N ALA B 123 14.42 -11.85 38.93
CA ALA B 123 15.33 -11.75 37.80
C ALA B 123 16.22 -10.53 37.89
N LEU B 124 15.79 -9.51 38.65
CA LEU B 124 16.63 -8.32 38.82
C LEU B 124 17.98 -8.65 39.44
N LYS B 125 18.11 -9.78 40.13
CA LYS B 125 19.35 -10.17 40.77
C LYS B 125 20.17 -11.13 39.91
N ASP B 126 19.73 -11.43 38.70
CA ASP B 126 20.44 -12.35 37.84
C ASP B 126 21.84 -11.83 37.56
N PRO B 127 22.89 -12.62 37.82
CA PRO B 127 24.26 -12.11 37.61
C PRO B 127 24.56 -11.67 36.18
N ASN B 128 23.67 -11.93 35.22
CA ASN B 128 23.86 -11.48 33.86
C ASN B 128 23.39 -10.03 33.75
N GLN B 129 24.29 -9.15 33.31
CA GLN B 129 24.01 -7.72 33.20
C GLN B 129 22.89 -7.42 32.22
N LEU B 130 22.92 -8.06 31.05
CA LEU B 130 21.89 -7.83 30.04
C LEU B 130 20.52 -8.26 30.53
N ILE B 131 20.46 -9.39 31.24
CA ILE B 131 19.19 -9.84 31.81
C ILE B 131 18.69 -8.83 32.84
N ARG B 132 19.59 -8.28 33.66
CA ARG B 132 19.19 -7.25 34.62
C ARG B 132 18.61 -6.04 33.92
N ALA B 133 19.28 -5.56 32.86
CA ALA B 133 18.78 -4.40 32.14
C ALA B 133 17.42 -4.68 31.51
N SER B 134 17.27 -5.86 30.89
CA SER B 134 16.00 -6.19 30.25
C SER B 134 14.88 -6.31 31.27
N ALA B 135 15.16 -6.91 32.43
CA ALA B 135 14.13 -7.01 33.47
C ALA B 135 13.75 -5.63 33.99
N LEU B 136 14.73 -4.75 34.16
CA LEU B 136 14.44 -3.38 34.55
C LEU B 136 13.55 -2.71 33.52
N ARG B 137 13.85 -2.92 32.24
CA ARG B 137 13.01 -2.37 31.18
C ARG B 137 11.60 -2.93 31.24
N VAL B 138 11.47 -4.22 31.50
CA VAL B 138 10.15 -4.85 31.53
C VAL B 138 9.31 -4.26 32.66
N LEU B 139 9.89 -4.15 33.85
CA LEU B 139 9.13 -3.60 34.97
C LEU B 139 8.84 -2.12 34.74
N SER B 140 9.73 -1.41 34.05
CA SER B 140 9.45 -0.04 33.66
C SER B 140 8.25 0.06 32.74
N SER B 141 8.15 -0.84 31.75
CA SER B 141 7.08 -0.80 30.77
C SER B 141 5.70 -1.01 31.38
N ILE B 142 5.60 -1.67 32.52
CA ILE B 142 4.31 -1.91 33.17
C ILE B 142 3.80 -0.60 33.73
N ARG B 143 2.53 -0.28 33.46
CA ARG B 143 1.96 1.01 33.80
C ARG B 143 0.95 0.94 34.94
N VAL B 144 1.19 0.09 35.93
CA VAL B 144 0.31 0.04 37.11
C VAL B 144 0.72 1.16 38.06
N PRO B 145 -0.22 1.98 38.54
CA PRO B 145 0.15 3.09 39.44
C PRO B 145 0.67 2.64 40.80
N ILE B 146 0.59 1.35 41.12
CA ILE B 146 0.94 0.89 42.47
C ILE B 146 2.39 0.42 42.55
N ILE B 147 3.00 0.02 41.43
CA ILE B 147 4.30 -0.62 41.47
C ILE B 147 5.41 0.35 41.86
N VAL B 148 5.12 1.66 41.81
CA VAL B 148 6.10 2.74 41.94
C VAL B 148 7.19 2.48 42.98
N PRO B 149 6.88 2.13 44.24
CA PRO B 149 7.97 1.86 45.20
C PRO B 149 8.85 0.68 44.82
N ILE B 150 8.28 -0.34 44.18
CA ILE B 150 9.09 -1.46 43.71
C ILE B 150 10.13 -0.95 42.71
N MET B 151 9.72 -0.03 41.84
CA MET B 151 10.68 0.48 40.89
C MET B 151 11.61 1.49 41.55
N MET B 152 11.19 2.10 42.67
CA MET B 152 12.14 2.85 43.48
C MET B 152 13.30 1.96 43.90
N LEU B 153 12.99 0.82 44.52
CA LEU B 153 14.06 -0.05 44.99
C LEU B 153 14.87 -0.59 43.82
N ALA B 154 14.20 -0.90 42.71
CA ALA B 154 14.89 -1.40 41.53
C ALA B 154 15.88 -0.37 40.99
N ILE B 155 15.45 0.89 40.84
CA ILE B 155 16.34 1.88 40.24
C ILE B 155 17.46 2.25 41.19
N LYS B 156 17.20 2.31 42.49
CA LYS B 156 18.28 2.63 43.42
C LYS B 156 19.31 1.51 43.45
N GLU B 157 18.86 0.26 43.39
CA GLU B 157 19.81 -0.85 43.28
C GLU B 157 20.59 -0.79 41.97
N ALA B 158 19.91 -0.50 40.86
CA ALA B 158 20.58 -0.43 39.56
C ALA B 158 21.62 0.68 39.53
N SER B 159 21.28 1.84 40.09
CA SER B 159 22.25 2.91 40.23
C SER B 159 23.42 2.49 41.12
N ALA B 160 23.13 1.75 42.19
CA ALA B 160 24.19 1.21 43.03
C ALA B 160 24.95 0.07 42.36
N ASP B 161 24.45 -0.45 41.23
CA ASP B 161 25.13 -1.55 40.57
C ASP B 161 26.45 -1.08 39.97
N LEU B 162 27.44 -1.97 40.00
CA LEU B 162 28.77 -1.62 39.49
C LEU B 162 28.82 -1.61 37.97
N SER B 163 27.93 -2.33 37.31
CA SER B 163 27.97 -2.45 35.85
C SER B 163 27.53 -1.15 35.21
N PRO B 164 28.36 -0.54 34.34
CA PRO B 164 27.93 0.71 33.69
C PRO B 164 26.70 0.55 32.82
N TYR B 165 26.53 -0.60 32.17
CA TYR B 165 25.37 -0.82 31.32
C TYR B 165 24.09 -0.72 32.13
N VAL B 166 24.09 -1.35 33.31
CA VAL B 166 22.94 -1.27 34.20
C VAL B 166 22.72 0.16 34.65
N ARG B 167 23.80 0.93 34.81
CA ARG B 167 23.64 2.33 35.23
C ARG B 167 22.96 3.16 34.15
N LYS B 168 23.38 3.00 32.89
CA LYS B 168 22.71 3.76 31.83
C LYS B 168 21.27 3.31 31.67
N ASN B 169 21.00 2.01 31.78
CA ASN B 169 19.62 1.55 31.72
C ASN B 169 18.83 2.01 32.94
N ALA B 170 19.52 2.30 34.04
CA ALA B 170 18.84 2.89 35.20
C ALA B 170 18.48 4.34 34.95
N ALA B 171 19.34 5.05 34.22
CA ALA B 171 18.94 6.38 33.77
C ALA B 171 17.72 6.30 32.87
N HIS B 172 17.69 5.30 31.98
CA HIS B 172 16.50 5.07 31.18
C HIS B 172 15.30 4.77 32.08
N ALA B 173 15.52 4.01 33.14
CA ALA B 173 14.43 3.66 34.05
C ALA B 173 13.90 4.91 34.75
N ILE B 174 14.78 5.81 35.17
CA ILE B 174 14.31 6.99 35.88
C ILE B 174 13.59 7.95 34.94
N GLN B 175 14.03 8.07 33.68
CA GLN B 175 13.24 8.87 32.75
C GLN B 175 11.89 8.23 32.49
N LYS B 176 11.84 6.89 32.43
CA LYS B 176 10.58 6.20 32.29
C LYS B 176 9.66 6.47 33.48
N LEU B 177 10.23 6.47 34.68
CA LEU B 177 9.44 6.78 35.87
C LEU B 177 8.91 8.21 35.83
N TYR B 178 9.74 9.17 35.42
CA TYR B 178 9.26 10.54 35.34
C TYR B 178 8.15 10.66 34.31
N SER B 179 8.22 9.88 33.23
CA SER B 179 7.09 9.76 32.34
C SER B 179 5.89 9.08 33.01
N LEU B 180 6.15 8.26 34.03
CA LEU B 180 5.06 7.59 34.75
C LEU B 180 4.52 8.44 35.88
N ASP B 181 5.40 8.96 36.75
CA ASP B 181 4.97 9.76 37.90
C ASP B 181 5.86 10.98 38.01
N PRO B 182 5.32 12.18 37.76
CA PRO B 182 6.10 13.40 38.02
C PRO B 182 6.39 13.67 39.49
N GLU B 183 5.60 13.14 40.41
CA GLU B 183 5.71 13.49 41.83
C GLU B 183 6.92 12.87 42.52
N GLN B 184 7.52 11.84 41.94
CA GLN B 184 8.69 11.18 42.49
C GLN B 184 9.99 11.89 42.11
N LYS B 185 9.88 13.15 41.68
CA LYS B 185 11.03 13.89 41.18
C LYS B 185 12.10 14.10 42.22
N GLU B 186 11.77 14.09 43.52
CA GLU B 186 12.78 14.34 44.54
C GLU B 186 13.82 13.22 44.58
N MET B 187 13.38 12.00 44.83
CA MET B 187 14.32 10.89 44.80
C MET B 187 14.82 10.63 43.39
N LEU B 188 14.07 11.04 42.36
CA LEU B 188 14.66 11.04 41.02
C LEU B 188 15.90 11.92 40.96
N ILE B 189 15.81 13.13 41.52
CA ILE B 189 16.96 14.05 41.50
C ILE B 189 18.10 13.49 42.33
N GLU B 190 17.81 12.83 43.45
CA GLU B 190 18.93 12.30 44.24
C GLU B 190 19.62 11.17 43.48
N VAL B 191 18.85 10.33 42.77
CA VAL B 191 19.47 9.32 41.92
C VAL B 191 20.30 9.98 40.83
N ILE B 192 19.82 11.09 40.28
CA ILE B 192 20.59 11.83 39.28
C ILE B 192 21.90 12.31 39.87
N GLU B 193 21.86 12.82 41.10
CA GLU B 193 23.06 13.30 41.76
C GLU B 193 24.07 12.18 41.93
N LYS B 194 23.60 11.01 42.35
CA LYS B 194 24.51 9.87 42.46
C LYS B 194 25.08 9.48 41.10
N LEU B 195 24.24 9.46 40.07
CA LEU B 195 24.69 8.99 38.76
C LEU B 195 25.69 9.93 38.11
N LEU B 196 25.46 11.24 38.23
CA LEU B 196 26.31 12.21 37.55
C LEU B 196 27.75 12.18 38.07
N LYS B 197 27.98 11.62 39.25
CA LYS B 197 29.32 11.52 39.80
C LYS B 197 30.17 10.45 39.12
N ASP B 198 29.54 9.50 38.44
CA ASP B 198 30.27 8.39 37.82
C ASP B 198 31.20 8.92 36.72
N LYS B 199 32.38 8.31 36.63
CA LYS B 199 33.42 8.82 35.73
C LYS B 199 33.25 8.32 34.30
N SER B 200 32.59 7.19 34.09
CA SER B 200 32.52 6.59 32.76
C SER B 200 31.72 7.46 31.81
N THR B 201 32.22 7.61 30.58
CA THR B 201 31.49 8.34 29.55
C THR B 201 30.26 7.58 29.08
N LEU B 202 30.35 6.24 29.03
CA LEU B 202 29.23 5.42 28.61
C LEU B 202 27.99 5.73 29.44
N VAL B 203 28.14 5.72 30.76
CA VAL B 203 27.03 6.13 31.61
C VAL B 203 26.78 7.63 31.51
N ALA B 204 27.83 8.41 31.29
CA ALA B 204 27.71 9.87 31.36
C ALA B 204 26.74 10.39 30.30
N GLY B 205 26.81 9.85 29.08
CA GLY B 205 25.92 10.31 28.04
C GLY B 205 24.46 10.12 28.39
N SER B 206 24.13 8.91 28.84
CA SER B 206 22.76 8.61 29.23
C SER B 206 22.33 9.45 30.42
N VAL B 207 23.24 9.66 31.37
CA VAL B 207 22.93 10.46 32.56
C VAL B 207 22.59 11.89 32.13
N VAL B 208 23.38 12.44 31.21
CA VAL B 208 23.12 13.80 30.73
C VAL B 208 21.77 13.85 30.01
N MET B 209 21.49 12.85 29.18
CA MET B 209 20.21 12.84 28.47
C MET B 209 19.04 12.80 29.45
N ALA B 210 19.14 11.95 30.47
CA ALA B 210 18.08 11.87 31.47
C ALA B 210 17.95 13.19 32.23
N PHE B 211 19.07 13.79 32.58
CA PHE B 211 19.06 15.06 33.31
C PHE B 211 18.34 16.14 32.49
N GLU B 212 18.60 16.17 31.18
CA GLU B 212 17.85 17.06 30.31
C GLU B 212 16.37 16.70 30.28
N GLU B 213 16.06 15.40 30.23
CA GLU B 213 14.66 14.99 30.10
C GLU B 213 13.83 15.39 31.31
N VAL B 214 14.36 15.21 32.51
CA VAL B 214 13.58 15.32 33.74
C VAL B 214 13.74 16.68 34.41
N CYS B 215 14.98 17.18 34.53
CA CYS B 215 15.26 18.38 35.32
C CYS B 215 16.14 19.33 34.52
N PRO B 216 15.55 20.08 33.59
CA PRO B 216 16.31 21.10 32.87
C PRO B 216 16.70 22.29 33.73
N ASP B 217 16.08 22.48 34.90
CA ASP B 217 16.24 23.71 35.66
C ASP B 217 17.31 23.62 36.75
N ARG B 218 17.55 22.44 37.31
CA ARG B 218 18.49 22.29 38.42
C ARG B 218 19.92 22.31 37.88
N ILE B 219 20.36 23.52 37.54
CA ILE B 219 21.64 23.71 36.86
C ILE B 219 22.83 23.37 37.76
N ASP B 220 22.68 23.52 39.07
CA ASP B 220 23.81 23.36 40.00
C ASP B 220 24.50 22.00 39.86
N LEU B 221 23.76 20.96 39.48
CA LEU B 221 24.36 19.64 39.31
C LEU B 221 25.45 19.68 38.25
N ILE B 222 25.22 20.39 37.14
CA ILE B 222 26.25 20.56 36.13
C ILE B 222 27.19 21.69 36.52
N HIS B 223 26.72 22.60 37.36
CA HIS B 223 27.59 23.66 37.88
C HIS B 223 28.71 23.06 38.72
N LYS B 224 28.52 21.81 39.16
CA LYS B 224 29.61 21.16 39.89
C LYS B 224 30.50 20.31 38.97
N ASN B 225 30.07 20.02 37.73
CA ASN B 225 30.74 19.01 36.90
C ASN B 225 31.01 19.47 35.47
N TYR B 226 30.93 20.77 35.17
CA TYR B 226 31.22 21.22 33.81
C TYR B 226 32.64 20.87 33.39
N ARG B 227 33.61 21.03 34.30
CA ARG B 227 34.99 20.68 33.96
C ARG B 227 35.14 19.19 33.69
N LYS B 228 34.49 18.34 34.50
CA LYS B 228 34.52 16.91 34.23
C LYS B 228 33.92 16.61 32.87
N LEU B 229 32.80 17.26 32.55
CA LEU B 229 32.15 17.04 31.26
C LEU B 229 33.05 17.44 30.10
N CYS B 230 33.71 18.60 30.20
CA CYS B 230 34.54 19.04 29.09
C CYS B 230 35.81 18.20 28.98
N ASN B 231 36.35 17.73 30.10
CA ASN B 231 37.47 16.80 30.06
C ASN B 231 37.08 15.48 29.41
N LEU B 232 35.89 14.98 29.72
CA LEU B 232 35.44 13.70 29.17
C LEU B 232 35.07 13.83 27.70
N LEU B 233 34.61 15.02 27.29
CA LEU B 233 34.04 15.18 25.95
C LEU B 233 35.05 14.89 24.86
N VAL B 234 36.35 14.85 25.21
CA VAL B 234 37.35 14.37 24.25
C VAL B 234 37.10 12.91 23.93
N ASP B 235 36.79 12.10 24.96
CA ASP B 235 36.65 10.66 24.79
C ASP B 235 35.21 10.17 24.86
N VAL B 236 34.23 11.07 25.04
CA VAL B 236 32.83 10.65 25.09
C VAL B 236 32.41 10.11 23.72
N GLU B 237 31.52 9.12 23.73
CA GLU B 237 31.00 8.55 22.51
C GLU B 237 30.23 9.60 21.72
N GLU B 238 30.17 9.42 20.40
CA GLU B 238 29.68 10.45 19.48
C GLU B 238 28.26 10.92 19.80
N TRP B 239 27.37 9.99 20.12
CA TRP B 239 26.03 10.38 20.52
C TRP B 239 26.06 11.15 21.83
N GLY B 240 26.83 10.64 22.80
CA GLY B 240 27.09 11.42 24.00
C GLY B 240 27.78 12.72 23.69
N GLN B 241 28.67 12.72 22.69
CA GLN B 241 29.27 13.97 22.24
C GLN B 241 28.18 14.98 21.90
N VAL B 242 27.21 14.58 21.08
CA VAL B 242 26.16 15.50 20.66
C VAL B 242 25.38 16.02 21.86
N VAL B 243 24.92 15.11 22.71
CA VAL B 243 24.06 15.50 23.82
C VAL B 243 24.82 16.41 24.78
N ILE B 244 26.03 16.03 25.15
CA ILE B 244 26.83 16.83 26.06
C ILE B 244 27.16 18.18 25.46
N ILE B 245 27.46 18.23 24.17
CA ILE B 245 27.76 19.50 23.52
C ILE B 245 26.55 20.44 23.60
N HIS B 246 25.35 19.91 23.32
CA HIS B 246 24.17 20.76 23.38
C HIS B 246 23.92 21.27 24.79
N MET B 247 24.03 20.40 25.80
CA MET B 247 23.76 20.85 27.16
C MET B 247 24.84 21.82 27.64
N LEU B 248 26.08 21.60 27.22
CA LEU B 248 27.15 22.55 27.53
C LEU B 248 26.89 23.89 26.86
N THR B 249 26.30 23.86 25.67
CA THR B 249 25.90 25.11 25.01
C THR B 249 24.88 25.85 25.84
N ARG B 250 23.87 25.14 26.33
CA ARG B 250 22.92 25.78 27.25
C ARG B 250 23.62 26.38 28.46
N TYR B 251 24.53 25.63 29.08
CA TYR B 251 25.15 26.11 30.31
C TYR B 251 26.01 27.34 30.02
N ALA B 252 26.71 27.33 28.89
CA ALA B 252 27.54 28.48 28.52
C ALA B 252 26.70 29.70 28.24
N ARG B 253 25.54 29.52 27.60
CA ARG B 253 24.65 30.65 27.35
C ARG B 253 24.05 31.19 28.64
N THR B 254 23.71 30.32 29.58
CA THR B 254 23.01 30.72 30.80
C THR B 254 23.90 31.26 31.91
N GLN B 255 25.13 30.74 32.05
CA GLN B 255 25.92 31.02 33.23
C GLN B 255 27.13 31.91 32.99
N PHE B 256 27.58 32.05 31.74
CA PHE B 256 28.81 32.76 31.43
C PHE B 256 28.51 34.09 30.72
N VAL B 257 29.49 35.00 30.76
CA VAL B 257 29.35 36.31 30.13
C VAL B 257 30.40 36.47 29.03
N SER B 258 30.43 37.67 28.41
CA SER B 258 31.05 37.91 27.11
C SER B 258 32.52 37.51 27.06
N PRO B 259 32.97 36.91 25.94
CA PRO B 259 34.35 36.45 25.77
C PRO B 259 35.33 37.60 25.57
N ASP B 294 37.90 34.91 30.27
CA ASP B 294 37.61 33.73 31.08
C ASP B 294 38.31 32.50 30.48
N PRO B 295 39.23 31.92 31.24
CA PRO B 295 39.93 30.73 30.75
C PRO B 295 39.00 29.56 30.45
N ASP B 296 37.92 29.40 31.21
CA ASP B 296 36.98 28.31 30.96
C ASP B 296 36.30 28.45 29.61
N HIS B 297 36.17 29.68 29.10
CA HIS B 297 35.66 29.86 27.75
C HIS B 297 36.58 29.20 26.73
N ARG B 298 37.90 29.42 26.88
CA ARG B 298 38.85 28.87 25.93
C ARG B 298 39.02 27.37 26.13
N LEU B 299 38.87 26.88 27.36
CA LEU B 299 39.04 25.45 27.63
C LEU B 299 38.04 24.63 26.84
N LEU B 300 36.79 25.09 26.78
CA LEU B 300 35.81 24.46 25.90
C LEU B 300 36.25 24.55 24.45
N ILE B 301 36.68 25.74 24.03
CA ILE B 301 37.07 25.95 22.63
C ILE B 301 38.34 25.17 22.31
N ARG B 302 39.30 25.17 23.24
CA ARG B 302 40.56 24.47 23.01
C ARG B 302 40.36 22.98 22.83
N ASN B 303 39.54 22.35 23.68
CA ASN B 303 39.29 20.92 23.59
C ASN B 303 38.33 20.55 22.47
N THR B 304 37.47 21.48 22.05
CA THR B 304 36.49 21.16 21.01
C THR B 304 37.12 21.20 19.62
N LYS B 305 38.27 21.84 19.49
CA LYS B 305 38.95 22.07 18.22
C LYS B 305 39.28 20.79 17.44
N PRO B 306 39.85 19.74 18.06
CA PRO B 306 40.20 18.55 17.27
C PRO B 306 39.01 17.86 16.63
N LEU B 307 37.80 18.11 17.11
CA LEU B 307 36.62 17.45 16.58
C LEU B 307 36.12 18.03 15.26
N LEU B 308 36.72 19.12 14.78
CA LEU B 308 36.35 19.65 13.47
C LEU B 308 36.64 18.64 12.36
N GLN B 309 37.65 17.81 12.52
CA GLN B 309 38.05 16.84 11.50
C GLN B 309 37.38 15.48 11.69
N SER B 310 36.47 15.36 12.65
CA SER B 310 35.84 14.08 12.94
C SER B 310 35.02 13.58 11.75
N ARG B 311 35.00 12.25 11.59
CA ARG B 311 34.19 11.66 10.53
C ARG B 311 32.70 11.85 10.78
N ASN B 312 32.29 11.90 12.05
CA ASN B 312 30.88 12.10 12.40
C ASN B 312 30.44 13.48 11.94
N ALA B 313 29.38 13.54 11.14
CA ALA B 313 28.80 14.83 10.81
C ALA B 313 28.20 15.48 12.05
N ALA B 314 27.55 14.69 12.90
CA ALA B 314 26.92 15.24 14.10
C ALA B 314 27.94 15.91 15.00
N VAL B 315 29.09 15.27 15.23
CA VAL B 315 30.14 15.91 16.03
C VAL B 315 30.59 17.20 15.35
N VAL B 316 30.87 17.13 14.05
CA VAL B 316 31.31 18.31 13.33
C VAL B 316 30.22 19.38 13.33
N MET B 317 28.97 18.96 13.11
CA MET B 317 27.85 19.90 13.13
C MET B 317 27.69 20.51 14.53
N ALA B 318 27.66 19.66 15.56
CA ALA B 318 27.50 20.16 16.92
C ALA B 318 28.66 21.06 17.32
N VAL B 319 29.88 20.65 16.99
CA VAL B 319 31.05 21.49 17.25
C VAL B 319 30.93 22.81 16.51
N ALA B 320 30.50 22.75 15.25
CA ALA B 320 30.32 23.97 14.47
C ALA B 320 29.26 24.88 15.09
N GLN B 321 28.09 24.33 15.40
CA GLN B 321 27.04 25.16 15.97
C GLN B 321 27.37 25.57 17.39
N LEU B 322 28.28 24.85 18.05
CA LEU B 322 28.84 25.33 19.31
C LEU B 322 29.56 26.66 19.11
N TYR B 323 30.48 26.70 18.14
CA TYR B 323 31.31 27.89 17.95
C TYR B 323 30.47 29.08 17.51
N TRP B 324 29.34 28.82 16.83
CA TRP B 324 28.48 29.90 16.38
C TRP B 324 27.91 30.70 17.56
N HIS B 325 27.76 30.05 18.71
CA HIS B 325 27.09 30.71 19.82
C HIS B 325 28.02 31.10 20.96
N ILE B 326 29.19 30.49 21.09
CA ILE B 326 30.10 30.78 22.19
C ILE B 326 31.41 31.40 21.70
N SER B 327 31.95 30.91 20.60
CA SER B 327 33.26 31.35 20.14
C SER B 327 33.21 32.80 19.65
N PRO B 328 34.31 33.53 19.78
CA PRO B 328 34.35 34.90 19.25
C PRO B 328 34.16 34.91 17.74
N LYS B 329 33.59 36.00 17.24
CA LYS B 329 33.30 36.12 15.81
C LYS B 329 34.56 36.07 14.96
N SER B 330 35.72 36.43 15.52
CA SER B 330 36.97 36.39 14.75
C SER B 330 37.56 34.98 14.67
N GLU B 331 37.03 34.04 15.45
CA GLU B 331 37.49 32.67 15.44
C GLU B 331 36.47 31.67 14.89
N ALA B 332 35.19 32.05 14.87
CA ALA B 332 34.14 31.13 14.44
C ALA B 332 34.22 30.82 12.95
N GLY B 333 34.97 31.63 12.19
CA GLY B 333 34.99 31.45 10.75
C GLY B 333 35.68 30.17 10.30
N ILE B 334 36.46 29.56 11.18
CA ILE B 334 37.29 28.41 10.82
C ILE B 334 36.42 27.20 10.46
N ILE B 335 35.22 27.13 11.03
CA ILE B 335 34.39 25.95 10.84
C ILE B 335 33.80 25.87 9.44
N SER B 336 33.86 26.97 8.67
CA SER B 336 33.32 26.95 7.33
C SER B 336 34.01 25.93 6.43
N LYS B 337 35.27 25.59 6.72
CA LYS B 337 35.98 24.58 5.94
C LYS B 337 35.33 23.21 6.11
N SER B 338 34.94 22.88 7.34
CA SER B 338 34.35 21.56 7.59
C SER B 338 32.91 21.50 7.10
N LEU B 339 32.17 22.61 7.21
CA LEU B 339 30.78 22.63 6.75
C LEU B 339 30.70 22.35 5.25
N VAL B 340 31.59 22.95 4.47
CA VAL B 340 31.67 22.63 3.05
C VAL B 340 32.08 21.18 2.85
N ARG B 341 33.02 20.70 3.67
CA ARG B 341 33.46 19.31 3.58
C ARG B 341 32.31 18.36 3.86
N LEU B 342 31.38 18.75 4.74
CA LEU B 342 30.24 17.90 5.05
C LEU B 342 29.27 17.77 3.88
N LEU B 343 29.32 18.70 2.93
CA LEU B 343 28.37 18.70 1.83
C LEU B 343 28.58 17.56 0.85
N ARG B 344 29.70 16.84 0.95
CA ARG B 344 29.94 15.67 0.13
C ARG B 344 29.29 14.42 0.68
N SER B 345 28.62 14.52 1.84
CA SER B 345 27.97 13.38 2.46
C SER B 345 26.71 13.00 1.68
N ASN B 346 25.97 12.03 2.21
CA ASN B 346 24.76 11.56 1.55
C ASN B 346 23.65 12.59 1.61
N ARG B 347 22.52 12.26 0.98
CA ARG B 347 21.45 13.22 0.77
C ARG B 347 20.88 13.81 2.07
N GLU B 348 20.51 12.94 3.01
CA GLU B 348 19.85 13.42 4.21
C GLU B 348 20.77 14.27 5.07
N VAL B 349 22.02 13.84 5.26
CA VAL B 349 22.94 14.61 6.09
C VAL B 349 23.21 15.98 5.49
N GLN B 350 23.47 16.02 4.18
CA GLN B 350 23.72 17.30 3.52
C GLN B 350 22.47 18.17 3.50
N TYR B 351 21.28 17.58 3.65
CA TYR B 351 20.07 18.38 3.74
C TYR B 351 20.06 19.24 4.99
N ILE B 352 20.46 18.65 6.13
CA ILE B 352 20.40 19.38 7.40
C ILE B 352 21.46 20.48 7.43
N VAL B 353 22.69 20.17 7.01
CA VAL B 353 23.77 21.15 7.09
C VAL B 353 23.46 22.35 6.20
N LEU B 354 22.73 22.12 5.11
CA LEU B 354 22.31 23.23 4.26
C LEU B 354 21.37 24.17 4.99
N GLN B 355 20.46 23.61 5.81
CA GLN B 355 19.64 24.46 6.67
C GLN B 355 20.50 25.25 7.64
N ASN B 356 21.47 24.59 8.26
CA ASN B 356 22.34 25.27 9.23
C ASN B 356 23.15 26.37 8.58
N ILE B 357 23.81 26.07 7.45
CA ILE B 357 24.62 27.07 6.78
C ILE B 357 23.78 28.23 6.31
N ALA B 358 22.59 27.94 5.77
CA ALA B 358 21.74 29.00 5.22
C ALA B 358 21.34 30.00 6.29
N THR B 359 20.98 29.51 7.49
CA THR B 359 20.63 30.42 8.58
C THR B 359 21.82 31.26 9.00
N MET B 360 22.98 30.62 9.22
CA MET B 360 24.10 31.33 9.81
C MET B 360 24.83 32.18 8.79
N SER B 361 24.55 31.98 7.50
CA SER B 361 25.19 32.79 6.47
C SER B 361 24.62 34.19 6.39
N ILE B 362 23.39 34.40 6.88
CA ILE B 362 22.77 35.71 6.79
C ILE B 362 23.53 36.73 7.63
N GLN B 363 23.90 36.35 8.85
CA GLN B 363 24.55 37.29 9.75
C GLN B 363 26.01 37.57 9.38
N ARG B 364 26.73 36.54 8.92
CA ARG B 364 28.14 36.67 8.54
C ARG B 364 28.29 36.18 7.09
N LYS B 365 28.11 37.08 6.14
CA LYS B 365 28.15 36.72 4.73
C LYS B 365 29.57 36.42 4.27
N GLY B 366 30.54 37.21 4.72
CA GLY B 366 31.90 37.07 4.25
C GLY B 366 32.54 35.75 4.67
N MET B 367 31.95 35.05 5.64
CA MET B 367 32.51 33.79 6.10
C MET B 367 32.50 32.74 5.01
N PHE B 368 31.40 32.60 4.27
CA PHE B 368 31.32 31.65 3.17
C PHE B 368 31.54 32.30 1.80
N GLU B 369 32.01 33.53 1.78
CA GLU B 369 32.39 34.19 0.53
C GLU B 369 33.45 33.40 -0.24
N PRO B 370 34.52 32.91 0.41
CA PRO B 370 35.53 32.15 -0.35
C PRO B 370 35.00 30.86 -0.97
N TYR B 371 33.88 30.32 -0.49
CA TYR B 371 33.34 29.07 -0.99
C TYR B 371 32.05 29.27 -1.79
N LEU B 372 31.97 30.34 -2.58
CA LEU B 372 30.80 30.56 -3.42
C LEU B 372 30.67 29.49 -4.49
N LYS B 373 31.80 29.06 -5.06
CA LYS B 373 31.77 28.10 -6.16
C LYS B 373 31.22 26.75 -5.73
N SER B 374 31.59 26.28 -4.53
CA SER B 374 31.10 25.00 -4.03
C SER B 374 29.59 24.99 -3.82
N PHE B 375 28.97 26.15 -3.71
CA PHE B 375 27.53 26.27 -3.51
C PHE B 375 26.77 26.34 -4.83
N TYR B 376 27.48 26.29 -5.96
CA TYR B 376 26.83 26.25 -7.25
C TYR B 376 26.05 24.94 -7.42
N VAL B 377 24.88 25.06 -8.03
CA VAL B 377 23.96 23.93 -8.13
C VAL B 377 24.48 22.92 -9.14
N ARG B 378 24.50 21.66 -8.75
CA ARG B 378 24.75 20.54 -9.66
C ARG B 378 23.42 19.90 -10.05
N SER B 379 23.34 19.44 -11.29
CA SER B 379 22.12 18.82 -11.79
C SER B 379 21.81 17.49 -11.10
N THR B 380 22.79 16.89 -10.43
CA THR B 380 22.57 15.59 -9.80
C THR B 380 21.76 15.67 -8.51
N ASP B 381 21.80 16.79 -7.81
CA ASP B 381 21.07 16.91 -6.55
C ASP B 381 19.57 17.01 -6.81
N PRO B 382 18.76 16.47 -5.90
CA PRO B 382 17.30 16.57 -6.06
C PRO B 382 16.79 17.97 -5.72
N THR B 383 15.47 18.12 -5.84
CA THR B 383 14.86 19.45 -5.95
C THR B 383 15.15 20.33 -4.73
N MET B 384 14.84 19.83 -3.53
CA MET B 384 14.91 20.71 -2.36
C MET B 384 16.35 20.97 -1.94
N ILE B 385 17.23 19.98 -2.09
CA ILE B 385 18.65 20.21 -1.82
C ILE B 385 19.22 21.22 -2.80
N LYS B 386 18.80 21.16 -4.07
CA LYS B 386 19.18 22.22 -5.00
C LYS B 386 18.59 23.56 -4.58
N THR B 387 17.35 23.56 -4.10
CA THR B 387 16.70 24.81 -3.70
C THR B 387 17.46 25.48 -2.57
N LEU B 388 17.95 24.68 -1.61
CA LEU B 388 18.65 25.25 -0.46
C LEU B 388 19.94 25.94 -0.87
N LYS B 389 20.66 25.37 -1.84
CA LYS B 389 21.90 25.99 -2.30
C LYS B 389 21.62 27.38 -2.87
N LEU B 390 20.52 27.53 -3.61
CA LEU B 390 20.18 28.82 -4.18
C LEU B 390 19.97 29.87 -3.08
N GLU B 391 19.28 29.49 -2.00
CA GLU B 391 19.02 30.43 -0.92
C GLU B 391 20.32 30.91 -0.29
N ILE B 392 21.29 30.00 -0.13
CA ILE B 392 22.60 30.41 0.38
C ILE B 392 23.27 31.36 -0.60
N LEU B 393 23.13 31.08 -1.89
CA LEU B 393 23.71 31.97 -2.90
C LEU B 393 23.09 33.35 -2.84
N THR B 394 21.83 33.44 -2.44
CA THR B 394 21.20 34.75 -2.21
C THR B 394 21.90 35.50 -1.09
N ASN B 395 22.22 34.81 0.00
CA ASN B 395 22.91 35.44 1.12
C ASN B 395 24.32 35.87 0.73
N LEU B 396 25.01 35.06 -0.08
CA LEU B 396 26.36 35.38 -0.51
C LEU B 396 26.39 36.37 -1.66
N ALA B 397 25.23 36.76 -2.19
CA ALA B 397 25.19 37.72 -3.29
C ALA B 397 25.73 39.07 -2.84
N ASN B 398 26.58 39.66 -3.67
CA ASN B 398 27.20 40.94 -3.37
C ASN B 398 27.61 41.60 -4.68
N GLU B 399 27.87 42.91 -4.60
CA GLU B 399 28.22 43.69 -5.78
C GLU B 399 29.54 43.24 -6.40
N ALA B 400 30.41 42.58 -5.65
CA ALA B 400 31.68 42.10 -6.19
C ALA B 400 31.54 40.81 -6.99
N ASN B 401 30.42 40.10 -6.84
CA ASN B 401 30.19 38.86 -7.58
C ASN B 401 28.77 38.72 -8.10
N ILE B 402 27.97 39.78 -8.09
CA ILE B 402 26.59 39.74 -8.57
C ILE B 402 26.57 39.34 -10.04
N SER B 403 27.56 39.83 -10.79
CA SER B 403 27.66 39.48 -12.21
C SER B 403 27.94 38.00 -12.42
N THR B 404 28.85 37.42 -11.62
CA THR B 404 29.21 36.02 -11.80
C THR B 404 28.01 35.11 -11.50
N LEU B 405 27.26 35.42 -10.45
CA LEU B 405 26.14 34.55 -10.06
C LEU B 405 24.96 34.73 -11.01
N LEU B 406 24.73 35.96 -11.50
CA LEU B 406 23.61 36.19 -12.40
C LEU B 406 23.77 35.38 -13.69
N ARG B 407 24.99 35.31 -14.21
CA ARG B 407 25.24 34.47 -15.38
C ARG B 407 24.99 33.01 -15.09
N GLU B 408 25.51 32.52 -13.95
CA GLU B 408 25.33 31.12 -13.59
C GLU B 408 23.86 30.80 -13.34
N PHE B 409 23.13 31.72 -12.72
CA PHE B 409 21.72 31.48 -12.41
C PHE B 409 20.90 31.38 -13.68
N GLN B 410 21.20 32.21 -14.68
CA GLN B 410 20.50 32.14 -15.96
C GLN B 410 20.67 30.77 -16.60
N THR B 411 21.84 30.14 -16.42
CA THR B 411 22.05 28.80 -16.94
C THR B 411 21.09 27.80 -16.30
N TYR B 412 20.85 27.93 -15.00
CA TYR B 412 19.97 27.02 -14.29
C TYR B 412 18.50 27.23 -14.63
N VAL B 413 18.15 28.37 -15.24
CA VAL B 413 16.75 28.70 -15.44
C VAL B 413 16.09 27.71 -16.40
N LYS B 414 16.78 27.38 -17.49
CA LYS B 414 16.26 26.47 -18.50
C LYS B 414 16.59 25.01 -18.18
N SER B 415 16.81 24.69 -16.91
CA SER B 415 16.98 23.29 -16.52
C SER B 415 15.66 22.55 -16.66
N GLN B 416 15.75 21.23 -16.86
CA GLN B 416 14.55 20.42 -17.01
C GLN B 416 13.74 20.33 -15.73
N ASP B 417 14.37 20.54 -14.57
CA ASP B 417 13.68 20.49 -13.28
C ASP B 417 12.84 21.76 -13.15
N LYS B 418 11.55 21.63 -13.46
CA LYS B 418 10.65 22.79 -13.42
C LYS B 418 10.53 23.37 -12.02
N GLN B 419 10.47 22.52 -10.99
CA GLN B 419 10.42 23.01 -9.63
C GLN B 419 11.69 23.76 -9.26
N PHE B 420 12.84 23.27 -9.69
CA PHE B 420 14.09 23.99 -9.46
C PHE B 420 14.10 25.35 -10.15
N ALA B 421 13.52 25.42 -11.35
CA ALA B 421 13.43 26.71 -12.03
C ALA B 421 12.57 27.69 -11.23
N ALA B 422 11.48 27.20 -10.64
CA ALA B 422 10.66 28.04 -9.79
C ALA B 422 11.47 28.60 -8.62
N ALA B 423 12.37 27.78 -8.07
CA ALA B 423 13.24 28.27 -7.01
C ALA B 423 14.30 29.21 -7.56
N THR B 424 14.87 28.87 -8.72
CA THR B 424 15.91 29.70 -9.31
C THR B 424 15.40 31.09 -9.67
N ILE B 425 14.20 31.16 -10.25
CA ILE B 425 13.64 32.44 -10.65
C ILE B 425 13.38 33.32 -9.43
N GLN B 426 12.90 32.73 -8.34
CA GLN B 426 12.73 33.50 -7.11
C GLN B 426 14.07 33.90 -6.52
N THR B 427 15.08 33.05 -6.72
CA THR B 427 16.40 33.32 -6.16
C THR B 427 17.01 34.59 -6.77
N ILE B 428 16.90 34.75 -8.09
CA ILE B 428 17.50 35.92 -8.74
C ILE B 428 16.72 37.19 -8.36
N GLY B 429 15.42 37.05 -8.12
CA GLY B 429 14.64 38.21 -7.72
C GLY B 429 15.09 38.81 -6.40
N ARG B 430 15.46 37.95 -5.45
CA ARG B 430 15.85 38.44 -4.13
C ARG B 430 17.17 39.20 -4.18
N CYS B 431 18.19 38.62 -4.83
CA CYS B 431 19.48 39.30 -4.92
C CYS B 431 19.38 40.56 -5.76
N ALA B 432 18.44 40.60 -6.72
CA ALA B 432 18.21 41.83 -7.47
C ALA B 432 17.73 42.94 -6.56
N THR B 433 16.87 42.61 -5.60
CA THR B 433 16.50 43.57 -4.57
C THR B 433 17.68 43.91 -3.69
N ASN B 434 18.52 42.92 -3.38
CA ASN B 434 19.70 43.15 -2.54
C ASN B 434 20.67 44.10 -3.22
N ILE B 435 20.89 43.93 -4.52
CA ILE B 435 21.85 44.73 -5.28
C ILE B 435 21.04 45.68 -6.16
N LEU B 436 20.90 46.92 -5.71
CA LEU B 436 20.12 47.90 -6.48
C LEU B 436 20.79 48.26 -7.79
N GLU B 437 22.11 48.06 -7.90
CA GLU B 437 22.83 48.39 -9.11
C GLU B 437 22.41 47.52 -10.30
N VAL B 438 22.11 46.25 -10.04
CA VAL B 438 21.81 45.29 -11.10
C VAL B 438 20.31 45.14 -11.32
N THR B 439 19.51 46.10 -10.88
CA THR B 439 18.06 45.99 -10.98
C THR B 439 17.62 45.80 -12.43
N ASP B 440 18.16 46.62 -13.34
CA ASP B 440 17.78 46.50 -14.74
C ASP B 440 18.45 45.32 -15.42
N THR B 441 19.72 45.04 -15.08
CA THR B 441 20.43 43.95 -15.74
C THR B 441 19.77 42.60 -15.49
N CYS B 442 19.34 42.34 -14.24
CA CYS B 442 18.51 41.16 -13.99
C CYS B 442 17.17 41.31 -14.69
N LEU B 443 16.63 42.53 -14.71
CA LEU B 443 15.34 42.79 -15.34
C LEU B 443 15.38 42.48 -16.83
N ASN B 444 16.45 42.87 -17.52
CA ASN B 444 16.53 42.63 -18.96
C ASN B 444 16.53 41.13 -19.27
N GLY B 445 17.21 40.34 -18.45
CA GLY B 445 17.17 38.90 -18.65
C GLY B 445 15.78 38.33 -18.50
N LEU B 446 15.03 38.84 -17.52
CA LEU B 446 13.71 38.29 -17.19
C LEU B 446 12.73 38.39 -18.36
N VAL B 447 12.73 39.53 -19.05
CA VAL B 447 11.74 39.76 -20.10
C VAL B 447 11.93 38.75 -21.23
N CYS B 448 13.17 38.38 -21.51
CA CYS B 448 13.41 37.33 -22.49
C CYS B 448 12.78 36.01 -22.07
N LEU B 449 12.79 35.73 -20.76
CA LEU B 449 12.17 34.52 -20.25
C LEU B 449 10.67 34.48 -20.49
N LEU B 450 10.03 35.65 -20.61
CA LEU B 450 8.59 35.70 -20.81
C LEU B 450 8.16 35.04 -22.12
N SER B 451 9.09 34.86 -23.06
CA SER B 451 8.77 34.30 -24.37
C SER B 451 8.85 32.78 -24.41
N ASN B 452 9.33 32.13 -23.36
CA ASN B 452 9.46 30.68 -23.40
C ASN B 452 8.12 30.01 -23.18
N ARG B 453 8.03 28.74 -23.57
CA ARG B 453 6.73 28.05 -23.63
C ARG B 453 6.36 27.39 -22.31
N ASP B 454 7.34 27.05 -21.46
CA ASP B 454 7.07 26.31 -20.23
C ASP B 454 6.12 27.12 -19.35
N GLU B 455 4.97 26.53 -19.02
CA GLU B 455 3.96 27.25 -18.26
C GLU B 455 4.44 27.62 -16.88
N ILE B 456 5.14 26.71 -16.21
CA ILE B 456 5.62 27.00 -14.85
C ILE B 456 6.68 28.09 -14.87
N VAL B 457 7.57 28.07 -15.84
CA VAL B 457 8.65 29.06 -15.89
C VAL B 457 8.08 30.44 -16.16
N VAL B 458 7.18 30.55 -17.13
CA VAL B 458 6.56 31.84 -17.43
C VAL B 458 5.69 32.30 -16.26
N ALA B 459 5.03 31.36 -15.58
CA ALA B 459 4.27 31.72 -14.39
C ALA B 459 5.19 32.24 -13.29
N GLU B 460 6.32 31.55 -13.07
CA GLU B 460 7.22 31.95 -12.00
C GLU B 460 8.05 33.17 -12.41
N SER B 461 8.24 33.37 -13.70
CA SER B 461 8.98 34.56 -14.16
C SER B 461 8.21 35.83 -13.84
N VAL B 462 6.90 35.83 -14.12
CA VAL B 462 6.12 37.06 -14.02
C VAL B 462 6.01 37.53 -12.57
N VAL B 463 5.91 36.60 -11.61
CA VAL B 463 5.80 37.01 -10.21
C VAL B 463 7.12 37.59 -9.71
N VAL B 464 8.24 37.01 -10.15
CA VAL B 464 9.55 37.55 -9.78
C VAL B 464 9.75 38.92 -10.40
N ILE B 465 9.33 39.09 -11.66
CA ILE B 465 9.33 40.41 -12.27
C ILE B 465 8.45 41.37 -11.48
N LYS B 466 7.28 40.88 -11.06
CA LYS B 466 6.31 41.72 -10.37
C LYS B 466 6.88 42.30 -9.08
N LYS B 467 7.67 41.50 -8.35
CA LYS B 467 8.33 42.02 -7.16
C LYS B 467 9.32 43.12 -7.51
N LEU B 468 9.90 43.05 -8.71
CA LEU B 468 10.94 44.01 -9.07
C LEU B 468 10.36 45.31 -9.60
N LEU B 469 9.20 45.27 -10.26
CA LEU B 469 8.59 46.50 -10.73
C LEU B 469 8.03 47.33 -9.57
N GLN B 470 7.53 46.67 -8.53
CA GLN B 470 7.05 47.41 -7.37
C GLN B 470 8.18 48.15 -6.67
N MET B 471 9.31 47.47 -6.46
CA MET B 471 10.42 48.10 -5.73
C MET B 471 11.02 49.25 -6.52
N GLN B 472 11.00 49.16 -7.85
CA GLN B 472 11.44 50.23 -8.73
C GLN B 472 10.20 50.72 -9.49
N PRO B 473 9.37 51.54 -8.86
CA PRO B 473 8.08 51.92 -9.46
C PRO B 473 8.24 52.93 -10.60
N ALA B 474 9.03 52.56 -11.59
CA ALA B 474 9.23 53.36 -12.78
C ALA B 474 8.29 52.90 -13.89
N GLN B 475 7.98 53.81 -14.80
CA GLN B 475 7.06 53.53 -15.90
C GLN B 475 7.78 52.65 -16.91
N HIS B 476 7.85 51.36 -16.61
CA HIS B 476 8.48 50.38 -17.48
C HIS B 476 7.43 49.86 -18.48
N GLY B 477 7.02 50.77 -19.37
CA GLY B 477 6.04 50.40 -20.39
C GLY B 477 6.55 49.30 -21.31
N GLU B 478 7.84 49.32 -21.63
CA GLU B 478 8.39 48.28 -22.48
C GLU B 478 8.31 46.90 -21.84
N ILE B 479 8.12 46.84 -20.53
CA ILE B 479 8.12 45.58 -19.79
C ILE B 479 6.72 45.07 -19.54
N ILE B 480 5.81 45.97 -19.13
CA ILE B 480 4.45 45.58 -18.83
C ILE B 480 3.70 45.19 -20.10
N LYS B 481 3.94 45.93 -21.19
CA LYS B 481 3.21 45.67 -22.43
C LYS B 481 3.51 44.28 -22.98
N HIS B 482 4.76 43.84 -22.89
CA HIS B 482 5.07 42.45 -23.19
C HIS B 482 4.39 41.51 -22.21
N MET B 483 4.38 41.89 -20.92
CA MET B 483 3.73 41.08 -19.91
C MET B 483 2.21 41.08 -20.06
N ALA B 484 1.63 42.22 -20.45
CA ALA B 484 0.18 42.35 -20.46
C ALA B 484 -0.48 41.42 -21.48
N LYS B 485 0.10 41.33 -22.68
CA LYS B 485 -0.48 40.46 -23.71
C LYS B 485 -0.26 38.99 -23.38
N LEU B 486 0.73 38.69 -22.55
CA LEU B 486 1.12 37.31 -22.28
C LEU B 486 0.06 36.59 -21.46
N LEU B 487 -0.86 37.33 -20.85
CA LEU B 487 -1.87 36.78 -19.94
C LEU B 487 -2.73 35.71 -20.59
N ASP B 488 -3.12 35.92 -21.85
CA ASP B 488 -4.09 35.05 -22.49
C ASP B 488 -3.59 33.62 -22.64
N SER B 489 -2.28 33.39 -22.52
CA SER B 489 -1.71 32.05 -22.58
C SER B 489 -1.34 31.53 -21.20
N ILE B 490 -1.76 32.20 -20.13
CA ILE B 490 -1.36 31.85 -18.77
C ILE B 490 -2.50 31.14 -18.07
N THR B 491 -2.19 30.04 -17.39
CA THR B 491 -3.19 29.25 -16.67
C THR B 491 -2.97 29.21 -15.17
N VAL B 492 -1.74 29.42 -14.70
CA VAL B 492 -1.42 29.30 -13.28
C VAL B 492 -2.10 30.42 -12.49
N PRO B 493 -2.82 30.08 -11.42
CA PRO B 493 -3.51 31.12 -10.65
C PRO B 493 -2.60 32.21 -10.10
N VAL B 494 -1.41 31.82 -9.62
CA VAL B 494 -0.48 32.80 -9.07
C VAL B 494 -0.06 33.79 -10.14
N ALA B 495 0.29 33.27 -11.33
CA ALA B 495 0.66 34.15 -12.43
C ALA B 495 -0.52 34.97 -12.91
N ARG B 496 -1.69 34.34 -13.05
CA ARG B 496 -2.87 35.08 -13.49
C ARG B 496 -3.23 36.17 -12.50
N ALA B 497 -3.02 35.91 -11.20
CA ALA B 497 -3.19 36.95 -10.20
C ALA B 497 -2.13 38.04 -10.38
N SER B 498 -0.90 37.66 -10.72
CA SER B 498 0.17 38.64 -10.84
C SER B 498 -0.12 39.65 -11.94
N ILE B 499 -0.71 39.19 -13.05
CA ILE B 499 -0.99 40.08 -14.18
C ILE B 499 -1.91 41.21 -13.74
N LEU B 500 -2.92 40.87 -12.93
CA LEU B 500 -4.03 41.80 -12.67
C LEU B 500 -3.58 42.98 -11.80
N TRP B 501 -2.69 42.72 -10.83
CA TRP B 501 -2.32 43.77 -9.88
C TRP B 501 -1.52 44.87 -10.53
N LEU B 502 -0.46 44.51 -11.27
CA LEU B 502 0.41 45.52 -11.87
C LEU B 502 -0.34 46.38 -12.88
N ILE B 503 -1.14 45.75 -13.75
CA ILE B 503 -1.91 46.52 -14.72
C ILE B 503 -2.89 47.43 -14.01
N GLY B 504 -3.48 46.96 -12.91
CA GLY B 504 -4.27 47.85 -12.08
C GLY B 504 -3.45 48.95 -11.46
N GLU B 505 -2.28 48.59 -10.91
CA GLU B 505 -1.39 49.60 -10.34
C GLU B 505 -0.87 50.55 -11.41
N ASN B 506 -0.66 50.04 -12.62
CA ASN B 506 -0.16 50.84 -13.74
C ASN B 506 -1.26 51.12 -14.76
N CYS B 507 -2.50 51.29 -14.30
CA CYS B 507 -3.60 51.58 -15.20
C CYS B 507 -3.39 52.91 -15.93
N GLU B 508 -2.76 53.88 -15.27
CA GLU B 508 -2.45 55.15 -15.90
C GLU B 508 -1.22 55.10 -16.79
N ARG B 509 -0.43 54.02 -16.73
CA ARG B 509 0.77 53.90 -17.53
C ARG B 509 0.54 53.11 -18.81
N VAL B 510 -0.47 52.24 -18.85
CA VAL B 510 -0.89 51.57 -20.07
C VAL B 510 -2.42 51.69 -20.20
N PRO B 511 -2.95 52.90 -20.40
CA PRO B 511 -4.41 53.06 -20.45
C PRO B 511 -5.07 52.42 -21.65
N LYS B 512 -4.31 52.03 -22.67
CA LYS B 512 -4.88 51.40 -23.86
C LYS B 512 -4.90 49.88 -23.80
N ILE B 513 -4.29 49.27 -22.79
CA ILE B 513 -4.24 47.83 -22.63
C ILE B 513 -5.10 47.36 -21.46
N ALA B 514 -5.18 48.17 -20.41
CA ALA B 514 -5.96 47.81 -19.22
C ALA B 514 -7.43 47.55 -19.50
N PRO B 515 -8.17 48.40 -20.24
CA PRO B 515 -9.62 48.19 -20.35
C PRO B 515 -10.02 46.84 -20.94
N ASP B 516 -9.28 46.33 -21.92
CA ASP B 516 -9.71 45.09 -22.56
C ASP B 516 -9.41 43.88 -21.68
N VAL B 517 -8.31 43.93 -20.92
CA VAL B 517 -7.93 42.79 -20.08
C VAL B 517 -9.02 42.53 -19.03
N LEU B 518 -9.52 43.59 -18.40
CA LEU B 518 -10.64 43.44 -17.47
C LEU B 518 -11.86 42.88 -18.20
N ARG B 519 -12.11 43.36 -19.41
CA ARG B 519 -13.20 42.82 -20.21
C ARG B 519 -12.95 41.36 -20.57
N LYS B 520 -11.69 41.00 -20.84
CA LYS B 520 -11.36 39.62 -21.16
C LYS B 520 -11.65 38.69 -19.98
N MET B 521 -11.19 39.08 -18.78
CA MET B 521 -11.34 38.20 -17.63
C MET B 521 -12.75 38.22 -17.07
N ALA B 522 -13.51 39.30 -17.33
CA ALA B 522 -14.85 39.41 -16.77
C ALA B 522 -15.76 38.30 -17.27
N LYS B 523 -15.69 37.97 -18.56
CA LYS B 523 -16.52 36.91 -19.11
C LYS B 523 -16.12 35.55 -18.53
N SER B 524 -14.83 35.35 -18.30
CA SER B 524 -14.32 34.06 -17.83
C SER B 524 -14.30 33.94 -16.31
N PHE B 525 -14.66 35.01 -15.59
CA PHE B 525 -14.48 35.09 -14.14
C PHE B 525 -14.82 33.80 -13.39
N THR B 526 -15.95 33.19 -13.71
CA THR B 526 -16.45 32.06 -12.92
C THR B 526 -15.56 30.83 -12.99
N SER B 527 -14.58 30.80 -13.90
CA SER B 527 -13.72 29.64 -14.07
C SER B 527 -12.35 29.81 -13.42
N GLU B 528 -11.94 31.05 -13.11
CA GLU B 528 -10.61 31.26 -12.55
C GLU B 528 -10.57 30.81 -11.09
N ASP B 529 -9.36 30.71 -10.56
CA ASP B 529 -9.14 30.33 -9.17
C ASP B 529 -9.49 31.49 -8.24
N ASP B 530 -9.65 31.16 -6.95
CA ASP B 530 -10.03 32.16 -5.96
C ASP B 530 -9.02 33.29 -5.87
N LEU B 531 -7.72 32.97 -5.87
CA LEU B 531 -6.70 33.99 -5.71
C LEU B 531 -6.74 34.98 -6.86
N VAL B 532 -7.00 34.50 -8.08
CA VAL B 532 -7.14 35.39 -9.23
C VAL B 532 -8.36 36.29 -9.05
N LYS B 533 -9.47 35.72 -8.59
CA LYS B 533 -10.70 36.48 -8.42
C LYS B 533 -10.50 37.66 -7.47
N LEU B 534 -9.60 37.51 -6.49
CA LEU B 534 -9.28 38.63 -5.61
C LEU B 534 -8.72 39.80 -6.39
N GLN B 535 -7.77 39.52 -7.30
CA GLN B 535 -7.10 40.60 -8.01
C GLN B 535 -7.99 41.20 -9.10
N ILE B 536 -8.84 40.37 -9.71
CA ILE B 536 -9.72 40.89 -10.77
C ILE B 536 -10.72 41.90 -10.21
N LEU B 537 -11.20 41.69 -8.98
CA LEU B 537 -12.02 42.71 -8.34
C LEU B 537 -11.18 43.94 -8.00
N ASN B 538 -9.91 43.73 -7.65
CA ASN B 538 -9.02 44.87 -7.45
C ASN B 538 -8.83 45.65 -8.74
N LEU B 539 -8.65 44.94 -9.86
CA LEU B 539 -8.39 45.59 -11.13
C LEU B 539 -9.53 46.52 -11.53
N GLY B 540 -10.78 46.07 -11.33
CA GLY B 540 -11.91 46.91 -11.67
C GLY B 540 -11.97 48.19 -10.85
N ALA B 541 -11.80 48.06 -9.53
CA ALA B 541 -11.91 49.24 -8.67
C ALA B 541 -10.86 50.28 -9.01
N LYS B 542 -9.61 49.85 -9.22
CA LYS B 542 -8.56 50.78 -9.63
C LYS B 542 -8.83 51.35 -11.01
N LEU B 543 -9.34 50.52 -11.92
CA LEU B 543 -9.74 51.03 -13.23
C LEU B 543 -10.92 51.98 -13.11
N TYR B 544 -11.86 51.69 -12.20
CA TYR B 544 -13.00 52.57 -12.01
C TYR B 544 -12.55 53.93 -11.48
N LEU B 545 -11.57 53.93 -10.57
CA LEU B 545 -11.12 55.19 -9.96
C LEU B 545 -10.53 56.14 -10.99
N THR B 546 -9.76 55.60 -11.95
CA THR B 546 -9.05 56.44 -12.90
C THR B 546 -9.78 56.62 -14.22
N ASN B 547 -10.43 55.59 -14.74
CA ASN B 547 -10.99 55.63 -16.08
C ASN B 547 -12.43 55.11 -16.07
N SER B 548 -13.25 55.66 -15.17
CA SER B 548 -14.64 55.24 -15.05
C SER B 548 -15.44 55.57 -16.30
N LYS B 549 -14.90 56.40 -17.19
CA LYS B 549 -15.65 56.83 -18.37
C LYS B 549 -16.00 55.66 -19.27
N GLN B 550 -15.10 54.69 -19.40
CA GLN B 550 -15.31 53.56 -20.31
C GLN B 550 -15.25 52.19 -19.65
N THR B 551 -14.89 52.11 -18.37
CA THR B 551 -14.83 50.83 -17.68
C THR B 551 -15.85 50.71 -16.55
N LYS B 552 -16.78 51.65 -16.41
CA LYS B 552 -17.72 51.60 -15.30
C LYS B 552 -18.59 50.35 -15.35
N LEU B 553 -19.06 49.97 -16.53
CA LEU B 553 -19.90 48.78 -16.65
C LEU B 553 -19.12 47.50 -16.37
N LEU B 554 -17.84 47.45 -16.77
CA LEU B 554 -17.03 46.27 -16.47
C LEU B 554 -16.85 46.11 -14.96
N THR B 555 -16.63 47.20 -14.24
CA THR B 555 -16.54 47.14 -12.78
C THR B 555 -17.86 46.69 -12.18
N GLN B 556 -18.98 47.19 -12.73
CA GLN B 556 -20.29 46.78 -12.24
C GLN B 556 -20.49 45.28 -12.42
N TYR B 557 -20.08 44.75 -13.58
CA TYR B 557 -20.23 43.32 -13.84
C TYR B 557 -19.31 42.50 -12.93
N ILE B 558 -18.05 42.90 -12.82
CA ILE B 558 -17.11 42.11 -12.03
C ILE B 558 -17.48 42.14 -10.55
N LEU B 559 -18.01 43.26 -10.05
CA LEU B 559 -18.48 43.31 -8.68
C LEU B 559 -19.69 42.40 -8.49
N ASN B 560 -20.62 42.43 -9.44
CA ASN B 560 -21.84 41.62 -9.32
C ASN B 560 -21.53 40.13 -9.43
N LEU B 561 -20.50 39.76 -10.20
CA LEU B 561 -20.11 38.36 -10.30
C LEU B 561 -19.64 37.83 -8.96
N GLY B 562 -18.85 38.62 -8.22
CA GLY B 562 -18.36 38.17 -6.93
C GLY B 562 -19.42 38.26 -5.85
N LYS B 563 -20.53 38.93 -6.14
CA LYS B 563 -21.60 39.07 -5.14
C LYS B 563 -22.23 37.72 -4.81
N TYR B 564 -22.23 36.79 -5.76
CA TYR B 564 -22.88 35.50 -5.59
C TYR B 564 -21.91 34.33 -5.71
N ASP B 565 -20.63 34.55 -5.40
CA ASP B 565 -19.65 33.49 -5.50
C ASP B 565 -19.83 32.46 -4.39
N GLN B 566 -19.16 31.32 -4.55
CA GLN B 566 -19.25 30.25 -3.56
C GLN B 566 -18.18 30.38 -2.50
N ASN B 567 -16.92 30.53 -2.92
CA ASN B 567 -15.80 30.57 -1.99
C ASN B 567 -15.85 31.84 -1.14
N TYR B 568 -15.31 31.74 0.07
CA TYR B 568 -15.57 32.76 1.10
C TYR B 568 -14.49 33.82 1.19
N ASP B 569 -13.24 33.49 0.87
CA ASP B 569 -12.16 34.48 0.94
C ASP B 569 -12.48 35.67 0.05
N ILE B 570 -13.20 35.44 -1.04
CA ILE B 570 -13.53 36.50 -1.97
C ILE B 570 -14.60 37.41 -1.38
N ARG B 571 -15.46 36.86 -0.52
CA ARG B 571 -16.58 37.62 0.02
C ARG B 571 -16.11 38.84 0.80
N ASP B 572 -14.99 38.72 1.53
CA ASP B 572 -14.43 39.87 2.20
C ASP B 572 -14.04 40.96 1.21
N ARG B 573 -13.51 40.58 0.04
CA ARG B 573 -13.23 41.56 -0.99
C ARG B 573 -14.50 42.25 -1.45
N THR B 574 -15.58 41.48 -1.61
CA THR B 574 -16.86 42.07 -2.01
C THR B 574 -17.37 43.05 -0.96
N ARG B 575 -17.18 42.71 0.32
CA ARG B 575 -17.62 43.61 1.39
C ARG B 575 -16.70 44.82 1.51
N PHE B 576 -15.38 44.59 1.41
CA PHE B 576 -14.43 45.66 1.71
C PHE B 576 -14.35 46.68 0.59
N ILE B 577 -13.91 46.25 -0.60
CA ILE B 577 -13.61 47.20 -1.67
C ILE B 577 -14.88 47.89 -2.15
N ARG B 578 -15.98 47.16 -2.25
CA ARG B 578 -17.23 47.76 -2.70
C ARG B 578 -17.59 48.98 -1.85
N GLN B 579 -17.59 48.81 -0.53
CA GLN B 579 -17.98 49.90 0.37
C GLN B 579 -17.07 51.12 0.18
N LEU B 580 -15.79 50.88 -0.08
CA LEU B 580 -14.88 51.99 -0.37
C LEU B 580 -15.23 52.64 -1.71
N ILE B 581 -15.80 51.87 -2.63
CA ILE B 581 -15.96 52.31 -4.01
C ILE B 581 -17.37 52.81 -4.28
N VAL B 582 -18.36 51.94 -4.15
CA VAL B 582 -19.70 52.20 -4.68
C VAL B 582 -20.51 53.17 -3.83
N PRO B 583 -20.78 52.88 -2.53
CA PRO B 583 -21.81 53.65 -1.82
C PRO B 583 -21.38 55.08 -1.48
N ASN B 584 -21.54 55.98 -2.45
CA ASN B 584 -21.32 57.40 -2.18
C ASN B 584 -22.49 58.02 -1.42
N VAL B 585 -23.56 57.24 -1.17
CA VAL B 585 -24.66 57.73 -0.34
C VAL B 585 -24.18 58.00 1.08
N LYS B 586 -23.41 57.08 1.64
CA LYS B 586 -22.80 57.23 2.95
C LYS B 586 -21.33 57.62 2.80
N SER B 587 -21.04 58.49 1.83
CA SER B 587 -19.67 58.86 1.52
C SER B 587 -19.09 59.80 2.57
N GLY B 588 -18.44 59.23 3.58
CA GLY B 588 -17.69 60.01 4.54
C GLY B 588 -16.36 60.45 3.99
N ALA B 589 -15.53 61.00 4.87
CA ALA B 589 -14.19 61.40 4.47
C ALA B 589 -13.39 60.21 3.97
N LEU B 590 -13.55 59.05 4.61
CA LEU B 590 -12.83 57.85 4.22
C LEU B 590 -13.22 57.37 2.82
N SER B 591 -14.47 57.58 2.40
CA SER B 591 -14.87 57.24 1.04
C SER B 591 -14.10 58.04 0.00
N LYS B 592 -13.95 59.35 0.23
CA LYS B 592 -13.07 60.16 -0.60
C LYS B 592 -11.65 59.59 -0.60
N TYR B 593 -11.27 58.96 0.49
CA TYR B 593 -9.92 58.49 0.75
C TYR B 593 -9.63 57.17 0.06
N ALA B 594 -10.65 56.53 -0.54
CA ALA B 594 -10.46 55.24 -1.17
C ALA B 594 -9.57 55.34 -2.40
N LYS B 595 -9.72 56.43 -3.16
CA LYS B 595 -8.92 56.57 -4.38
C LYS B 595 -7.43 56.63 -4.08
N LYS B 596 -7.03 57.35 -3.03
CA LYS B 596 -5.61 57.47 -2.73
C LYS B 596 -5.06 56.18 -2.12
N ILE B 597 -5.82 55.54 -1.22
CA ILE B 597 -5.31 54.33 -0.58
C ILE B 597 -5.15 53.19 -1.58
N PHE B 598 -6.04 53.09 -2.57
CA PHE B 598 -5.88 52.08 -3.61
C PHE B 598 -4.77 52.46 -4.59
N LEU B 599 -4.60 53.75 -4.87
CA LEU B 599 -3.56 54.22 -5.77
C LEU B 599 -2.31 54.68 -5.06
N ALA B 600 -2.20 54.43 -3.75
CA ALA B 600 -0.99 54.78 -3.03
C ALA B 600 0.18 53.97 -3.53
N GLN B 601 1.38 54.55 -3.41
CA GLN B 601 2.59 53.85 -3.81
C GLN B 601 2.82 52.67 -2.87
N LYS B 602 2.78 51.47 -3.42
CA LYS B 602 2.97 50.30 -2.59
C LYS B 602 4.44 50.14 -2.21
N PRO B 603 4.73 50.11 -0.92
CA PRO B 603 6.13 49.99 -0.48
C PRO B 603 6.77 48.70 -0.95
N ALA B 604 8.09 48.76 -1.12
CA ALA B 604 8.83 47.60 -1.57
C ALA B 604 8.70 46.47 -0.56
N PRO B 605 8.36 45.27 -1.00
CA PRO B 605 8.26 44.14 -0.08
C PRO B 605 9.62 43.73 0.46
N LEU B 606 9.77 43.83 1.78
CA LEU B 606 11.02 43.47 2.43
C LEU B 606 11.12 41.94 2.40
N LEU B 607 11.62 41.44 1.27
CA LEU B 607 11.73 40.00 1.08
C LEU B 607 12.69 39.40 2.10
N GLU B 608 12.26 38.30 2.72
CA GLU B 608 13.02 37.66 3.77
C GLU B 608 13.32 36.22 3.40
N SER B 609 14.58 35.84 3.55
CA SER B 609 14.95 34.43 3.42
C SER B 609 14.33 33.64 4.57
N PRO B 610 13.75 32.48 4.30
CA PRO B 610 13.14 31.70 5.39
C PRO B 610 14.19 31.06 6.29
N PHE B 611 15.16 31.85 6.74
CA PHE B 611 16.16 31.40 7.67
C PHE B 611 16.51 32.44 8.73
N LYS B 612 16.14 33.71 8.53
CA LYS B 612 16.29 34.70 9.59
C LYS B 612 15.33 34.43 10.74
N ASP B 613 14.22 33.74 10.46
CA ASP B 613 13.32 33.32 11.53
C ASP B 613 13.95 32.26 12.44
N ARG B 614 15.02 31.62 11.99
CA ARG B 614 15.74 30.65 12.79
C ARG B 614 16.80 31.29 13.69
N ASP B 615 16.93 32.63 13.64
CA ASP B 615 17.90 33.30 14.49
C ASP B 615 17.53 33.21 15.97
N HIS B 616 16.30 32.81 16.28
CA HIS B 616 15.84 32.68 17.66
C HIS B 616 16.15 31.32 18.26
N PHE B 617 16.79 30.43 17.49
CA PHE B 617 17.01 29.05 17.91
C PHE B 617 18.44 28.65 17.66
N GLN B 618 18.96 27.76 18.52
CA GLN B 618 20.29 27.23 18.33
C GLN B 618 20.34 26.38 17.06
N LEU B 619 21.53 26.29 16.47
CA LEU B 619 21.68 25.61 15.19
C LEU B 619 21.75 24.10 15.38
N GLY B 620 21.08 23.37 14.48
CA GLY B 620 21.16 21.93 14.44
C GLY B 620 20.11 21.16 15.20
N THR B 621 18.97 21.76 15.54
CA THR B 621 17.89 21.02 16.18
C THR B 621 16.64 20.98 15.30
N LEU B 622 15.64 20.20 15.73
CA LEU B 622 14.38 20.19 15.02
C LEU B 622 13.75 21.57 15.01
N SER B 623 13.78 22.25 16.17
CA SER B 623 13.28 23.62 16.25
C SER B 623 14.03 24.52 15.29
N HIS B 624 15.27 24.17 14.95
CA HIS B 624 15.94 24.83 13.85
C HIS B 624 15.37 24.40 12.50
N THR B 625 15.26 23.09 12.27
CA THR B 625 14.85 22.63 10.94
C THR B 625 13.33 22.69 10.76
N LEU B 626 12.57 22.75 11.87
CA LEU B 626 11.12 22.89 11.76
C LEU B 626 10.66 24.30 12.05
N ASN B 627 11.53 25.17 12.59
CA ASN B 627 11.22 26.58 12.82
C ASN B 627 10.12 26.76 13.86
N ILE B 628 9.93 25.75 14.72
CA ILE B 628 8.85 25.73 15.70
C ILE B 628 9.37 25.21 17.03
N LYS B 629 8.99 25.88 18.11
CA LYS B 629 9.32 25.44 19.47
C LYS B 629 8.39 24.30 19.85
N ALA B 630 8.77 23.09 19.43
CA ALA B 630 8.02 21.88 19.75
C ALA B 630 8.44 21.31 21.10
N THR B 631 7.71 20.27 21.52
CA THR B 631 7.81 19.69 22.86
C THR B 631 9.22 19.22 23.17
N GLY B 632 9.85 19.89 24.12
CA GLY B 632 11.18 19.55 24.58
C GLY B 632 12.30 20.42 24.05
N TYR B 633 11.99 21.59 23.49
CA TYR B 633 13.00 22.45 22.90
C TYR B 633 14.05 22.87 23.92
N LEU B 634 15.32 22.87 23.50
CA LEU B 634 16.42 23.23 24.39
C LEU B 634 16.81 24.68 24.13
N GLU B 635 15.90 25.58 24.54
CA GLU B 635 16.04 27.00 24.21
C GLU B 635 17.23 27.63 24.91
N LEU B 636 17.98 28.44 24.16
CA LEU B 636 19.07 29.23 24.72
C LEU B 636 18.56 30.60 25.12
N SER B 637 19.24 31.21 26.08
CA SER B 637 18.88 32.55 26.54
C SER B 637 19.69 33.61 25.81
N ASN B 638 19.57 34.84 26.29
CA ASN B 638 20.45 35.93 25.87
C ASN B 638 21.72 35.91 26.70
N TRP B 639 22.67 36.74 26.30
CA TRP B 639 23.98 36.69 26.93
C TRP B 639 23.99 37.59 28.17
N PRO B 640 24.18 37.03 29.37
CA PRO B 640 24.01 37.82 30.59
C PRO B 640 25.10 38.88 30.75
N GLU B 641 24.88 39.75 31.74
CA GLU B 641 25.75 40.90 31.92
C GLU B 641 26.99 40.55 32.75
N VAL B 642 26.79 40.14 34.01
CA VAL B 642 27.88 39.98 34.97
C VAL B 642 28.07 38.50 35.25
N ALA B 643 29.34 38.08 35.33
CA ALA B 643 29.68 36.68 35.52
C ALA B 643 29.41 36.26 36.96
N PRO B 644 28.61 35.21 37.18
CA PRO B 644 28.55 34.58 38.49
C PRO B 644 29.90 33.97 38.84
N ASP B 645 30.18 33.92 40.15
CA ASP B 645 31.50 33.60 40.70
C ASP B 645 32.11 32.36 40.09
N PRO B 646 33.19 32.50 39.32
CA PRO B 646 33.89 31.31 38.80
C PRO B 646 34.67 30.56 39.87
N SER B 647 34.82 31.12 41.07
CA SER B 647 35.57 30.45 42.12
C SER B 647 34.91 29.17 42.59
N VAL B 648 33.58 29.08 42.50
CA VAL B 648 32.89 27.86 42.89
C VAL B 648 33.29 26.71 41.98
N ARG B 649 33.73 27.01 40.76
CA ARG B 649 34.04 26.02 39.74
C ARG B 649 35.16 25.08 40.14
N ASN B 650 36.06 25.51 41.01
CA ASN B 650 37.20 24.68 41.39
C ASN B 650 36.75 23.49 42.23
N MET C 1 15.32 8.30 22.89
CA MET C 1 15.31 9.11 21.67
C MET C 1 14.53 8.49 20.52
N ILE C 2 15.16 7.54 19.83
CA ILE C 2 14.48 6.82 18.77
C ILE C 2 13.71 5.68 19.44
N HIS C 3 12.41 5.88 19.62
CA HIS C 3 11.58 4.93 20.35
C HIS C 3 11.06 3.80 19.48
N SER C 4 11.21 3.91 18.16
CA SER C 4 10.76 2.87 17.25
C SER C 4 11.38 3.10 15.88
N LEU C 5 11.46 2.04 15.09
CA LEU C 5 11.95 2.12 13.73
C LEU C 5 11.02 1.36 12.80
N PHE C 6 10.63 1.99 11.69
CA PHE C 6 9.75 1.40 10.70
C PHE C 6 10.48 1.32 9.36
N LEU C 7 10.82 0.10 8.95
CA LEU C 7 11.29 -0.13 7.59
C LEU C 7 10.10 -0.22 6.65
N ILE C 8 10.20 0.43 5.50
CA ILE C 8 9.13 0.46 4.50
C ILE C 8 9.73 0.16 3.14
N ASN C 9 9.11 -0.77 2.42
CA ASN C 9 9.56 -1.19 1.10
C ASN C 9 9.20 -0.13 0.05
N CYS C 10 9.49 -0.44 -1.21
CA CYS C 10 9.19 0.49 -2.29
C CYS C 10 7.69 0.59 -2.55
N SER C 11 6.93 -0.45 -2.20
CA SER C 11 5.49 -0.45 -2.47
C SER C 11 4.70 0.45 -1.52
N GLY C 12 5.29 0.85 -0.40
CA GLY C 12 4.60 1.71 0.54
C GLY C 12 3.79 0.95 1.58
N ASP C 13 4.39 -0.10 2.14
CA ASP C 13 3.76 -0.91 3.17
C ASP C 13 4.75 -1.11 4.31
N ILE C 14 4.23 -1.60 5.45
CA ILE C 14 5.06 -1.78 6.64
C ILE C 14 5.97 -2.98 6.43
N PHE C 15 7.23 -2.71 6.07
CA PHE C 15 8.17 -3.79 5.78
C PHE C 15 8.64 -4.46 7.07
N LEU C 16 8.89 -3.67 8.11
CA LEU C 16 9.37 -4.21 9.39
C LEU C 16 9.02 -3.22 10.50
N GLU C 17 8.81 -3.75 11.71
CA GLU C 17 8.43 -2.96 12.86
C GLU C 17 9.15 -3.45 14.12
N LYS C 18 9.72 -2.51 14.87
CA LYS C 18 10.36 -2.81 16.14
C LYS C 18 10.19 -1.61 17.07
N HIS C 19 10.16 -1.87 18.37
CA HIS C 19 10.02 -0.83 19.38
C HIS C 19 10.97 -1.07 20.55
N TRP C 20 11.30 0.00 21.25
CA TRP C 20 12.08 -0.05 22.48
C TRP C 20 11.32 0.51 23.68
N LYS C 21 10.31 1.34 23.43
CA LYS C 21 9.48 1.94 24.45
C LYS C 21 8.02 1.65 24.14
N SER C 22 7.10 2.35 24.81
CA SER C 22 5.67 2.22 24.57
C SER C 22 5.37 2.13 23.09
N VAL C 23 4.66 1.06 22.71
CA VAL C 23 4.46 0.74 21.31
C VAL C 23 3.57 1.79 20.64
N VAL C 24 3.98 2.22 19.45
CA VAL C 24 3.14 3.05 18.58
C VAL C 24 2.84 2.24 17.33
N SER C 25 1.59 2.25 16.89
CA SER C 25 1.18 1.44 15.77
C SER C 25 2.01 1.72 14.53
N GLN C 26 2.05 0.74 13.62
CA GLN C 26 2.64 0.95 12.30
C GLN C 26 2.01 2.13 11.58
N SER C 27 0.87 2.60 12.09
CA SER C 27 0.08 3.65 11.46
C SER C 27 0.84 4.95 11.26
N VAL C 28 1.79 5.28 12.15
CA VAL C 28 2.46 6.58 12.07
C VAL C 28 3.20 6.73 10.74
N CYS C 29 3.44 5.62 10.05
CA CYS C 29 4.01 5.64 8.71
C CYS C 29 3.08 6.30 7.69
N ASP C 30 1.82 6.53 8.04
CA ASP C 30 0.88 7.12 7.11
C ASP C 30 1.23 8.57 6.77
N TYR C 31 1.78 9.33 7.73
CA TYR C 31 2.30 10.66 7.39
C TYR C 31 3.45 10.57 6.39
N PHE C 32 4.34 9.59 6.56
CA PHE C 32 5.43 9.40 5.61
C PHE C 32 4.88 9.03 4.23
N PHE C 33 3.84 8.21 4.21
CA PHE C 33 3.19 7.85 2.94
C PHE C 33 2.58 9.08 2.27
N GLU C 34 1.92 9.94 3.06
CA GLU C 34 1.39 11.18 2.50
C GLU C 34 2.50 12.06 1.95
N ALA C 35 3.63 12.14 2.67
CA ALA C 35 4.76 12.92 2.20
C ALA C 35 5.28 12.37 0.88
N GLN C 36 5.37 11.04 0.76
CA GLN C 36 5.78 10.43 -0.50
C GLN C 36 4.79 10.77 -1.62
N GLU C 37 3.49 10.70 -1.32
CA GLU C 37 2.49 11.02 -2.33
C GLU C 37 2.62 12.46 -2.81
N LYS C 38 2.84 13.40 -1.89
CA LYS C 38 3.07 14.78 -2.29
C LYS C 38 4.46 14.97 -2.88
N ALA C 39 5.42 14.13 -2.52
CA ALA C 39 6.74 14.18 -3.12
C ALA C 39 6.70 13.71 -4.56
N ALA C 40 7.54 14.34 -5.40
CA ALA C 40 7.60 13.95 -6.80
C ALA C 40 8.13 12.53 -6.96
N ASP C 41 9.06 12.12 -6.11
CA ASP C 41 9.67 10.80 -6.18
C ASP C 41 10.14 10.41 -4.78
N VAL C 42 10.89 9.32 -4.70
CA VAL C 42 11.47 8.89 -3.44
C VAL C 42 12.65 9.76 -3.02
N GLU C 43 13.10 10.67 -3.88
CA GLU C 43 14.15 11.63 -3.54
C GLU C 43 13.60 13.03 -3.28
N ASN C 44 12.29 13.17 -3.04
CA ASN C 44 11.69 14.45 -2.71
C ASN C 44 10.97 14.42 -1.37
N VAL C 45 11.31 13.48 -0.50
CA VAL C 45 10.68 13.35 0.81
C VAL C 45 11.50 14.13 1.82
N PRO C 46 10.92 15.11 2.52
CA PRO C 46 11.66 15.81 3.56
C PRO C 46 12.02 14.87 4.70
N PRO C 47 13.25 14.97 5.22
CA PRO C 47 13.64 14.09 6.32
C PRO C 47 12.81 14.27 7.59
N VAL C 48 12.20 15.44 7.78
CA VAL C 48 11.48 15.75 9.01
C VAL C 48 9.99 15.78 8.71
N ILE C 49 9.22 14.95 9.42
CA ILE C 49 7.76 14.92 9.33
C ILE C 49 7.21 15.01 10.74
N SER C 50 6.25 15.91 10.95
CA SER C 50 5.66 16.10 12.27
C SER C 50 4.32 15.37 12.38
N THR C 51 4.11 14.74 13.52
CA THR C 51 2.88 14.03 13.84
C THR C 51 2.34 14.59 15.14
N PRO C 52 1.07 14.33 15.47
CA PRO C 52 0.47 14.97 16.67
C PRO C 52 1.23 14.69 17.95
N HIS C 53 1.79 13.50 18.13
CA HIS C 53 2.50 13.18 19.36
C HIS C 53 3.94 12.75 19.14
N HIS C 54 4.35 12.49 17.90
CA HIS C 54 5.70 12.02 17.62
C HIS C 54 6.27 12.85 16.47
N TYR C 55 7.48 12.48 16.03
CA TYR C 55 8.11 13.11 14.88
C TYR C 55 8.79 12.04 14.04
N LEU C 56 8.74 12.21 12.71
CA LEU C 56 9.19 11.20 11.77
C LEU C 56 10.47 11.69 11.07
N ILE C 57 11.59 11.04 11.39
CA ILE C 57 12.87 11.30 10.74
C ILE C 57 13.15 10.10 9.84
N SER C 58 13.35 10.38 8.55
CA SER C 58 13.48 9.31 7.56
C SER C 58 14.69 9.56 6.67
N ILE C 59 15.32 8.46 6.27
CA ILE C 59 16.42 8.48 5.31
C ILE C 59 16.08 7.50 4.20
N TYR C 60 16.68 7.72 3.03
CA TYR C 60 16.46 6.85 1.89
C TYR C 60 17.81 6.46 1.29
N ARG C 61 18.08 5.16 1.24
CA ARG C 61 19.27 4.61 0.60
C ARG C 61 19.04 3.12 0.41
N ASP C 62 19.60 2.59 -0.68
CA ASP C 62 19.44 1.18 -1.03
C ASP C 62 17.97 0.81 -1.17
N LYS C 63 17.23 1.65 -1.90
CA LYS C 63 15.82 1.43 -2.27
C LYS C 63 14.94 1.03 -1.08
N LEU C 64 15.35 1.44 0.12
CA LEU C 64 14.55 1.22 1.33
C LEU C 64 14.52 2.49 2.16
N PHE C 65 13.45 2.66 2.93
CA PHE C 65 13.28 3.81 3.80
C PHE C 65 13.42 3.40 5.26
N PHE C 66 14.08 4.25 6.04
CA PHE C 66 14.21 4.06 7.48
C PHE C 66 13.41 5.15 8.18
N VAL C 67 12.15 4.84 8.51
CA VAL C 67 11.23 5.76 9.16
C VAL C 67 11.32 5.52 10.66
N SER C 68 11.60 6.57 11.42
CA SER C 68 11.76 6.48 12.87
C SER C 68 10.76 7.38 13.58
N VAL C 69 10.50 7.03 14.85
CA VAL C 69 9.55 7.75 15.68
C VAL C 69 10.31 8.52 16.74
N ILE C 70 10.08 9.83 16.79
CA ILE C 70 10.73 10.73 17.75
C ILE C 70 9.63 11.45 18.52
N GLN C 71 9.68 11.36 19.85
CA GLN C 71 8.63 11.90 20.70
C GLN C 71 8.88 13.34 21.12
N THR C 72 10.10 13.64 21.54
CA THR C 72 10.45 14.96 22.03
C THR C 72 11.67 15.50 21.29
N GLU C 73 12.00 16.75 21.59
CA GLU C 73 13.06 17.44 20.87
C GLU C 73 14.45 16.90 21.17
N VAL C 74 15.03 16.24 20.18
CA VAL C 74 16.44 15.83 20.17
C VAL C 74 16.97 16.01 18.75
N PRO C 75 18.27 16.29 18.61
CA PRO C 75 18.80 16.81 17.34
C PRO C 75 18.52 15.91 16.16
N PRO C 76 18.26 16.49 14.98
CA PRO C 76 17.81 15.69 13.83
C PRO C 76 18.92 14.90 13.19
N LEU C 77 20.04 15.55 12.83
CA LEU C 77 21.11 14.86 12.13
C LEU C 77 21.67 13.74 13.00
N PHE C 78 21.58 13.89 14.32
CA PHE C 78 21.79 12.75 15.22
C PHE C 78 21.01 11.54 14.72
N VAL C 79 19.69 11.68 14.63
CA VAL C 79 18.82 10.56 14.27
C VAL C 79 19.12 10.09 12.86
N ILE C 80 19.31 11.03 11.94
CA ILE C 80 19.59 10.68 10.55
C ILE C 80 20.86 9.84 10.45
N GLU C 81 21.92 10.29 11.11
CA GLU C 81 23.19 9.60 11.01
C GLU C 81 23.15 8.27 11.74
N PHE C 82 22.40 8.19 12.84
CA PHE C 82 22.23 6.89 13.49
C PHE C 82 21.48 5.92 12.59
N LEU C 83 20.45 6.41 11.89
CA LEU C 83 19.74 5.57 10.92
C LEU C 83 20.70 5.09 9.84
N HIS C 84 21.55 5.98 9.34
CA HIS C 84 22.49 5.57 8.30
C HIS C 84 23.55 4.60 8.83
N ARG C 85 23.99 4.76 10.08
CA ARG C 85 24.91 3.79 10.66
C ARG C 85 24.23 2.44 10.86
N VAL C 86 22.94 2.43 11.20
CA VAL C 86 22.21 1.17 11.30
C VAL C 86 22.09 0.51 9.93
N ALA C 87 21.85 1.31 8.89
CA ALA C 87 21.86 0.78 7.53
C ALA C 87 23.24 0.23 7.17
N ASP C 88 24.30 0.91 7.58
CA ASP C 88 25.65 0.39 7.38
C ASP C 88 25.85 -0.92 8.13
N THR C 89 25.20 -1.07 9.28
CA THR C 89 25.26 -2.34 10.01
C THR C 89 24.55 -3.44 9.23
N PHE C 90 23.39 -3.14 8.64
CA PHE C 90 22.75 -4.09 7.74
C PHE C 90 23.71 -4.50 6.63
N GLN C 91 24.38 -3.53 6.02
CA GLN C 91 25.29 -3.82 4.93
C GLN C 91 26.48 -4.65 5.41
N ASP C 92 26.98 -4.36 6.61
CA ASP C 92 28.11 -5.11 7.15
C ASP C 92 27.75 -6.56 7.41
N TYR C 93 26.56 -6.80 7.97
CA TYR C 93 26.19 -8.16 8.30
C TYR C 93 25.74 -8.92 7.05
N PHE C 94 24.69 -8.44 6.39
CA PHE C 94 24.16 -9.12 5.20
C PHE C 94 25.18 -9.15 4.06
N GLY C 95 25.89 -8.04 3.84
CA GLY C 95 26.66 -7.81 2.64
C GLY C 95 25.98 -6.88 1.67
N GLU C 96 24.67 -6.70 1.82
CA GLU C 96 23.91 -5.76 1.00
C GLU C 96 22.64 -5.38 1.75
N CYS C 97 22.13 -4.19 1.46
CA CYS C 97 20.89 -3.70 2.06
C CYS C 97 19.74 -3.97 1.08
N SER C 98 18.91 -4.95 1.41
CA SER C 98 17.83 -5.35 0.53
C SER C 98 16.65 -5.88 1.35
N GLU C 99 15.48 -5.91 0.72
CA GLU C 99 14.29 -6.42 1.38
C GLU C 99 14.43 -7.89 1.71
N ALA C 100 14.99 -8.68 0.79
CA ALA C 100 15.04 -10.12 0.97
C ALA C 100 15.92 -10.52 2.16
N ALA C 101 17.07 -9.87 2.33
CA ALA C 101 17.97 -10.24 3.42
C ALA C 101 17.31 -9.99 4.77
N ILE C 102 16.64 -8.85 4.93
CA ILE C 102 15.97 -8.56 6.18
C ILE C 102 14.80 -9.50 6.41
N LYS C 103 14.01 -9.76 5.35
CA LYS C 103 12.91 -10.71 5.48
C LYS C 103 13.41 -12.08 5.89
N ASP C 104 14.63 -12.45 5.47
CA ASP C 104 15.22 -13.73 5.84
C ASP C 104 15.76 -13.73 7.28
N ASN C 105 16.38 -12.65 7.72
CA ASN C 105 17.08 -12.63 9.00
C ASN C 105 16.51 -11.57 9.94
N VAL C 106 15.17 -11.45 9.98
CA VAL C 106 14.50 -10.60 10.95
C VAL C 106 15.06 -10.78 12.36
N VAL C 107 15.35 -12.02 12.76
CA VAL C 107 15.81 -12.25 14.13
C VAL C 107 17.16 -11.59 14.38
N ILE C 108 18.11 -11.76 13.45
CA ILE C 108 19.40 -11.10 13.58
C ILE C 108 19.24 -9.59 13.45
N VAL C 109 18.27 -9.14 12.67
CA VAL C 109 17.99 -7.71 12.55
C VAL C 109 17.60 -7.14 13.90
N TYR C 110 16.68 -7.81 14.60
CA TYR C 110 16.25 -7.31 15.90
C TYR C 110 17.37 -7.42 16.92
N GLU C 111 18.21 -8.46 16.81
CA GLU C 111 19.40 -8.51 17.65
C GLU C 111 20.29 -7.30 17.41
N LEU C 112 20.49 -6.92 16.15
CA LEU C 112 21.38 -5.81 15.83
C LEU C 112 20.80 -4.48 16.30
N LEU C 113 19.50 -4.26 16.10
CA LEU C 113 18.88 -3.04 16.59
C LEU C 113 18.84 -2.98 18.12
N GLU C 114 18.74 -4.14 18.79
CA GLU C 114 18.89 -4.14 20.23
C GLU C 114 20.31 -3.77 20.64
N GLU C 115 21.31 -4.28 19.90
CA GLU C 115 22.70 -3.96 20.22
C GLU C 115 23.00 -2.49 20.01
N MET C 116 22.50 -1.91 18.91
CA MET C 116 22.82 -0.52 18.58
C MET C 116 22.00 0.45 19.43
N LEU C 117 20.71 0.19 19.60
CA LEU C 117 19.79 1.13 20.21
C LEU C 117 19.26 0.53 21.51
N ASP C 118 19.43 1.25 22.62
CA ASP C 118 19.02 0.79 23.94
C ASP C 118 18.03 1.79 24.53
N ASN C 119 16.76 1.40 24.58
CA ASN C 119 15.70 2.18 25.23
C ASN C 119 15.62 3.59 24.66
N GLY C 120 15.79 3.70 23.35
CA GLY C 120 15.72 4.97 22.66
C GLY C 120 17.05 5.68 22.47
N PHE C 121 18.03 5.44 23.33
CA PHE C 121 19.32 6.13 23.26
C PHE C 121 20.34 5.26 22.54
N PRO C 122 20.82 5.68 21.38
CA PRO C 122 21.84 4.89 20.68
C PRO C 122 23.15 4.86 21.46
N LEU C 123 23.71 3.67 21.60
CA LEU C 123 25.02 3.50 22.22
C LEU C 123 25.58 2.12 21.93
N ALA C 124 26.81 2.05 21.45
CA ALA C 124 27.44 0.78 21.12
C ALA C 124 28.96 0.89 21.24
N MET D 1 -17.99 -22.06 -10.14
CA MET D 1 -16.70 -22.65 -10.43
C MET D 1 -15.58 -21.96 -9.68
N ILE D 2 -14.51 -22.70 -9.40
CA ILE D 2 -13.29 -22.10 -8.88
C ILE D 2 -12.38 -21.75 -10.05
N LYS D 3 -11.72 -20.60 -9.98
CA LYS D 3 -10.91 -20.17 -11.10
C LYS D 3 -9.50 -20.76 -11.06
N ALA D 4 -8.91 -20.83 -9.87
CA ALA D 4 -7.53 -21.29 -9.77
C ALA D 4 -7.27 -21.83 -8.37
N ILE D 5 -6.30 -22.73 -8.28
CA ILE D 5 -5.92 -23.35 -7.01
C ILE D 5 -4.48 -22.95 -6.71
N LEU D 6 -4.27 -22.33 -5.55
CA LEU D 6 -2.97 -21.77 -5.19
C LEU D 6 -2.58 -22.24 -3.80
N ILE D 7 -1.39 -22.83 -3.68
CA ILE D 7 -0.80 -23.23 -2.41
C ILE D 7 0.66 -22.81 -2.40
N PHE D 8 1.06 -22.09 -1.35
CA PHE D 8 2.42 -21.66 -1.16
C PHE D 8 2.67 -21.49 0.34
N ASN D 9 3.94 -21.50 0.72
CA ASN D 9 4.30 -21.36 2.12
C ASN D 9 4.21 -19.88 2.54
N ASN D 10 4.64 -19.61 3.76
CA ASN D 10 4.66 -18.23 4.26
C ASN D 10 5.73 -17.38 3.58
N HIS D 11 6.67 -18.00 2.88
CA HIS D 11 7.72 -17.28 2.16
C HIS D 11 7.35 -17.03 0.71
N GLY D 12 6.17 -17.45 0.26
CA GLY D 12 5.75 -17.25 -1.11
C GLY D 12 6.21 -18.31 -2.08
N LYS D 13 6.88 -19.35 -1.61
CA LYS D 13 7.32 -20.43 -2.49
C LYS D 13 6.13 -21.34 -2.80
N PRO D 14 5.73 -21.47 -4.06
CA PRO D 14 4.54 -22.25 -4.38
C PRO D 14 4.68 -23.72 -4.02
N ARG D 15 3.56 -24.34 -3.65
CA ARG D 15 3.54 -25.76 -3.28
C ARG D 15 2.51 -26.58 -4.03
N LEU D 16 1.37 -26.00 -4.41
CA LEU D 16 0.45 -26.66 -5.33
C LEU D 16 -0.25 -25.59 -6.15
N SER D 17 -0.24 -25.77 -7.48
CA SER D 17 -0.85 -24.81 -8.39
C SER D 17 -1.43 -25.56 -9.58
N LYS D 18 -2.75 -25.64 -9.64
CA LYS D 18 -3.46 -26.23 -10.77
C LYS D 18 -4.55 -25.26 -11.20
N PHE D 19 -4.60 -24.95 -12.49
CA PHE D 19 -5.50 -23.92 -12.98
C PHE D 19 -6.52 -24.51 -13.94
N TYR D 20 -7.76 -24.03 -13.82
CA TYR D 20 -8.85 -24.42 -14.70
C TYR D 20 -9.18 -23.36 -15.74
N GLN D 21 -8.33 -22.35 -15.90
CA GLN D 21 -8.49 -21.34 -16.92
C GLN D 21 -7.18 -21.21 -17.69
N PRO D 22 -7.25 -20.86 -18.98
CA PRO D 22 -6.02 -20.74 -19.77
C PRO D 22 -5.21 -19.51 -19.38
N TYR D 23 -4.11 -19.72 -18.67
CA TYR D 23 -3.23 -18.65 -18.25
C TYR D 23 -1.78 -19.02 -18.59
N SER D 24 -1.03 -18.03 -19.05
CA SER D 24 0.36 -18.27 -19.43
C SER D 24 1.22 -18.50 -18.20
N GLU D 25 2.38 -19.14 -18.42
CA GLU D 25 3.28 -19.47 -17.32
C GLU D 25 3.73 -18.23 -16.55
N ASP D 26 4.10 -17.17 -17.25
CA ASP D 26 4.42 -15.91 -16.57
C ASP D 26 3.19 -15.35 -15.88
N THR D 27 2.03 -15.45 -16.51
CA THR D 27 0.79 -15.06 -15.84
C THR D 27 0.55 -15.91 -14.60
N GLN D 28 0.89 -17.20 -14.67
CA GLN D 28 0.75 -18.06 -13.49
C GLN D 28 1.63 -17.57 -12.35
N GLN D 29 2.91 -17.29 -12.64
CA GLN D 29 3.80 -16.80 -11.60
C GLN D 29 3.33 -15.46 -11.05
N GLN D 30 2.85 -14.58 -11.92
CA GLN D 30 2.35 -13.28 -11.47
C GLN D 30 1.12 -13.44 -10.58
N ILE D 31 0.23 -14.36 -10.94
CA ILE D 31 -0.94 -14.63 -10.09
C ILE D 31 -0.48 -15.12 -8.72
N ILE D 32 0.48 -16.04 -8.70
CA ILE D 32 0.97 -16.57 -7.42
C ILE D 32 1.55 -15.46 -6.57
N ARG D 33 2.39 -14.61 -7.17
CA ARG D 33 3.03 -13.56 -6.40
C ARG D 33 2.02 -12.52 -5.91
N GLU D 34 1.06 -12.16 -6.76
CA GLU D 34 0.03 -11.20 -6.36
C GLU D 34 -0.78 -11.75 -5.20
N THR D 35 -1.17 -13.02 -5.28
CA THR D 35 -1.94 -13.62 -4.19
C THR D 35 -1.12 -13.67 -2.90
N PHE D 36 0.16 -14.03 -3.01
CA PHE D 36 1.00 -14.11 -1.82
C PHE D 36 1.14 -12.75 -1.14
N HIS D 37 1.38 -11.71 -1.94
CA HIS D 37 1.50 -10.37 -1.37
C HIS D 37 0.16 -9.90 -0.79
N LEU D 38 -0.95 -10.21 -1.46
CA LEU D 38 -2.25 -9.80 -0.96
C LEU D 38 -2.61 -10.50 0.34
N VAL D 39 -2.15 -11.73 0.54
CA VAL D 39 -2.63 -12.55 1.64
C VAL D 39 -1.67 -12.52 2.83
N SER D 40 -0.38 -12.76 2.60
CA SER D 40 0.53 -13.05 3.71
C SER D 40 0.73 -11.86 4.64
N LYS D 41 0.44 -10.64 4.21
CA LYS D 41 0.64 -9.49 5.10
C LYS D 41 -0.47 -9.37 6.13
N ARG D 42 -1.63 -9.96 5.87
CA ARG D 42 -2.78 -9.88 6.77
C ARG D 42 -2.51 -10.60 8.09
N ASP D 43 -3.21 -10.13 9.13
CA ASP D 43 -3.06 -10.65 10.49
C ASP D 43 -3.57 -12.09 10.59
N GLU D 44 -3.37 -12.68 11.77
CA GLU D 44 -4.08 -13.92 12.08
C GLU D 44 -5.51 -13.68 12.50
N ASN D 45 -5.86 -12.45 12.91
CA ASN D 45 -7.20 -12.10 13.33
C ASN D 45 -8.02 -11.50 12.19
N VAL D 46 -7.50 -11.49 10.97
CA VAL D 46 -8.22 -10.94 9.84
C VAL D 46 -9.17 -11.99 9.27
N CYS D 47 -10.29 -11.52 8.73
CA CYS D 47 -11.08 -12.37 7.86
C CYS D 47 -10.23 -12.82 6.67
N ASN D 48 -10.42 -14.07 6.26
CA ASN D 48 -9.64 -14.67 5.19
C ASN D 48 -10.28 -14.46 3.84
N PHE D 49 -11.03 -13.37 3.67
CA PHE D 49 -11.76 -13.03 2.46
C PHE D 49 -11.14 -11.77 1.87
N LEU D 50 -10.23 -11.94 0.91
CA LEU D 50 -9.57 -10.82 0.26
C LEU D 50 -10.00 -10.76 -1.19
N GLU D 51 -10.47 -9.58 -1.61
CA GLU D 51 -10.91 -9.40 -2.98
C GLU D 51 -9.74 -9.62 -3.94
N GLY D 52 -10.03 -10.32 -5.03
CA GLY D 52 -8.98 -10.78 -5.91
C GLY D 52 -8.30 -9.67 -6.68
N GLY D 53 -7.13 -10.01 -7.25
CA GLY D 53 -6.34 -9.09 -8.03
C GLY D 53 -6.76 -9.07 -9.48
N LEU D 54 -6.01 -8.29 -10.27
CA LEU D 54 -6.32 -8.13 -11.69
C LEU D 54 -5.76 -9.26 -12.55
N LEU D 55 -4.83 -10.05 -12.02
CA LEU D 55 -4.24 -11.15 -12.78
C LEU D 55 -5.17 -12.35 -12.90
N ILE D 56 -6.29 -12.36 -12.20
CA ILE D 56 -7.18 -13.53 -12.17
C ILE D 56 -8.53 -13.24 -12.82
N GLY D 57 -8.58 -12.28 -13.75
CA GLY D 57 -9.76 -12.06 -14.55
C GLY D 57 -10.65 -10.91 -14.15
N GLY D 58 -10.28 -10.13 -13.15
CA GLY D 58 -11.02 -8.95 -12.75
C GLY D 58 -11.49 -9.02 -11.31
N SER D 59 -12.13 -7.92 -10.90
CA SER D 59 -12.56 -7.75 -9.51
C SER D 59 -13.74 -8.65 -9.14
N ASP D 60 -14.40 -9.27 -10.12
CA ASP D 60 -15.53 -10.14 -9.80
C ASP D 60 -15.07 -11.33 -8.96
N ASN D 61 -13.93 -11.91 -9.30
CA ASN D 61 -13.38 -13.06 -8.59
C ASN D 61 -12.76 -12.64 -7.26
N LYS D 62 -12.60 -13.61 -6.36
CA LYS D 62 -12.13 -13.36 -5.01
C LYS D 62 -11.04 -14.36 -4.64
N LEU D 63 -10.17 -13.92 -3.73
CA LEU D 63 -9.15 -14.79 -3.12
C LEU D 63 -9.64 -15.18 -1.74
N ILE D 64 -9.77 -16.48 -1.51
CA ILE D 64 -10.23 -17.02 -0.24
C ILE D 64 -9.26 -18.12 0.17
N TYR D 65 -8.86 -18.12 1.44
CA TYR D 65 -7.76 -18.97 1.87
C TYR D 65 -7.91 -19.36 3.33
N ARG D 66 -7.07 -20.29 3.76
CA ARG D 66 -6.87 -20.61 5.16
C ARG D 66 -5.38 -20.84 5.38
N HIS D 67 -4.90 -20.47 6.57
CA HIS D 67 -3.50 -20.64 6.92
C HIS D 67 -3.38 -21.74 7.96
N TYR D 68 -2.57 -22.75 7.65
CA TYR D 68 -2.25 -23.82 8.59
C TYR D 68 -0.73 -23.97 8.63
N ALA D 69 -0.20 -24.11 9.84
CA ALA D 69 1.24 -24.09 10.06
C ALA D 69 1.86 -22.86 9.42
N THR D 70 2.70 -23.06 8.41
CA THR D 70 3.26 -21.97 7.63
C THR D 70 2.79 -22.01 6.18
N LEU D 71 1.60 -22.53 5.94
CA LEU D 71 1.10 -22.78 4.60
C LEU D 71 -0.19 -22.02 4.38
N TYR D 72 -0.30 -21.37 3.23
CA TYR D 72 -1.53 -20.70 2.82
C TYR D 72 -2.15 -21.47 1.67
N PHE D 73 -3.42 -21.85 1.84
CA PHE D 73 -4.14 -22.63 0.84
C PHE D 73 -5.21 -21.72 0.24
N VAL D 74 -4.89 -21.12 -0.90
CA VAL D 74 -5.73 -20.08 -1.51
C VAL D 74 -6.52 -20.72 -2.64
N PHE D 75 -7.83 -20.52 -2.64
CA PHE D 75 -8.68 -20.96 -3.72
C PHE D 75 -9.21 -19.72 -4.45
N CYS D 76 -8.91 -19.64 -5.75
CA CYS D 76 -9.43 -18.55 -6.57
C CYS D 76 -10.84 -18.92 -7.03
N VAL D 77 -11.83 -18.15 -6.60
CA VAL D 77 -13.22 -18.48 -6.83
C VAL D 77 -13.95 -17.27 -7.39
N ASP D 78 -15.11 -17.52 -7.99
CA ASP D 78 -15.97 -16.48 -8.52
C ASP D 78 -16.95 -16.03 -7.45
N SER D 79 -17.81 -15.07 -7.80
CA SER D 79 -18.77 -14.53 -6.85
C SER D 79 -19.95 -15.46 -6.58
N SER D 80 -20.12 -16.51 -7.39
CA SER D 80 -21.18 -17.47 -7.17
C SER D 80 -20.81 -18.55 -6.16
N GLU D 81 -19.56 -18.61 -5.73
CA GLU D 81 -19.12 -19.62 -4.76
C GLU D 81 -19.46 -19.18 -3.35
N SER D 82 -19.78 -20.18 -2.52
CA SER D 82 -19.99 -19.93 -1.10
C SER D 82 -18.63 -19.83 -0.40
N GLU D 83 -18.32 -18.63 0.10
CA GLU D 83 -16.99 -18.37 0.66
C GLU D 83 -16.71 -19.26 1.86
N LEU D 84 -17.67 -19.38 2.78
CA LEU D 84 -17.50 -20.33 3.87
C LEU D 84 -17.50 -21.76 3.35
N GLY D 85 -18.27 -22.02 2.28
CA GLY D 85 -18.17 -23.31 1.63
C GLY D 85 -16.76 -23.59 1.14
N ILE D 86 -16.12 -22.57 0.56
CA ILE D 86 -14.75 -22.74 0.07
C ILE D 86 -13.80 -22.93 1.24
N LEU D 87 -14.02 -22.21 2.35
CA LEU D 87 -13.17 -22.40 3.52
C LEU D 87 -13.28 -23.83 4.06
N ASP D 88 -14.49 -24.34 4.19
CA ASP D 88 -14.63 -25.71 4.69
C ASP D 88 -14.15 -26.72 3.66
N LEU D 89 -14.18 -26.36 2.38
CA LEU D 89 -13.57 -27.21 1.36
C LEU D 89 -12.06 -27.29 1.57
N ILE D 90 -11.43 -26.14 1.86
CA ILE D 90 -10.02 -26.13 2.19
C ILE D 90 -9.76 -26.96 3.44
N GLN D 91 -10.68 -26.87 4.41
CA GLN D 91 -10.55 -27.66 5.63
C GLN D 91 -10.62 -29.15 5.33
N VAL D 92 -11.55 -29.54 4.45
CA VAL D 92 -11.65 -30.93 4.03
C VAL D 92 -10.38 -31.38 3.33
N PHE D 93 -9.83 -30.51 2.49
CA PHE D 93 -8.56 -30.80 1.83
C PHE D 93 -7.45 -31.00 2.85
N VAL D 94 -7.40 -30.14 3.86
CA VAL D 94 -6.36 -30.23 4.88
C VAL D 94 -6.47 -31.54 5.64
N GLU D 95 -7.68 -31.90 6.08
CA GLU D 95 -7.85 -33.12 6.84
C GLU D 95 -7.62 -34.35 5.97
N THR D 96 -8.00 -34.30 4.70
CA THR D 96 -7.72 -35.40 3.79
C THR D 96 -6.23 -35.60 3.61
N LEU D 97 -5.49 -34.50 3.44
CA LEU D 97 -4.03 -34.59 3.38
C LEU D 97 -3.47 -35.13 4.69
N ASP D 98 -4.03 -34.70 5.82
CA ASP D 98 -3.60 -35.20 7.12
C ASP D 98 -3.74 -36.71 7.20
N LYS D 99 -4.90 -37.23 6.77
CA LYS D 99 -5.15 -38.66 6.89
C LYS D 99 -4.32 -39.45 5.88
N CYS D 100 -4.24 -38.97 4.64
CA CYS D 100 -3.58 -39.73 3.60
C CYS D 100 -2.06 -39.70 3.73
N PHE D 101 -1.50 -38.55 4.09
CA PHE D 101 -0.07 -38.43 4.31
C PHE D 101 0.33 -38.64 5.76
N GLU D 102 -0.61 -39.04 6.63
CA GLU D 102 -0.29 -39.39 8.00
C GLU D 102 0.35 -38.22 8.75
N ASN D 103 -0.46 -37.19 9.05
CA ASN D 103 0.02 -35.91 9.57
C ASN D 103 0.86 -35.17 8.53
N VAL D 104 0.21 -34.81 7.42
CA VAL D 104 0.88 -34.09 6.34
C VAL D 104 1.53 -32.82 6.86
N CYS D 105 2.59 -32.39 6.18
CA CYS D 105 3.26 -31.14 6.44
C CYS D 105 3.69 -30.54 5.11
N GLU D 106 4.51 -29.49 5.17
CA GLU D 106 4.98 -28.86 3.94
C GLU D 106 5.88 -29.81 3.15
N LEU D 107 6.53 -30.74 3.85
CA LEU D 107 7.40 -31.70 3.17
C LEU D 107 6.63 -32.56 2.17
N ASP D 108 5.44 -33.04 2.53
CA ASP D 108 4.67 -33.83 1.57
C ASP D 108 4.21 -33.00 0.38
N LEU D 109 3.82 -31.74 0.60
CA LEU D 109 3.46 -30.88 -0.51
C LEU D 109 4.65 -30.60 -1.42
N ILE D 110 5.86 -30.57 -0.87
CA ILE D 110 7.05 -30.39 -1.69
C ILE D 110 7.37 -31.65 -2.48
N PHE D 111 7.39 -32.80 -1.80
CA PHE D 111 8.00 -34.01 -2.30
C PHE D 111 7.00 -35.00 -2.88
N HIS D 112 5.71 -34.71 -2.82
CA HIS D 112 4.67 -35.59 -3.34
C HIS D 112 3.60 -34.79 -4.07
N VAL D 113 4.03 -33.79 -4.85
CA VAL D 113 3.11 -32.80 -5.38
C VAL D 113 2.14 -33.41 -6.37
N ASP D 114 2.56 -34.44 -7.10
CA ASP D 114 1.65 -35.13 -8.02
C ASP D 114 0.53 -35.84 -7.26
N LYS D 115 0.86 -36.49 -6.14
CA LYS D 115 -0.18 -37.02 -5.27
C LYS D 115 -1.13 -35.93 -4.83
N VAL D 116 -0.60 -34.74 -4.54
CA VAL D 116 -1.45 -33.64 -4.11
C VAL D 116 -2.37 -33.19 -5.24
N HIS D 117 -1.86 -33.17 -6.48
CA HIS D 117 -2.72 -32.89 -7.63
C HIS D 117 -3.84 -33.91 -7.72
N ASN D 118 -3.51 -35.19 -7.54
CA ASN D 118 -4.55 -36.21 -7.59
C ASN D 118 -5.60 -35.99 -6.51
N ILE D 119 -5.15 -35.67 -5.29
CA ILE D 119 -6.07 -35.43 -4.18
C ILE D 119 -7.00 -34.27 -4.52
N LEU D 120 -6.42 -33.18 -5.01
CA LEU D 120 -7.19 -32.05 -5.50
C LEU D 120 -8.21 -32.51 -6.53
N ALA D 121 -7.79 -33.42 -7.41
CA ALA D 121 -8.66 -33.88 -8.48
C ALA D 121 -9.90 -34.56 -7.94
N GLU D 122 -9.76 -35.46 -6.96
CA GLU D 122 -11.01 -36.05 -6.47
C GLU D 122 -11.79 -35.05 -5.63
N MET D 123 -11.11 -34.07 -5.03
CA MET D 123 -11.87 -33.07 -4.30
C MET D 123 -12.57 -32.11 -5.25
N VAL D 124 -11.84 -31.53 -6.19
CA VAL D 124 -12.42 -30.63 -7.17
C VAL D 124 -11.79 -30.92 -8.53
N MET D 125 -12.61 -30.94 -9.57
CA MET D 125 -12.19 -31.37 -10.89
C MET D 125 -12.94 -30.53 -11.93
N GLY D 126 -12.18 -29.84 -12.78
CA GLY D 126 -12.78 -28.96 -13.77
C GLY D 126 -13.46 -27.73 -13.21
N GLY D 127 -12.90 -27.13 -12.15
CA GLY D 127 -13.54 -26.02 -11.49
C GLY D 127 -14.75 -26.41 -10.68
N MET D 128 -15.09 -27.70 -10.66
CA MET D 128 -16.27 -28.20 -9.98
C MET D 128 -15.86 -29.32 -9.03
N VAL D 129 -16.38 -29.28 -7.81
CA VAL D 129 -15.95 -30.24 -6.80
C VAL D 129 -16.58 -31.60 -7.08
N LEU D 130 -15.77 -32.66 -7.00
CA LEU D 130 -16.20 -34.02 -7.28
C LEU D 130 -16.74 -34.75 -6.06
N GLU D 131 -15.91 -34.91 -5.03
CA GLU D 131 -16.30 -35.64 -3.84
C GLU D 131 -15.84 -34.87 -2.62
N THR D 132 -16.68 -34.86 -1.58
CA THR D 132 -16.45 -34.02 -0.43
C THR D 132 -16.56 -34.74 0.91
N ASN D 133 -17.21 -35.90 0.97
CA ASN D 133 -17.26 -36.68 2.20
C ASN D 133 -15.89 -37.31 2.40
N MET D 134 -15.22 -36.96 3.51
CA MET D 134 -13.83 -37.31 3.69
C MET D 134 -13.62 -38.82 3.68
N ASN D 135 -14.51 -39.57 4.32
CA ASN D 135 -14.35 -41.02 4.38
C ASN D 135 -14.36 -41.64 2.98
N GLU D 136 -15.37 -41.30 2.17
CA GLU D 136 -15.44 -41.87 0.82
C GLU D 136 -14.29 -41.39 -0.04
N ILE D 137 -13.85 -40.15 0.18
CA ILE D 137 -12.65 -39.65 -0.51
C ILE D 137 -11.47 -40.56 -0.21
N VAL D 138 -11.27 -40.88 1.07
CA VAL D 138 -10.15 -41.73 1.46
C VAL D 138 -10.31 -43.14 0.88
N THR D 139 -11.55 -43.62 0.81
CA THR D 139 -11.78 -44.93 0.20
C THR D 139 -11.39 -44.94 -1.27
N GLN D 140 -11.76 -43.89 -2.01
CA GLN D 140 -11.31 -43.82 -3.39
C GLN D 140 -9.80 -43.71 -3.50
N ILE D 141 -9.18 -42.92 -2.62
CA ILE D 141 -7.73 -42.73 -2.65
C ILE D 141 -7.01 -44.05 -2.44
N ASP D 142 -7.37 -44.76 -1.37
CA ASP D 142 -6.63 -46.00 -1.09
C ASP D 142 -7.09 -47.13 -1.99
N ALA D 143 -8.24 -47.00 -2.66
CA ALA D 143 -8.55 -47.92 -3.75
C ALA D 143 -7.59 -47.71 -4.92
N GLN D 144 -7.31 -46.45 -5.25
CA GLN D 144 -6.31 -46.18 -6.28
C GLN D 144 -4.94 -46.67 -5.86
N ASN D 145 -4.60 -46.52 -4.58
CA ASN D 145 -3.33 -47.03 -4.08
C ASN D 145 -3.29 -48.57 -4.11
N LYS D 146 -4.42 -49.22 -3.84
CA LYS D 146 -4.50 -50.67 -3.99
C LYS D 146 -4.27 -51.08 -5.43
N LEU D 147 -4.85 -50.33 -6.37
CA LEU D 147 -4.54 -50.53 -7.77
C LEU D 147 -3.03 -50.42 -8.02
N GLU D 148 -2.41 -49.37 -7.49
CA GLU D 148 -0.98 -49.16 -7.73
C GLU D 148 -0.16 -50.32 -7.19
N LYS D 149 -0.47 -50.79 -5.98
CA LYS D 149 0.31 -51.87 -5.40
C LYS D 149 0.02 -53.19 -6.10
N SER D 150 -1.18 -53.32 -6.70
CA SER D 150 -1.55 -54.54 -7.40
C SER D 150 -0.66 -54.81 -8.62
N GLU D 151 -0.36 -53.79 -9.41
CA GLU D 151 0.53 -53.97 -10.55
C GLU D 151 1.67 -52.95 -10.51
N MET E 17 9.77 -54.44 -33.43
CA MET E 17 10.08 -53.71 -34.66
C MET E 17 9.10 -52.57 -34.83
N ARG E 18 9.60 -51.34 -34.98
CA ARG E 18 8.71 -50.20 -35.09
C ARG E 18 8.31 -49.95 -36.53
N ILE E 19 7.01 -50.05 -36.77
CA ILE E 19 6.44 -49.89 -38.12
C ILE E 19 5.50 -48.70 -38.12
N LEU E 20 5.69 -47.79 -39.07
CA LEU E 20 4.77 -46.69 -39.28
C LEU E 20 3.91 -46.98 -40.50
N MET E 21 2.59 -47.03 -40.29
CA MET E 21 1.64 -47.23 -41.38
C MET E 21 0.92 -45.94 -41.73
N VAL E 22 1.21 -45.43 -42.92
CA VAL E 22 0.66 -44.15 -43.37
C VAL E 22 0.14 -44.31 -44.79
N GLY E 23 -0.42 -43.24 -45.34
CA GLY E 23 -1.14 -43.26 -46.60
C GLY E 23 -2.32 -42.30 -46.50
N LEU E 24 -2.90 -41.95 -47.64
CA LEU E 24 -4.03 -41.01 -47.64
C LEU E 24 -5.19 -41.52 -46.80
N ASP E 25 -6.04 -40.60 -46.35
CA ASP E 25 -7.29 -41.01 -45.72
C ASP E 25 -8.02 -41.96 -46.68
N ALA E 26 -8.80 -42.87 -46.10
CA ALA E 26 -9.64 -43.82 -46.82
C ALA E 26 -8.89 -44.97 -47.52
N ALA E 27 -7.56 -45.04 -47.32
CA ALA E 27 -6.75 -46.03 -48.03
C ALA E 27 -7.01 -47.46 -47.52
N GLY E 28 -7.36 -47.57 -46.24
CA GLY E 28 -7.62 -48.85 -45.59
C GLY E 28 -6.68 -49.22 -44.46
N LYS E 29 -5.90 -48.23 -43.98
CA LYS E 29 -4.91 -48.46 -42.92
C LYS E 29 -5.50 -49.06 -41.63
N THR E 30 -6.53 -48.43 -41.09
CA THR E 30 -7.16 -48.94 -39.87
C THR E 30 -7.78 -50.32 -40.08
N THR E 31 -8.40 -50.52 -41.23
CA THR E 31 -8.94 -51.83 -41.59
C THR E 31 -7.84 -52.88 -41.56
N ILE E 32 -6.70 -52.57 -42.16
CA ILE E 32 -5.56 -53.47 -42.17
C ILE E 32 -5.02 -53.75 -40.76
N LEU E 33 -4.88 -52.69 -39.94
CA LEU E 33 -4.35 -52.89 -38.61
C LEU E 33 -5.15 -53.93 -37.83
N TYR E 34 -6.47 -53.77 -37.83
CA TYR E 34 -7.31 -54.66 -37.03
C TYR E 34 -7.57 -56.02 -37.69
N LYS E 35 -7.47 -56.08 -39.01
CA LYS E 35 -7.50 -57.38 -39.68
C LYS E 35 -6.26 -58.17 -39.30
N LEU E 36 -5.09 -57.52 -39.37
CA LEU E 36 -3.85 -58.14 -38.95
C LEU E 36 -3.88 -58.59 -37.50
N LYS E 37 -4.36 -57.71 -36.61
CA LYS E 37 -4.30 -57.98 -35.17
C LYS E 37 -5.40 -58.92 -34.69
N LEU E 38 -6.61 -58.69 -35.17
CA LEU E 38 -7.79 -59.34 -34.61
C LEU E 38 -8.43 -60.41 -35.49
N GLY E 39 -8.07 -60.41 -36.78
CA GLY E 39 -8.64 -61.36 -37.72
C GLY E 39 -10.09 -61.07 -38.05
N GLU E 40 -10.47 -59.80 -37.93
CA GLU E 40 -11.83 -59.38 -38.24
C GLU E 40 -11.80 -58.08 -39.00
N ILE E 41 -12.91 -57.79 -39.68
CA ILE E 41 -13.07 -56.51 -40.37
C ILE E 41 -13.89 -55.58 -39.49
N VAL E 42 -13.25 -54.53 -39.02
CA VAL E 42 -13.87 -53.62 -38.08
C VAL E 42 -14.45 -52.40 -38.79
N THR E 43 -15.54 -51.88 -38.24
CA THR E 43 -16.09 -50.61 -38.69
C THR E 43 -15.19 -49.49 -38.20
N THR E 44 -14.92 -48.54 -39.09
CA THR E 44 -14.02 -47.43 -38.75
C THR E 44 -14.70 -46.09 -38.96
N ILE E 45 -14.10 -45.06 -38.39
CA ILE E 45 -14.27 -43.67 -38.83
C ILE E 45 -12.88 -43.15 -39.19
N PRO E 46 -12.80 -42.04 -39.92
CA PRO E 46 -11.51 -41.40 -40.20
C PRO E 46 -10.77 -41.17 -38.88
N THR E 47 -9.52 -41.64 -38.84
CA THR E 47 -8.73 -41.65 -37.61
C THR E 47 -8.16 -40.27 -37.36
N ILE E 48 -8.53 -39.67 -36.24
CA ILE E 48 -8.07 -38.31 -35.94
C ILE E 48 -6.65 -38.21 -35.37
N GLY E 49 -6.26 -39.21 -34.59
CA GLY E 49 -4.93 -39.30 -34.03
C GLY E 49 -4.21 -40.52 -34.60
N PHE E 50 -4.18 -41.59 -33.83
CA PHE E 50 -3.55 -42.83 -34.25
C PHE E 50 -4.16 -44.03 -33.54
N ASN E 51 -3.95 -45.21 -34.14
CA ASN E 51 -4.20 -46.48 -33.46
C ASN E 51 -2.88 -47.23 -33.43
N VAL E 52 -2.71 -48.09 -32.43
CA VAL E 52 -1.47 -48.86 -32.32
C VAL E 52 -1.75 -50.28 -31.79
N GLU E 53 -1.11 -51.28 -32.41
CA GLU E 53 -1.18 -52.65 -31.94
C GLU E 53 0.15 -53.31 -32.25
N THR E 54 0.53 -54.27 -31.41
CA THR E 54 1.66 -55.12 -31.70
C THR E 54 1.19 -56.42 -32.32
N VAL E 55 1.72 -56.73 -33.49
CA VAL E 55 1.37 -57.92 -34.24
C VAL E 55 2.58 -58.85 -34.26
N GLU E 56 2.38 -60.09 -33.85
CA GLU E 56 3.42 -61.08 -33.96
C GLU E 56 3.21 -61.86 -35.25
N TYR E 57 4.27 -61.98 -36.04
CA TYR E 57 4.24 -62.77 -37.26
C TYR E 57 5.53 -63.57 -37.37
N LYS E 58 5.38 -64.89 -37.53
CA LYS E 58 6.51 -65.81 -37.63
C LYS E 58 7.56 -65.52 -36.55
N ASN E 59 7.05 -65.35 -35.34
CA ASN E 59 7.87 -65.15 -34.14
C ASN E 59 8.65 -63.83 -34.05
N ILE E 60 8.24 -62.85 -34.87
CA ILE E 60 8.78 -61.49 -34.80
C ILE E 60 7.62 -60.56 -34.44
N SER E 61 7.86 -59.64 -33.50
CA SER E 61 6.81 -58.71 -33.05
C SER E 61 6.98 -57.34 -33.68
N PHE E 62 5.90 -56.87 -34.32
CA PHE E 62 5.86 -55.57 -34.98
C PHE E 62 4.88 -54.66 -34.26
N THR E 63 5.38 -53.53 -33.77
CA THR E 63 4.50 -52.49 -33.27
C THR E 63 4.11 -51.59 -34.43
N VAL E 64 2.84 -51.63 -34.79
CA VAL E 64 2.36 -50.94 -35.98
C VAL E 64 1.56 -49.72 -35.57
N TRP E 65 2.06 -48.56 -35.98
CA TRP E 65 1.41 -47.28 -35.72
C TRP E 65 0.61 -46.88 -36.94
N ASP E 66 -0.71 -46.90 -36.78
CA ASP E 66 -1.65 -46.52 -37.83
C ASP E 66 -2.03 -45.07 -37.58
N VAL E 67 -1.48 -44.18 -38.39
CA VAL E 67 -1.60 -42.75 -38.16
C VAL E 67 -2.55 -42.15 -39.19
N GLY E 68 -3.49 -41.31 -38.72
CA GLY E 68 -4.55 -40.78 -39.57
C GLY E 68 -4.04 -40.05 -40.79
N GLY E 69 -4.69 -40.28 -41.93
CA GLY E 69 -4.25 -39.71 -43.18
C GLY E 69 -5.03 -38.54 -43.75
N LEU E 70 -6.02 -38.02 -43.02
CA LEU E 70 -6.72 -36.83 -43.49
C LEU E 70 -5.67 -35.72 -43.70
N ASP E 71 -5.80 -34.97 -44.79
CA ASP E 71 -4.80 -33.97 -45.16
C ASP E 71 -4.44 -33.04 -43.99
N LYS E 72 -5.45 -32.56 -43.27
CA LYS E 72 -5.25 -31.60 -42.17
C LYS E 72 -4.23 -32.10 -41.13
N ILE E 73 -4.21 -33.42 -40.92
CA ILE E 73 -3.36 -34.01 -39.89
C ILE E 73 -2.09 -34.71 -40.43
N ARG E 74 -1.88 -34.66 -41.73
CA ARG E 74 -0.65 -35.23 -42.30
C ARG E 74 0.65 -34.62 -41.74
N PRO E 75 0.67 -33.34 -41.35
CA PRO E 75 1.85 -32.79 -40.69
C PRO E 75 2.29 -33.61 -39.48
N LEU E 76 1.35 -34.31 -38.83
CA LEU E 76 1.63 -35.04 -37.60
C LEU E 76 2.38 -36.35 -37.83
N TRP E 77 2.44 -36.78 -39.10
CA TRP E 77 3.20 -37.99 -39.44
C TRP E 77 4.66 -37.89 -38.98
N ARG E 78 5.24 -36.69 -39.13
CA ARG E 78 6.64 -36.44 -38.78
C ARG E 78 6.96 -36.78 -37.32
N HIS E 79 5.97 -36.71 -36.45
CA HIS E 79 6.16 -37.02 -35.04
C HIS E 79 6.42 -38.51 -34.81
N TYR E 80 6.17 -39.32 -35.84
CA TYR E 80 6.32 -40.76 -35.75
C TYR E 80 7.51 -41.32 -36.54
N PHE E 81 8.29 -40.46 -37.19
CA PHE E 81 9.42 -40.91 -38.00
C PHE E 81 10.55 -41.48 -37.14
N GLN E 82 10.82 -40.83 -36.00
CA GLN E 82 11.95 -41.18 -35.15
C GLN E 82 11.98 -42.66 -34.78
N ASN E 83 13.09 -43.33 -35.11
CA ASN E 83 13.34 -44.73 -34.77
C ASN E 83 12.51 -45.77 -35.54
N THR E 84 11.74 -45.32 -36.53
CA THR E 84 10.95 -46.22 -37.36
C THR E 84 11.85 -47.08 -38.23
N GLN E 85 11.59 -48.38 -38.24
CA GLN E 85 12.39 -49.36 -38.96
C GLN E 85 11.76 -49.78 -40.25
N GLY E 86 10.43 -49.67 -40.33
CA GLY E 86 9.68 -50.06 -41.50
C GLY E 86 8.51 -49.15 -41.73
N LEU E 87 8.26 -48.86 -42.99
CA LEU E 87 7.12 -48.07 -43.42
C LEU E 87 6.17 -48.97 -44.19
N ILE E 88 4.89 -48.92 -43.80
CA ILE E 88 3.84 -49.52 -44.64
C ILE E 88 3.08 -48.34 -45.24
N PHE E 89 3.14 -48.21 -46.56
CA PHE E 89 2.39 -47.19 -47.26
C PHE E 89 1.21 -47.82 -47.97
N VAL E 90 0.02 -47.48 -47.49
CA VAL E 90 -1.22 -48.07 -48.01
C VAL E 90 -1.84 -47.14 -49.03
N VAL E 91 -2.17 -47.68 -50.20
CA VAL E 91 -2.77 -46.94 -51.28
C VAL E 91 -4.12 -47.53 -51.64
N ASP E 92 -5.12 -46.66 -51.81
CA ASP E 92 -6.39 -47.09 -52.39
C ASP E 92 -6.17 -47.24 -53.90
N SER E 93 -6.07 -48.49 -54.36
CA SER E 93 -5.71 -48.77 -55.75
C SER E 93 -6.81 -48.40 -56.74
N ASN E 94 -8.00 -48.17 -56.23
CA ASN E 94 -9.14 -47.72 -57.04
C ASN E 94 -9.22 -46.19 -57.19
N ASP E 95 -8.44 -45.45 -56.42
CA ASP E 95 -8.55 -44.00 -56.39
C ASP E 95 -7.52 -43.39 -57.33
N ARG E 96 -7.82 -43.41 -58.62
CA ARG E 96 -6.92 -42.83 -59.61
C ARG E 96 -6.74 -41.32 -59.43
N GLU E 97 -7.82 -40.64 -59.06
CA GLU E 97 -7.79 -39.18 -58.90
C GLU E 97 -6.74 -38.73 -57.88
N ARG E 98 -6.52 -39.56 -56.86
CA ARG E 98 -5.59 -39.18 -55.81
C ARG E 98 -4.26 -39.95 -55.80
N VAL E 99 -4.00 -40.78 -56.81
CA VAL E 99 -2.77 -41.57 -56.78
C VAL E 99 -1.50 -40.69 -56.86
N ASN E 100 -1.56 -39.59 -57.60
CA ASN E 100 -0.42 -38.67 -57.65
C ASN E 100 -0.19 -37.97 -56.31
N GLU E 101 -1.27 -37.62 -55.63
CA GLU E 101 -1.17 -37.09 -54.27
C GLU E 101 -0.54 -38.12 -53.33
N ALA E 102 -0.94 -39.38 -53.46
CA ALA E 102 -0.29 -40.46 -52.69
C ALA E 102 1.21 -40.52 -52.96
N ARG E 103 1.60 -40.48 -54.23
CA ARG E 103 3.02 -40.39 -54.60
C ARG E 103 3.72 -39.22 -53.93
N GLU E 104 3.10 -38.05 -53.97
CA GLU E 104 3.71 -36.87 -53.38
C GLU E 104 3.96 -37.04 -51.89
N GLU E 105 2.96 -37.57 -51.19
CA GLU E 105 3.08 -37.78 -49.75
C GLU E 105 4.17 -38.81 -49.45
N LEU E 106 4.23 -39.86 -50.26
CA LEU E 106 5.26 -40.88 -50.10
C LEU E 106 6.66 -40.30 -50.30
N MET E 107 6.84 -39.57 -51.38
CA MET E 107 8.16 -39.01 -51.67
C MET E 107 8.61 -37.95 -50.65
N ARG E 108 7.67 -37.15 -50.15
CA ARG E 108 7.91 -36.18 -49.09
C ARG E 108 8.44 -36.86 -47.82
N MET E 109 7.87 -38.02 -47.51
CA MET E 109 8.31 -38.81 -46.38
C MET E 109 9.69 -39.44 -46.64
N LEU E 110 9.88 -40.01 -47.83
CA LEU E 110 11.13 -40.70 -48.16
C LEU E 110 12.32 -39.75 -48.26
N ALA E 111 12.04 -38.46 -48.43
CA ALA E 111 13.10 -37.44 -48.43
C ALA E 111 13.73 -37.22 -47.05
N GLU E 112 13.03 -37.65 -46.00
CA GLU E 112 13.47 -37.44 -44.62
C GLU E 112 14.66 -38.30 -44.24
N ASP E 113 15.74 -37.64 -43.83
CA ASP E 113 16.95 -38.34 -43.38
C ASP E 113 16.68 -39.39 -42.29
N GLU E 114 15.75 -39.08 -41.40
CA GLU E 114 15.38 -39.96 -40.29
C GLU E 114 14.93 -41.33 -40.78
N LEU E 115 14.40 -41.38 -42.00
CA LEU E 115 13.84 -42.61 -42.55
C LEU E 115 14.75 -43.29 -43.56
N ARG E 116 15.97 -42.81 -43.70
CA ARG E 116 16.85 -43.28 -44.77
C ARG E 116 17.15 -44.79 -44.75
N ASP E 117 17.04 -45.41 -43.57
CA ASP E 117 17.31 -46.83 -43.43
C ASP E 117 16.03 -47.65 -43.32
N ALA E 118 14.88 -46.97 -43.27
CA ALA E 118 13.61 -47.69 -43.17
C ALA E 118 13.34 -48.49 -44.44
N VAL E 119 12.81 -49.69 -44.26
CA VAL E 119 12.32 -50.48 -45.40
C VAL E 119 10.88 -50.09 -45.70
N LEU E 120 10.49 -50.23 -46.97
CA LEU E 120 9.21 -49.74 -47.44
C LEU E 120 8.35 -50.87 -48.01
N LEU E 121 7.23 -51.14 -47.35
CA LEU E 121 6.23 -52.06 -47.90
C LEU E 121 5.04 -51.24 -48.38
N VAL E 122 4.75 -51.34 -49.67
CA VAL E 122 3.56 -50.69 -50.21
C VAL E 122 2.43 -51.70 -50.34
N PHE E 123 1.29 -51.41 -49.69
CA PHE E 123 0.08 -52.21 -49.90
C PHE E 123 -0.78 -51.53 -50.94
N ALA E 124 -0.88 -52.16 -52.12
CA ALA E 124 -1.78 -51.71 -53.16
C ALA E 124 -3.14 -52.29 -52.85
N ASN E 125 -3.90 -51.56 -52.05
CA ASN E 125 -5.10 -52.08 -51.42
C ASN E 125 -6.37 -51.91 -52.26
N LYS E 126 -7.43 -52.61 -51.85
CA LYS E 126 -8.73 -52.56 -52.52
C LYS E 126 -8.72 -53.22 -53.90
N GLN E 127 -7.93 -54.28 -54.02
CA GLN E 127 -7.86 -55.04 -55.27
C GLN E 127 -9.16 -55.77 -55.62
N ASP E 128 -10.09 -55.85 -54.67
CA ASP E 128 -11.41 -56.43 -54.93
C ASP E 128 -12.27 -55.56 -55.87
N LEU E 129 -11.98 -54.26 -55.91
CA LEU E 129 -12.78 -53.36 -56.74
C LEU E 129 -12.40 -53.56 -58.21
N PRO E 130 -13.39 -53.61 -59.10
CA PRO E 130 -13.12 -54.02 -60.49
C PRO E 130 -12.18 -53.08 -61.25
N ASN E 131 -12.17 -51.80 -60.90
CA ASN E 131 -11.32 -50.82 -61.58
C ASN E 131 -10.02 -50.52 -60.82
N ALA E 132 -9.72 -51.34 -59.82
CA ALA E 132 -8.45 -51.18 -59.09
C ALA E 132 -7.24 -51.32 -60.02
N MET E 133 -6.28 -50.40 -59.87
CA MET E 133 -4.99 -50.51 -60.52
C MET E 133 -4.22 -51.61 -59.84
N ASN E 134 -3.55 -52.46 -60.63
CA ASN E 134 -2.79 -53.56 -60.04
C ASN E 134 -1.43 -53.13 -59.52
N ALA E 135 -0.70 -54.07 -58.91
CA ALA E 135 0.59 -53.75 -58.31
C ALA E 135 1.55 -53.15 -59.32
N ALA E 136 1.60 -53.70 -60.53
CA ALA E 136 2.48 -53.15 -61.57
C ALA E 136 2.12 -51.70 -61.91
N GLU E 137 0.82 -51.43 -62.03
CA GLU E 137 0.37 -50.09 -62.36
C GLU E 137 0.69 -49.11 -61.22
N ILE E 138 0.42 -49.53 -59.99
CA ILE E 138 0.70 -48.67 -58.84
C ILE E 138 2.20 -48.40 -58.74
N THR E 139 3.02 -49.41 -59.03
CA THR E 139 4.47 -49.23 -59.05
C THR E 139 4.88 -48.07 -59.94
N ASP E 140 4.30 -48.04 -61.14
CA ASP E 140 4.57 -46.94 -62.08
C ASP E 140 4.08 -45.60 -61.55
N LYS E 141 2.85 -45.58 -61.05
CA LYS E 141 2.24 -44.35 -60.56
C LYS E 141 2.97 -43.73 -59.36
N LEU E 142 3.60 -44.59 -58.54
CA LEU E 142 4.30 -44.11 -57.36
C LEU E 142 5.78 -43.86 -57.65
N GLY E 143 6.23 -44.27 -58.82
CA GLY E 143 7.64 -44.12 -59.21
C GLY E 143 8.63 -44.95 -58.42
N LEU E 144 8.20 -46.12 -57.97
CA LEU E 144 9.02 -46.96 -57.09
C LEU E 144 10.33 -47.45 -57.71
N HIS E 145 10.32 -47.67 -59.02
CA HIS E 145 11.51 -48.20 -59.70
C HIS E 145 12.67 -47.22 -59.77
N SER E 146 12.38 -45.95 -59.52
CA SER E 146 13.40 -44.91 -59.51
C SER E 146 14.12 -44.79 -58.17
N LEU E 147 13.57 -45.43 -57.13
CA LEU E 147 14.14 -45.32 -55.79
C LEU E 147 15.53 -45.93 -55.73
N ARG E 148 16.43 -45.24 -55.02
CA ARG E 148 17.81 -45.70 -54.83
C ARG E 148 18.10 -46.02 -53.39
N HIS E 149 18.89 -47.06 -53.16
CA HIS E 149 19.34 -47.45 -51.80
C HIS E 149 18.18 -47.65 -50.84
N ARG E 150 17.10 -48.21 -51.37
CA ARG E 150 15.87 -48.42 -50.60
C ARG E 150 15.41 -49.85 -50.78
N ASN E 151 15.20 -50.55 -49.67
CA ASN E 151 14.60 -51.88 -49.71
C ASN E 151 13.10 -51.67 -49.78
N TRP E 152 12.46 -52.12 -50.86
CA TRP E 152 11.02 -51.90 -51.03
C TRP E 152 10.33 -53.06 -51.70
N TYR E 153 9.04 -53.19 -51.43
CA TYR E 153 8.21 -54.27 -51.96
C TYR E 153 6.81 -53.76 -52.09
N ILE E 154 6.13 -54.13 -53.17
CA ILE E 154 4.73 -53.78 -53.32
C ILE E 154 3.90 -55.08 -53.34
N GLN E 155 2.80 -55.05 -52.62
CA GLN E 155 1.92 -56.21 -52.49
C GLN E 155 0.49 -55.81 -52.75
N ALA E 156 -0.12 -56.46 -53.73
CA ALA E 156 -1.55 -56.29 -54.01
C ALA E 156 -2.34 -56.89 -52.85
N THR E 157 -3.28 -56.13 -52.31
CA THR E 157 -4.09 -56.64 -51.19
C THR E 157 -5.54 -56.29 -51.31
N CYS E 158 -6.36 -57.13 -50.68
CA CYS E 158 -7.72 -56.74 -50.33
C CYS E 158 -7.82 -56.92 -48.83
N ALA E 159 -7.84 -55.80 -48.11
CA ALA E 159 -7.85 -55.84 -46.64
C ALA E 159 -9.07 -56.57 -46.08
N THR E 160 -10.23 -56.38 -46.70
CA THR E 160 -11.47 -57.00 -46.21
C THR E 160 -11.49 -58.52 -46.33
N SER E 161 -10.84 -59.05 -47.36
CA SER E 161 -10.75 -60.50 -47.53
C SER E 161 -9.49 -61.09 -46.93
N GLY E 162 -8.51 -60.23 -46.62
CA GLY E 162 -7.23 -60.66 -46.10
C GLY E 162 -6.20 -60.99 -47.16
N ASP E 163 -6.62 -61.03 -48.42
CA ASP E 163 -5.71 -61.46 -49.48
C ASP E 163 -4.49 -60.54 -49.58
N GLY E 164 -3.31 -61.17 -49.59
CA GLY E 164 -2.06 -60.45 -49.80
C GLY E 164 -1.38 -59.96 -48.53
N LEU E 165 -2.09 -59.95 -47.41
CA LEU E 165 -1.55 -59.38 -46.18
C LEU E 165 -0.35 -60.17 -45.64
N TYR E 166 -0.50 -61.49 -45.55
CA TYR E 166 0.58 -62.29 -44.98
C TYR E 166 1.82 -62.28 -45.87
N GLU E 167 1.61 -62.16 -47.19
CA GLU E 167 2.73 -62.07 -48.12
C GLU E 167 3.51 -60.78 -47.88
N GLY E 168 2.80 -59.68 -47.66
CA GLY E 168 3.45 -58.43 -47.27
C GLY E 168 4.27 -58.59 -46.00
N LEU E 169 3.67 -59.22 -45.00
CA LEU E 169 4.36 -59.48 -43.73
C LEU E 169 5.55 -60.41 -43.85
N ASP E 170 5.48 -61.37 -44.77
CA ASP E 170 6.63 -62.25 -45.05
C ASP E 170 7.85 -61.42 -45.46
N TRP E 171 7.65 -60.52 -46.42
CA TRP E 171 8.74 -59.65 -46.85
C TRP E 171 9.26 -58.76 -45.73
N LEU E 172 8.34 -58.13 -45.00
CA LEU E 172 8.70 -57.19 -43.93
C LEU E 172 9.44 -57.89 -42.78
N SER E 173 8.93 -59.05 -42.35
CA SER E 173 9.63 -59.87 -41.36
C SER E 173 11.03 -60.28 -41.83
N ASN E 174 11.17 -60.67 -43.10
CA ASN E 174 12.48 -61.03 -43.64
C ASN E 174 13.46 -59.87 -43.67
N GLN E 175 12.95 -58.67 -43.97
CA GLN E 175 13.79 -57.46 -43.95
C GLN E 175 14.34 -57.14 -42.56
N LEU E 176 13.53 -57.35 -41.53
CA LEU E 176 13.84 -56.83 -40.21
C LEU E 176 14.46 -57.84 -39.26
N ARG E 177 14.23 -59.13 -39.51
CA ARG E 177 14.87 -60.21 -38.76
C ARG E 177 16.21 -60.57 -39.38
MG MG F . -7.89 -44.81 -39.95
PG GTP G . -7.85 -42.64 -42.19
O1G GTP G . -8.57 -41.39 -42.56
O2G GTP G . -8.27 -43.11 -40.78
O3G GTP G . -6.33 -42.49 -42.29
O3B GTP G . -8.34 -43.77 -43.25
PB GTP G . -7.81 -45.30 -43.29
O1B GTP G . -6.62 -45.46 -44.14
O2B GTP G . -7.64 -45.85 -41.88
O3A GTP G . -9.05 -46.08 -43.97
PA GTP G . -10.06 -47.13 -43.27
O1A GTP G . -9.31 -48.29 -42.78
O2A GTP G . -10.95 -46.36 -42.30
O5' GTP G . -10.91 -47.57 -44.55
C5' GTP G . -11.66 -46.64 -45.31
C4' GTP G . -12.78 -47.37 -46.05
O4' GTP G . -12.21 -48.27 -46.99
C3' GTP G . -13.65 -48.22 -45.11
O3' GTP G . -14.99 -48.06 -45.52
C2' GTP G . -13.14 -49.62 -45.33
O2' GTP G . -14.08 -50.64 -45.08
C1' GTP G . -12.75 -49.57 -46.80
N9 GTP G . -11.73 -50.57 -47.16
C8 GTP G . -10.56 -50.90 -46.51
N7 GTP G . -9.95 -51.87 -47.23
C5 GTP G . -10.70 -52.15 -48.33
C6 GTP G . -10.57 -53.03 -49.40
O6 GTP G . -9.61 -53.81 -49.53
N1 GTP G . -11.55 -53.05 -50.36
C2 GTP G . -12.65 -52.21 -50.30
N2 GTP G . -13.55 -52.27 -51.27
N3 GTP G . -12.78 -51.34 -49.25
C4 GTP G . -11.82 -51.33 -48.29
#